data_7TAI
#
_entry.id   7TAI
#
_cell.length_a   1.00
_cell.length_b   1.00
_cell.length_c   1.00
_cell.angle_alpha   90.00
_cell.angle_beta   90.00
_cell.angle_gamma   90.00
#
_symmetry.space_group_name_H-M   'P 1'
#
loop_
_entity.id
_entity.type
_entity.pdbx_description
1 polymer 'Metalloreductase STEAP2'
2 non-polymer 'FLAVIN-ADENINE DINUCLEOTIDE'
3 non-polymer 'PROTOPORPHYRIN IX CONTAINING FE'
4 non-polymer 'NADP NICOTINAMIDE-ADENINE-DINUCLEOTIDE PHOSPHATE'
5 non-polymer 1-palmitoyl-2-oleoyl-sn-glycero-3-phosphocholine
6 non-polymer CHOLESTEROL
#
_entity_poly.entity_id   1
_entity_poly.type   'polypeptide(L)'
_entity_poly.pdbx_seq_one_letter_code
;MESISMMGSPKSLSETFLPNGINGIKDARKVTVGVIGSGDFAKSLTIRLIRCGYHVVIGSRNPKFASEFFPHVVDVTHHE
DALTKTNIIFVAIHREHYTSLWDLRHLLVGKILIDVSNNMRINQYPESNAEYLASLFPDSLIVKGFNVVSAWALQLGPKD
ASRQVYICSNNIQARQQVIELARQLNFIPIDLGSLSSAREIENLPLRLFTLWRGPVVVAISLATFFFLYSFVRDVIHPYA
RNQQSDFYKIPIEIVNKTLPIVAITLLSLVYLAGLLAAAYQLYYGTKYRRFPPWLETWLQCRKQLGLLSFFFAMVHVAYS
LCLPMRRSERYLFLNMAYQQVHANIENSWNEEEVWRIEMYISFGIMSLGLLSLLAVTSIPSVSNALNWREFSFIQSTLGY
VALLISTFHVLIYGWKRAFEEEYYRFYTPPNFVLALVLPSIVILGKIILFLPCISRKLKRIKKGWEKSQFLEEGMGGTIP
HVSPERVTVM
;
_entity_poly.pdbx_strand_id   B,A,C
#
loop_
_chem_comp.id
_chem_comp.type
_chem_comp.name
_chem_comp.formula
CLR non-polymer CHOLESTEROL 'C27 H46 O'
FAD non-polymer 'FLAVIN-ADENINE DINUCLEOTIDE' 'C27 H33 N9 O15 P2'
HEM non-polymer 'PROTOPORPHYRIN IX CONTAINING FE' 'C34 H32 Fe N4 O4'
LBN non-polymer 1-palmitoyl-2-oleoyl-sn-glycero-3-phosphocholine 'C42 H82 N O8 P'
NAP non-polymer 'NADP NICOTINAMIDE-ADENINE-DINUCLEOTIDE PHOSPHATE' 'C21 H28 N7 O17 P3'
#
# COMPACT_ATOMS: atom_id res chain seq x y z
N ALA A 28 -2.97 16.27 37.66
CA ALA A 28 -3.79 15.99 36.48
C ALA A 28 -4.17 17.28 35.77
N ARG A 29 -3.48 18.36 36.09
CA ARG A 29 -3.76 19.65 35.47
C ARG A 29 -3.38 19.62 33.99
N LYS A 30 -4.22 20.22 33.16
CA LYS A 30 -3.97 20.23 31.73
C LYS A 30 -2.80 21.14 31.39
N VAL A 31 -2.08 20.77 30.33
CA VAL A 31 -0.94 21.56 29.86
C VAL A 31 -1.45 22.72 29.02
N THR A 32 -1.00 23.92 29.33
CA THR A 32 -1.43 25.11 28.60
C THR A 32 -0.62 25.27 27.33
N VAL A 33 -1.29 25.58 26.22
CA VAL A 33 -0.66 25.79 24.93
C VAL A 33 -1.13 27.14 24.40
N GLY A 34 -0.19 28.00 24.03
CA GLY A 34 -0.54 29.31 23.54
C GLY A 34 -0.73 29.33 22.03
N VAL A 35 -1.58 30.25 21.58
CA VAL A 35 -1.82 30.45 20.15
C VAL A 35 -1.81 31.94 19.88
N ILE A 36 -1.11 32.35 18.82
CA ILE A 36 -1.03 33.77 18.44
C ILE A 36 -1.98 34.01 17.29
N GLY A 37 -2.84 35.02 17.43
CA GLY A 37 -3.80 35.36 16.40
C GLY A 37 -5.12 34.64 16.58
N SER A 38 -6.16 35.22 15.97
CA SER A 38 -7.52 34.66 16.02
C SER A 38 -8.08 34.66 14.61
N GLY A 39 -7.82 33.58 13.88
CA GLY A 39 -8.34 33.43 12.53
C GLY A 39 -9.01 32.09 12.35
N ASP A 40 -9.16 31.64 11.10
CA ASP A 40 -9.74 30.32 10.85
C ASP A 40 -8.85 29.23 11.43
N PHE A 41 -7.56 29.29 11.14
CA PHE A 41 -6.64 28.26 11.64
C PHE A 41 -6.56 28.30 13.15
N ALA A 42 -6.55 29.49 13.74
CA ALA A 42 -6.51 29.60 15.20
C ALA A 42 -7.74 28.95 15.83
N LYS A 43 -8.92 29.21 15.27
CA LYS A 43 -10.15 28.64 15.83
C LYS A 43 -10.17 27.12 15.68
N SER A 44 -9.83 26.61 14.50
CA SER A 44 -9.81 25.15 14.31
C SER A 44 -8.78 24.49 15.21
N LEU A 45 -7.60 25.10 15.32
CA LEU A 45 -6.55 24.57 16.19
C LEU A 45 -7.00 24.57 17.65
N THR A 46 -7.68 25.63 18.07
CA THR A 46 -8.18 25.69 19.44
C THR A 46 -9.22 24.60 19.69
N ILE A 47 -10.11 24.37 18.72
CA ILE A 47 -11.08 23.30 18.86
C ILE A 47 -10.39 21.95 19.01
N ARG A 48 -9.40 21.69 18.15
CA ARG A 48 -8.69 20.41 18.20
C ARG A 48 -7.93 20.25 19.50
N LEU A 49 -7.31 21.33 20.00
CA LEU A 49 -6.56 21.25 21.24
C LEU A 49 -7.48 21.01 22.42
N ILE A 50 -8.60 21.73 22.49
CA ILE A 50 -9.52 21.56 23.61
C ILE A 50 -10.11 20.15 23.63
N ARG A 51 -10.51 19.65 22.45
CA ARG A 51 -11.08 18.31 22.44
C ARG A 51 -10.05 17.26 22.85
N CYS A 52 -8.77 17.49 22.56
CA CYS A 52 -7.71 16.55 22.95
C CYS A 52 -7.05 16.96 24.26
N GLY A 53 -7.87 17.24 25.28
CA GLY A 53 -7.41 17.42 26.63
C GLY A 53 -6.34 18.47 26.87
N TYR A 54 -6.48 19.66 26.27
CA TYR A 54 -5.52 20.74 26.46
C TYR A 54 -6.25 21.96 26.99
N HIS A 55 -5.48 22.97 27.38
CA HIS A 55 -6.00 24.27 27.79
C HIS A 55 -5.29 25.33 26.98
N VAL A 56 -6.04 26.14 26.25
CA VAL A 56 -5.46 27.02 25.25
C VAL A 56 -5.54 28.47 25.73
N VAL A 57 -4.44 29.19 25.55
CA VAL A 57 -4.37 30.62 25.82
C VAL A 57 -4.08 31.31 24.50
N ILE A 58 -4.97 32.17 24.06
CA ILE A 58 -4.88 32.81 22.75
C ILE A 58 -4.57 34.28 22.94
N GLY A 59 -3.54 34.75 22.23
CA GLY A 59 -3.15 36.15 22.26
C GLY A 59 -3.55 36.84 20.96
N SER A 60 -4.28 37.94 21.10
CA SER A 60 -4.74 38.70 19.95
C SER A 60 -4.61 40.19 20.26
N ARG A 61 -4.64 41.00 19.21
CA ARG A 61 -4.52 42.44 19.38
C ARG A 61 -5.68 43.01 20.17
N ASN A 62 -6.90 42.52 19.91
CA ASN A 62 -8.11 43.00 20.56
C ASN A 62 -8.87 41.82 21.16
N PRO A 63 -8.56 41.44 22.40
CA PRO A 63 -9.33 40.39 23.06
C PRO A 63 -10.81 40.72 23.21
N LYS A 64 -11.16 42.00 23.36
CA LYS A 64 -12.57 42.39 23.39
C LYS A 64 -13.31 41.90 22.16
N PHE A 65 -12.66 41.97 20.99
CA PHE A 65 -13.33 41.59 19.76
C PHE A 65 -13.47 40.07 19.67
N ALA A 66 -12.38 39.35 19.92
CA ALA A 66 -12.31 37.92 19.66
C ALA A 66 -12.76 37.05 20.83
N SER A 67 -13.11 37.63 21.98
CA SER A 67 -13.46 36.81 23.14
C SER A 67 -14.73 36.00 22.90
N GLU A 68 -15.77 36.60 22.31
CA GLU A 68 -16.99 35.84 22.10
C GLU A 68 -16.85 34.80 20.99
N PHE A 69 -15.83 34.94 20.13
CA PHE A 69 -15.64 33.94 19.09
C PHE A 69 -15.31 32.59 19.70
N PHE A 70 -14.47 32.57 20.70
CA PHE A 70 -13.92 31.36 21.29
C PHE A 70 -14.75 30.95 22.50
N PRO A 71 -14.72 29.66 22.85
CA PRO A 71 -15.54 29.20 23.99
C PRO A 71 -15.14 29.84 25.30
N HIS A 72 -15.90 29.54 26.37
CA HIS A 72 -15.65 30.13 27.68
C HIS A 72 -14.46 29.50 28.40
N VAL A 73 -13.92 28.40 27.88
CA VAL A 73 -12.79 27.73 28.51
C VAL A 73 -11.51 28.13 27.80
N VAL A 74 -11.57 29.20 27.02
CA VAL A 74 -10.41 29.72 26.30
C VAL A 74 -10.06 31.07 26.90
N ASP A 75 -8.79 31.24 27.27
CA ASP A 75 -8.32 32.46 27.94
C ASP A 75 -7.75 33.35 26.84
N VAL A 76 -8.55 34.32 26.39
CA VAL A 76 -8.14 35.25 25.34
C VAL A 76 -7.66 36.54 25.99
N THR A 77 -6.38 36.87 25.78
CA THR A 77 -5.82 38.14 26.24
C THR A 77 -4.90 38.77 25.21
N HIS A 78 -4.16 39.79 25.65
CA HIS A 78 -3.25 40.51 24.78
C HIS A 78 -2.08 39.61 24.38
N HIS A 79 -1.26 40.14 23.46
CA HIS A 79 -0.04 39.44 23.09
C HIS A 79 0.91 39.29 24.28
N GLU A 80 1.07 40.35 25.07
CA GLU A 80 2.03 40.35 26.17
C GLU A 80 1.63 39.45 27.34
N ASP A 81 0.38 38.99 27.37
CA ASP A 81 -0.11 38.18 28.47
C ASP A 81 -0.09 36.70 28.16
N ALA A 82 -0.47 36.31 26.94
CA ALA A 82 -0.55 34.89 26.61
C ALA A 82 0.80 34.20 26.72
N LEU A 83 1.88 34.88 26.30
CA LEU A 83 3.20 34.25 26.32
C LEU A 83 3.65 33.93 27.74
N THR A 84 3.22 34.72 28.72
CA THR A 84 3.68 34.51 30.10
C THR A 84 3.24 33.16 30.63
N LYS A 85 2.04 32.71 30.26
CA LYS A 85 1.41 31.54 30.87
C LYS A 85 1.48 30.30 29.98
N THR A 86 2.48 30.20 29.11
CA THR A 86 2.58 29.05 28.22
C THR A 86 4.03 28.87 27.78
N ASN A 87 4.30 27.68 27.25
CA ASN A 87 5.63 27.32 26.77
C ASN A 87 5.66 26.99 25.28
N ILE A 88 4.63 26.32 24.77
CA ILE A 88 4.53 25.99 23.35
C ILE A 88 3.50 26.92 22.73
N ILE A 89 3.93 27.72 21.76
CA ILE A 89 3.11 28.76 21.16
C ILE A 89 3.00 28.51 19.66
N PHE A 90 1.78 28.41 19.17
CA PHE A 90 1.51 28.28 17.74
C PHE A 90 1.47 29.66 17.12
N VAL A 91 2.42 29.97 16.24
CA VAL A 91 2.44 31.26 15.55
C VAL A 91 1.53 31.11 14.34
N ALA A 92 0.24 31.29 14.57
CA ALA A 92 -0.79 31.10 13.55
C ALA A 92 -1.14 32.43 12.89
N ILE A 93 -0.12 33.09 12.34
CA ILE A 93 -0.28 34.32 11.57
C ILE A 93 0.51 34.18 10.28
N HIS A 94 0.20 35.05 9.33
CA HIS A 94 0.85 35.00 8.03
C HIS A 94 2.28 35.54 8.14
N ARG A 95 3.11 35.16 7.16
CA ARG A 95 4.53 35.50 7.23
C ARG A 95 4.75 37.00 7.22
N GLU A 96 4.02 37.72 6.38
CA GLU A 96 4.24 39.16 6.25
C GLU A 96 3.90 39.92 7.53
N HIS A 97 3.23 39.30 8.49
CA HIS A 97 2.91 39.92 9.76
C HIS A 97 3.84 39.49 10.89
N TYR A 98 4.88 38.71 10.58
CA TYR A 98 5.80 38.27 11.62
C TYR A 98 6.46 39.44 12.32
N THR A 99 6.76 40.51 11.58
CA THR A 99 7.40 41.67 12.19
C THR A 99 6.48 42.37 13.18
N SER A 100 5.19 42.06 13.18
CA SER A 100 4.29 42.58 14.21
C SER A 100 4.57 41.99 15.57
N LEU A 101 5.36 40.92 15.64
CA LEU A 101 5.79 40.31 16.90
C LEU A 101 7.17 40.78 17.33
N TRP A 102 7.71 41.81 16.69
CA TRP A 102 9.06 42.25 17.00
C TRP A 102 9.17 42.74 18.43
N ASP A 103 8.13 43.43 18.93
CA ASP A 103 8.18 43.92 20.30
C ASP A 103 8.19 42.78 21.31
N LEU A 104 7.65 41.62 20.93
CA LEU A 104 7.61 40.45 21.82
C LEU A 104 8.86 39.59 21.62
N ARG A 105 10.02 40.23 21.72
CA ARG A 105 11.27 39.54 21.50
C ARG A 105 11.81 38.95 22.80
N HIS A 106 11.77 39.72 23.89
CA HIS A 106 12.30 39.27 25.16
C HIS A 106 11.29 38.41 25.92
N LEU A 107 10.02 38.41 25.52
CA LEU A 107 9.07 37.49 26.13
C LEU A 107 9.16 36.10 25.48
N LEU A 108 9.50 36.05 24.20
CA LEU A 108 9.64 34.79 23.49
C LEU A 108 11.08 34.30 23.56
N VAL A 109 11.55 34.09 24.79
CA VAL A 109 12.90 33.62 25.06
C VAL A 109 12.80 32.20 25.58
N GLY A 110 13.33 31.25 24.82
CA GLY A 110 13.30 29.86 25.22
C GLY A 110 11.97 29.18 25.06
N LYS A 111 10.99 29.83 24.43
CA LYS A 111 9.66 29.27 24.24
C LYS A 111 9.57 28.66 22.85
N ILE A 112 9.10 27.43 22.77
CA ILE A 112 8.92 26.76 21.49
C ILE A 112 7.88 27.52 20.69
N LEU A 113 8.23 27.90 19.47
CA LEU A 113 7.31 28.56 18.54
C LEU A 113 7.09 27.62 17.37
N ILE A 114 5.89 27.06 17.28
CA ILE A 114 5.53 26.21 16.15
C ILE A 114 5.04 27.09 15.02
N ASP A 115 5.76 27.09 13.92
CA ASP A 115 5.41 27.85 12.73
C ASP A 115 4.52 27.00 11.84
N VAL A 116 3.27 27.45 11.66
CA VAL A 116 2.28 26.72 10.88
C VAL A 116 2.01 27.41 9.55
N SER A 117 2.78 28.44 9.21
CA SER A 117 2.46 29.27 8.06
C SER A 117 2.70 28.55 6.75
N ASN A 118 2.05 29.04 5.70
CA ASN A 118 2.18 28.53 4.34
C ASN A 118 2.32 29.69 3.38
N ASN A 119 2.97 29.44 2.26
CA ASN A 119 3.10 30.44 1.22
C ASN A 119 2.05 30.23 0.13
N MET A 120 1.82 31.27 -0.66
CA MET A 120 0.88 31.22 -1.76
C MET A 120 1.52 30.77 -3.07
N ARG A 121 2.84 30.57 -3.08
CA ARG A 121 3.56 30.23 -4.30
C ARG A 121 4.83 29.50 -3.93
N ILE A 122 5.22 28.53 -4.76
CA ILE A 122 6.44 27.77 -4.52
C ILE A 122 7.65 28.69 -4.66
N ASN A 123 8.55 28.61 -3.68
CA ASN A 123 9.78 29.41 -3.68
C ASN A 123 9.47 30.91 -3.76
N GLN A 124 8.53 31.36 -2.94
CA GLN A 124 8.15 32.78 -2.94
C GLN A 124 9.23 33.65 -2.32
N TYR A 125 9.93 33.15 -1.30
CA TYR A 125 10.88 33.94 -0.54
C TYR A 125 12.23 33.26 -0.51
N PRO A 126 13.31 34.04 -0.35
CA PRO A 126 14.66 33.42 -0.35
C PRO A 126 14.85 32.37 0.72
N GLU A 127 14.31 32.59 1.91
CA GLU A 127 14.41 31.63 3.01
C GLU A 127 13.02 31.19 3.41
N SER A 128 12.92 29.95 3.91
CA SER A 128 11.64 29.42 4.31
C SER A 128 11.07 30.21 5.48
N ASN A 129 9.77 30.00 5.74
CA ASN A 129 9.09 30.73 6.79
C ASN A 129 9.70 30.43 8.16
N ALA A 130 10.01 29.16 8.42
CA ALA A 130 10.59 28.79 9.71
C ALA A 130 11.96 29.43 9.92
N GLU A 131 12.79 29.44 8.89
CA GLU A 131 14.11 30.06 9.02
C GLU A 131 14.00 31.57 9.19
N TYR A 132 13.06 32.20 8.51
CA TYR A 132 12.84 33.63 8.71
C TYR A 132 12.40 33.92 10.14
N LEU A 133 11.49 33.11 10.67
CA LEU A 133 11.07 33.27 12.05
C LEU A 133 12.23 33.07 13.01
N ALA A 134 13.07 32.06 12.75
CA ALA A 134 14.22 31.82 13.60
C ALA A 134 15.18 32.99 13.58
N SER A 135 15.41 33.58 12.40
CA SER A 135 16.25 34.77 12.32
C SER A 135 15.61 35.94 13.07
N LEU A 136 14.28 36.03 13.05
CA LEU A 136 13.60 37.08 13.80
C LEU A 136 13.80 36.91 15.30
N PHE A 137 13.69 35.68 15.80
CA PHE A 137 13.79 35.38 17.22
C PHE A 137 14.93 34.40 17.43
N PRO A 138 16.17 34.89 17.56
CA PRO A 138 17.30 33.98 17.74
C PRO A 138 17.22 33.17 19.02
N ASP A 139 16.66 33.72 20.09
CA ASP A 139 16.68 33.07 21.39
C ASP A 139 15.58 32.03 21.56
N SER A 140 14.59 32.01 20.68
CA SER A 140 13.50 31.05 20.80
C SER A 140 13.88 29.74 20.12
N LEU A 141 13.00 28.75 20.24
CA LEU A 141 13.19 27.43 19.63
C LEU A 141 12.09 27.28 18.59
N ILE A 142 12.45 27.44 17.32
CA ILE A 142 11.47 27.43 16.24
C ILE A 142 11.31 26.01 15.72
N VAL A 143 10.07 25.54 15.67
CA VAL A 143 9.75 24.21 15.16
C VAL A 143 8.74 24.36 14.04
N LYS A 144 9.05 23.79 12.88
CA LYS A 144 8.15 23.82 11.75
C LYS A 144 7.21 22.63 11.81
N GLY A 145 5.93 22.86 11.57
CA GLY A 145 4.97 21.78 11.56
C GLY A 145 3.55 22.29 11.48
N PHE A 146 2.65 21.34 11.25
CA PHE A 146 1.20 21.56 11.25
C PHE A 146 0.72 22.45 10.11
N ASN A 147 1.55 22.67 9.09
CA ASN A 147 1.10 23.46 7.95
C ASN A 147 0.28 22.65 6.96
N VAL A 148 0.46 21.33 6.94
CA VAL A 148 -0.21 20.50 5.94
C VAL A 148 -1.71 20.43 6.21
N VAL A 149 -2.11 20.35 7.48
CA VAL A 149 -3.53 20.25 7.81
C VAL A 149 -4.23 21.56 7.41
N SER A 150 -5.52 21.45 7.09
CA SER A 150 -6.22 22.47 6.33
C SER A 150 -7.22 23.28 7.17
N ALA A 151 -7.06 23.28 8.49
CA ALA A 151 -7.95 24.02 9.39
C ALA A 151 -9.38 23.51 9.30
N TRP A 152 -9.59 22.46 8.51
CA TRP A 152 -10.82 21.70 8.48
C TRP A 152 -10.61 20.25 8.87
N ALA A 153 -9.41 19.71 8.60
CA ALA A 153 -9.03 18.42 9.15
C ALA A 153 -8.73 18.54 10.65
N LEU A 154 -8.29 19.71 11.10
CA LEU A 154 -8.15 19.94 12.53
C LEU A 154 -9.52 19.89 13.22
N GLN A 155 -10.53 20.49 12.60
CA GLN A 155 -11.86 20.48 13.20
C GLN A 155 -12.46 19.08 13.20
N LEU A 156 -12.26 18.32 12.13
CA LEU A 156 -12.80 16.97 12.05
C LEU A 156 -11.92 16.01 12.83
N GLY A 157 -12.21 14.72 12.74
CA GLY A 157 -11.40 13.69 13.32
C GLY A 157 -10.34 13.22 12.36
N PRO A 158 -9.98 11.94 12.45
CA PRO A 158 -9.00 11.39 11.49
C PRO A 158 -9.51 11.52 10.06
N LYS A 159 -8.60 11.89 9.16
CA LYS A 159 -8.92 12.08 7.76
C LYS A 159 -7.92 11.31 6.90
N ASP A 160 -8.38 10.86 5.74
CA ASP A 160 -7.61 9.90 4.97
C ASP A 160 -6.45 10.51 4.21
N ALA A 161 -6.35 11.83 4.15
CA ALA A 161 -5.19 12.50 3.57
C ALA A 161 -4.44 13.35 4.57
N SER A 162 -5.17 14.06 5.44
CA SER A 162 -4.55 14.94 6.43
C SER A 162 -4.47 14.23 7.79
N ARG A 163 -3.68 13.15 7.81
CA ARG A 163 -3.34 12.49 9.06
C ARG A 163 -1.85 12.39 9.30
N GLN A 164 -1.02 12.89 8.39
CA GLN A 164 0.43 12.92 8.58
C GLN A 164 0.88 14.37 8.67
N VAL A 165 1.64 14.68 9.72
CA VAL A 165 2.18 16.02 9.93
C VAL A 165 3.70 15.92 9.98
N TYR A 166 4.36 16.81 9.25
CA TYR A 166 5.81 16.79 9.15
C TYR A 166 6.38 17.88 10.05
N ILE A 167 7.40 17.51 10.83
CA ILE A 167 7.95 18.39 11.86
C ILE A 167 9.46 18.49 11.67
N CYS A 168 9.97 19.72 11.68
CA CYS A 168 11.39 20.00 11.46
C CYS A 168 11.84 21.06 12.42
N SER A 169 12.87 20.75 13.22
CA SER A 169 13.47 21.73 14.12
C SER A 169 14.95 21.43 14.28
N ASN A 170 15.75 22.49 14.41
CA ASN A 170 17.17 22.30 14.64
C ASN A 170 17.51 22.04 16.09
N ASN A 171 16.51 22.04 16.97
CA ASN A 171 16.68 21.69 18.38
C ASN A 171 15.95 20.38 18.64
N ILE A 172 16.67 19.41 19.20
CA ILE A 172 16.12 18.07 19.36
C ILE A 172 14.97 18.07 20.37
N GLN A 173 15.20 18.69 21.53
CA GLN A 173 14.22 18.61 22.61
C GLN A 173 12.89 19.26 22.22
N ALA A 174 12.95 20.47 21.64
CA ALA A 174 11.73 21.12 21.19
C ALA A 174 11.04 20.32 20.09
N ARG A 175 11.82 19.72 19.19
CA ARG A 175 11.23 18.88 18.14
C ARG A 175 10.48 17.70 18.73
N GLN A 176 11.06 17.05 19.75
CA GLN A 176 10.37 15.93 20.37
C GLN A 176 9.13 16.39 21.14
N GLN A 177 9.20 17.56 21.76
CA GLN A 177 8.01 18.09 22.43
C GLN A 177 6.89 18.34 21.44
N VAL A 178 7.21 18.92 20.29
CA VAL A 178 6.19 19.17 19.28
C VAL A 178 5.67 17.87 18.69
N ILE A 179 6.55 16.87 18.55
CA ILE A 179 6.11 15.56 18.06
C ILE A 179 5.13 14.93 19.04
N GLU A 180 5.43 15.01 20.34
CA GLU A 180 4.49 14.52 21.34
C GLU A 180 3.17 15.26 21.27
N LEU A 181 3.23 16.59 21.10
CA LEU A 181 2.00 17.36 20.95
C LEU A 181 1.18 16.88 19.76
N ALA A 182 1.84 16.61 18.64
CA ALA A 182 1.15 16.09 17.47
C ALA A 182 0.55 14.73 17.76
N ARG A 183 1.25 13.90 18.54
CA ARG A 183 0.71 12.59 18.91
C ARG A 183 -0.56 12.74 19.74
N GLN A 184 -0.57 13.67 20.70
CA GLN A 184 -1.77 13.87 21.51
C GLN A 184 -2.92 14.43 20.69
N LEU A 185 -2.65 15.06 19.55
CA LEU A 185 -3.69 15.60 18.69
C LEU A 185 -4.13 14.62 17.61
N ASN A 186 -3.95 13.32 17.85
CA ASN A 186 -4.44 12.28 16.95
C ASN A 186 -3.85 12.40 15.55
N PHE A 187 -2.58 12.82 15.49
CA PHE A 187 -1.85 12.91 14.23
C PHE A 187 -0.73 11.87 14.22
N ILE A 188 -0.02 11.80 13.10
CA ILE A 188 1.11 10.91 12.94
C ILE A 188 2.35 11.76 12.68
N PRO A 189 3.13 12.06 13.72
CA PRO A 189 4.28 12.92 13.55
C PRO A 189 5.33 12.29 12.65
N ILE A 190 5.93 13.12 11.79
CA ILE A 190 7.01 12.70 10.91
C ILE A 190 8.17 13.68 11.09
N ASP A 191 9.32 13.18 11.49
CA ASP A 191 10.49 13.99 11.74
C ASP A 191 11.38 14.00 10.50
N LEU A 192 11.79 15.20 10.09
CA LEU A 192 12.54 15.33 8.84
C LEU A 192 13.81 16.17 8.93
N GLY A 193 14.26 16.55 10.12
CA GLY A 193 15.55 17.22 10.18
C GLY A 193 15.64 18.45 11.05
N SER A 194 16.38 19.46 10.57
CA SER A 194 16.83 20.58 11.38
C SER A 194 16.59 21.91 10.66
N LEU A 195 15.37 22.12 10.17
CA LEU A 195 14.94 23.30 9.41
C LEU A 195 15.57 23.37 8.03
N SER A 196 16.48 22.48 7.69
CA SER A 196 16.89 22.38 6.29
C SER A 196 15.79 21.76 5.44
N SER A 197 14.82 21.10 6.07
CA SER A 197 13.68 20.51 5.39
C SER A 197 12.44 21.41 5.45
N ALA A 198 12.57 22.62 5.99
CA ALA A 198 11.41 23.50 6.12
C ALA A 198 10.87 23.89 4.74
N ARG A 199 11.76 24.15 3.78
CA ARG A 199 11.31 24.49 2.43
C ARG A 199 10.53 23.35 1.81
N GLU A 200 10.97 22.11 2.04
CA GLU A 200 10.29 20.96 1.46
C GLU A 200 8.87 20.86 1.98
N ILE A 201 8.68 21.00 3.29
CA ILE A 201 7.34 20.85 3.85
C ILE A 201 6.53 22.13 3.81
N GLU A 202 7.12 23.23 3.32
CA GLU A 202 6.31 24.38 2.94
C GLU A 202 5.85 24.27 1.49
N ASN A 203 6.67 23.69 0.61
CA ASN A 203 6.28 23.44 -0.76
C ASN A 203 5.32 22.25 -0.89
N LEU A 204 5.33 21.34 0.08
CA LEU A 204 4.47 20.16 0.00
C LEU A 204 2.99 20.49 -0.08
N PRO A 205 2.43 21.39 0.74
CA PRO A 205 0.98 21.67 0.61
C PRO A 205 0.61 22.34 -0.71
N LEU A 206 1.58 22.87 -1.45
CA LEU A 206 1.30 23.64 -2.66
C LEU A 206 1.40 22.83 -3.94
N ARG A 207 1.96 21.64 -3.89
CA ARG A 207 2.18 20.85 -5.09
C ARG A 207 0.92 20.08 -5.46
N LEU A 208 0.61 20.04 -6.75
CA LEU A 208 -0.55 19.33 -7.29
C LEU A 208 -0.06 18.50 -8.48
N PHE A 209 0.41 17.29 -8.21
CA PHE A 209 0.90 16.37 -9.24
C PHE A 209 1.96 17.04 -10.11
N THR A 210 3.02 17.50 -9.46
CA THR A 210 4.09 18.20 -10.19
C THR A 210 4.79 17.27 -11.18
N LEU A 211 5.03 16.02 -10.78
CA LEU A 211 5.74 15.09 -11.64
C LEU A 211 4.86 14.46 -12.71
N TRP A 212 3.53 14.62 -12.60
CA TRP A 212 2.63 14.04 -13.59
C TRP A 212 2.35 14.99 -14.76
N ARG A 213 2.69 16.27 -14.62
CA ARG A 213 2.35 17.23 -15.67
C ARG A 213 3.06 16.90 -16.97
N GLY A 214 4.36 16.62 -16.90
CA GLY A 214 5.13 16.31 -18.08
C GLY A 214 4.66 15.04 -18.79
N PRO A 215 4.57 13.93 -18.05
CA PRO A 215 4.03 12.71 -18.65
C PRO A 215 2.62 12.88 -19.21
N VAL A 216 1.76 13.63 -18.54
CA VAL A 216 0.39 13.81 -19.03
C VAL A 216 0.39 14.62 -20.32
N VAL A 217 1.21 15.68 -20.37
CA VAL A 217 1.30 16.48 -21.59
C VAL A 217 1.87 15.65 -22.73
N VAL A 218 2.86 14.81 -22.44
CA VAL A 218 3.43 13.95 -23.47
C VAL A 218 2.39 12.96 -23.98
N ALA A 219 1.62 12.35 -23.07
CA ALA A 219 0.59 11.41 -23.48
C ALA A 219 -0.47 12.10 -24.32
N ILE A 220 -0.89 13.30 -23.94
CA ILE A 220 -1.90 14.03 -24.72
C ILE A 220 -1.35 14.38 -26.09
N SER A 221 -0.08 14.80 -26.16
CA SER A 221 0.52 15.12 -27.45
C SER A 221 0.58 13.89 -28.36
N LEU A 222 1.00 12.75 -27.81
CA LEU A 222 1.06 11.53 -28.60
C LEU A 222 -0.33 11.12 -29.07
N ALA A 223 -1.32 11.19 -28.18
CA ALA A 223 -2.68 10.82 -28.56
C ALA A 223 -3.21 11.72 -29.65
N THR A 224 -2.99 13.03 -29.54
CA THR A 224 -3.46 13.95 -30.57
C THR A 224 -2.76 13.69 -31.90
N PHE A 225 -1.44 13.48 -31.88
CA PHE A 225 -0.72 13.24 -33.11
C PHE A 225 -1.20 11.95 -33.79
N PHE A 226 -1.38 10.88 -33.02
CA PHE A 226 -1.80 9.62 -33.63
C PHE A 226 -3.25 9.69 -34.07
N PHE A 227 -4.10 10.43 -33.34
CA PHE A 227 -5.47 10.65 -33.80
C PHE A 227 -5.48 11.36 -35.14
N LEU A 228 -4.68 12.41 -35.29
CA LEU A 228 -4.64 13.14 -36.55
C LEU A 228 -4.05 12.29 -37.66
N TYR A 229 -3.04 11.47 -37.33
CA TYR A 229 -2.44 10.58 -38.31
C TYR A 229 -3.45 9.57 -38.83
N SER A 230 -4.21 8.95 -37.93
CA SER A 230 -5.24 8.01 -38.35
C SER A 230 -6.35 8.72 -39.12
N PHE A 231 -6.73 9.93 -38.70
CA PHE A 231 -7.76 10.68 -39.41
C PHE A 231 -7.33 10.98 -40.84
N VAL A 232 -6.08 11.38 -41.03
CA VAL A 232 -5.58 11.70 -42.37
C VAL A 232 -5.48 10.43 -43.20
N ARG A 233 -4.95 9.35 -42.62
CA ARG A 233 -4.70 8.15 -43.40
C ARG A 233 -5.96 7.29 -43.54
N ASP A 234 -6.57 6.93 -42.42
CA ASP A 234 -7.64 5.93 -42.45
C ASP A 234 -8.94 6.50 -43.01
N VAL A 235 -9.26 7.75 -42.67
CA VAL A 235 -10.57 8.30 -43.00
C VAL A 235 -10.50 9.25 -44.18
N ILE A 236 -9.70 10.31 -44.06
CA ILE A 236 -9.73 11.39 -45.05
C ILE A 236 -9.26 10.89 -46.41
N HIS A 237 -8.19 10.09 -46.44
CA HIS A 237 -7.69 9.60 -47.73
C HIS A 237 -8.73 8.79 -48.49
N PRO A 238 -9.45 7.83 -47.89
CA PRO A 238 -10.59 7.21 -48.60
C PRO A 238 -11.93 7.90 -48.39
N TYR A 239 -11.95 9.09 -47.78
CA TYR A 239 -13.22 9.78 -47.57
C TYR A 239 -13.88 10.12 -48.91
N ALA A 240 -13.10 10.59 -49.88
CA ALA A 240 -13.65 10.82 -51.20
C ALA A 240 -14.11 9.52 -51.85
N ARG A 241 -13.45 8.41 -51.51
CA ARG A 241 -13.82 7.11 -52.08
C ARG A 241 -15.17 6.64 -51.56
N ASN A 242 -15.41 6.77 -50.25
CA ASN A 242 -16.60 6.22 -49.62
C ASN A 242 -17.53 7.30 -49.07
N GLN A 243 -17.04 8.15 -48.17
CA GLN A 243 -17.86 9.17 -47.51
C GLN A 243 -19.10 8.55 -46.87
N GLN A 244 -18.86 7.66 -45.91
CA GLN A 244 -19.92 6.91 -45.25
C GLN A 244 -20.18 7.36 -43.82
N SER A 245 -19.62 8.48 -43.39
CA SER A 245 -19.74 8.93 -42.01
C SER A 245 -20.27 10.34 -41.92
N ASP A 246 -20.95 10.62 -40.80
CA ASP A 246 -21.51 11.94 -40.53
C ASP A 246 -21.27 12.26 -39.05
N PHE A 247 -21.98 13.28 -38.56
CA PHE A 247 -21.80 13.66 -37.16
C PHE A 247 -22.44 12.64 -36.23
N TYR A 248 -23.33 11.79 -36.75
CA TYR A 248 -23.78 10.63 -35.98
C TYR A 248 -22.75 9.52 -36.01
N LYS A 249 -21.55 9.81 -36.49
CA LYS A 249 -20.42 8.89 -36.38
C LYS A 249 -19.32 9.55 -35.56
N ILE A 250 -18.47 8.73 -34.95
CA ILE A 250 -17.33 9.24 -34.20
C ILE A 250 -16.10 8.41 -34.52
N PRO A 251 -14.94 9.02 -34.52
CA PRO A 251 -13.66 8.31 -34.64
C PRO A 251 -13.22 7.70 -33.32
N ILE A 252 -13.95 6.70 -32.86
CA ILE A 252 -13.52 5.88 -31.73
C ILE A 252 -13.12 4.48 -32.18
N GLU A 253 -13.21 4.19 -33.46
CA GLU A 253 -12.27 3.26 -34.06
C GLU A 253 -10.86 3.81 -34.04
N ILE A 254 -10.71 5.12 -34.20
CA ILE A 254 -9.41 5.78 -34.11
C ILE A 254 -8.87 5.84 -32.69
N VAL A 255 -9.70 6.11 -31.68
CA VAL A 255 -9.16 6.06 -30.31
C VAL A 255 -8.80 4.63 -29.93
N ASN A 256 -9.47 3.63 -30.50
CA ASN A 256 -9.09 2.24 -30.30
C ASN A 256 -7.74 1.94 -30.94
N LYS A 257 -7.37 2.68 -31.97
CA LYS A 257 -6.04 2.58 -32.56
C LYS A 257 -5.05 3.58 -31.96
N THR A 258 -5.50 4.45 -31.06
CA THR A 258 -4.66 5.48 -30.49
C THR A 258 -4.20 5.13 -29.08
N LEU A 259 -5.09 4.58 -28.26
CA LEU A 259 -4.71 4.15 -26.91
C LEU A 259 -3.55 3.16 -26.89
N PRO A 260 -3.54 2.09 -27.69
CA PRO A 260 -2.44 1.12 -27.59
C PRO A 260 -1.10 1.71 -28.00
N ILE A 261 -1.09 2.50 -29.08
CA ILE A 261 0.16 3.10 -29.54
C ILE A 261 0.70 4.06 -28.51
N VAL A 262 -0.18 4.84 -27.87
CA VAL A 262 0.27 5.75 -26.83
C VAL A 262 0.85 4.97 -25.65
N ALA A 263 0.21 3.86 -25.27
CA ALA A 263 0.73 3.07 -24.16
C ALA A 263 2.13 2.52 -24.47
N ILE A 264 2.28 1.92 -25.65
CA ILE A 264 3.58 1.32 -25.98
C ILE A 264 4.64 2.41 -26.15
N THR A 265 4.27 3.57 -26.68
CA THR A 265 5.23 4.66 -26.83
C THR A 265 5.65 5.20 -25.46
N LEU A 266 4.71 5.25 -24.51
CA LEU A 266 5.06 5.67 -23.16
C LEU A 266 6.03 4.69 -22.52
N LEU A 267 5.83 3.39 -22.73
CA LEU A 267 6.79 2.41 -22.23
C LEU A 267 8.17 2.61 -22.86
N SER A 268 8.19 2.82 -24.17
CA SER A 268 9.46 3.06 -24.87
C SER A 268 10.16 4.28 -24.32
N LEU A 269 9.40 5.34 -24.01
CA LEU A 269 9.99 6.53 -23.41
C LEU A 269 10.47 6.26 -21.99
N VAL A 270 9.81 5.35 -21.28
CA VAL A 270 10.27 4.97 -19.95
C VAL A 270 11.68 4.40 -20.01
N TYR A 271 11.93 3.56 -21.01
CA TYR A 271 13.23 2.89 -21.04
C TYR A 271 14.29 3.59 -21.88
N LEU A 272 13.89 4.48 -22.78
CA LEU A 272 14.86 5.27 -23.53
C LEU A 272 15.64 6.20 -22.60
N ALA A 273 15.04 6.60 -21.48
CA ALA A 273 15.76 7.44 -20.52
C ALA A 273 16.95 6.70 -19.94
N GLY A 274 16.75 5.42 -19.56
CA GLY A 274 17.86 4.63 -19.08
C GLY A 274 18.90 4.39 -20.16
N LEU A 275 18.45 4.14 -21.39
CA LEU A 275 19.42 3.99 -22.48
C LEU A 275 20.26 5.25 -22.66
N LEU A 276 19.63 6.42 -22.59
CA LEU A 276 20.37 7.67 -22.79
C LEU A 276 21.29 7.97 -21.63
N ALA A 277 20.89 7.61 -20.41
CA ALA A 277 21.78 7.76 -19.27
C ALA A 277 23.02 6.89 -19.43
N ALA A 278 22.83 5.65 -19.90
CA ALA A 278 23.98 4.78 -20.16
C ALA A 278 24.87 5.38 -21.24
N ALA A 279 24.27 5.92 -22.30
CA ALA A 279 25.06 6.52 -23.36
C ALA A 279 25.89 7.69 -22.85
N TYR A 280 25.28 8.55 -22.03
CA TYR A 280 26.02 9.68 -21.47
C TYR A 280 27.14 9.22 -20.55
N GLN A 281 26.88 8.21 -19.72
CA GLN A 281 27.93 7.69 -18.85
C GLN A 281 29.09 7.13 -19.65
N LEU A 282 28.80 6.34 -20.69
CA LEU A 282 29.88 5.79 -21.51
C LEU A 282 30.65 6.89 -22.22
N TYR A 283 29.95 7.91 -22.73
CA TYR A 283 30.64 8.98 -23.46
C TYR A 283 31.54 9.78 -22.53
N TYR A 284 31.02 10.20 -21.37
CA TYR A 284 31.82 11.01 -20.46
C TYR A 284 32.89 10.18 -19.76
N GLY A 285 32.61 8.91 -19.50
CA GLY A 285 33.54 8.04 -18.82
C GLY A 285 33.35 7.94 -17.32
N THR A 286 32.42 8.69 -16.74
CA THR A 286 32.19 8.69 -15.31
C THR A 286 30.70 8.77 -15.03
N LYS A 287 30.31 8.30 -13.84
CA LYS A 287 28.96 8.52 -13.33
C LYS A 287 28.89 9.70 -12.39
N TYR A 288 30.02 10.35 -12.13
CA TYR A 288 30.09 11.47 -11.20
C TYR A 288 29.88 12.79 -11.92
N ARG A 289 29.27 12.77 -13.09
CA ARG A 289 28.93 13.96 -13.85
C ARG A 289 27.41 14.09 -13.90
N ARG A 290 26.91 15.29 -13.62
CA ARG A 290 25.47 15.52 -13.63
C ARG A 290 24.93 15.41 -15.05
N PHE A 291 23.78 14.75 -15.18
CA PHE A 291 23.12 14.63 -16.46
C PHE A 291 22.57 15.99 -16.89
N PRO A 292 22.32 16.17 -18.18
CA PRO A 292 21.67 17.41 -18.62
C PRO A 292 20.31 17.55 -17.96
N PRO A 293 19.87 18.79 -17.71
CA PRO A 293 18.62 18.96 -16.94
C PRO A 293 17.42 18.26 -17.55
N TRP A 294 17.32 18.23 -18.88
CA TRP A 294 16.22 17.52 -19.51
C TRP A 294 16.31 16.02 -19.23
N LEU A 295 17.53 15.46 -19.25
CA LEU A 295 17.69 14.05 -18.94
C LEU A 295 17.35 13.77 -17.47
N GLU A 296 17.70 14.69 -16.57
CA GLU A 296 17.37 14.50 -15.17
C GLU A 296 15.86 14.50 -14.96
N THR A 297 15.16 15.46 -15.57
CA THR A 297 13.71 15.49 -15.46
C THR A 297 13.08 14.25 -16.09
N TRP A 298 13.62 13.79 -17.22
CA TRP A 298 13.13 12.57 -17.84
C TRP A 298 13.30 11.38 -16.90
N LEU A 299 14.46 11.26 -16.26
CA LEU A 299 14.71 10.15 -15.36
C LEU A 299 13.83 10.20 -14.13
N GLN A 300 13.53 11.41 -13.63
CA GLN A 300 12.74 11.51 -12.41
C GLN A 300 11.29 11.06 -12.62
N CYS A 301 10.73 11.32 -13.80
CA CYS A 301 9.33 11.04 -14.07
C CYS A 301 9.11 9.70 -14.76
N ARG A 302 10.05 8.77 -14.64
CA ARG A 302 9.89 7.48 -15.30
C ARG A 302 8.74 6.69 -14.69
N LYS A 303 8.54 6.82 -13.37
CA LYS A 303 7.43 6.14 -12.71
C LYS A 303 6.09 6.62 -13.24
N GLN A 304 5.94 7.94 -13.41
CA GLN A 304 4.69 8.49 -13.90
C GLN A 304 4.43 8.07 -15.35
N LEU A 305 5.47 8.08 -16.18
CA LEU A 305 5.32 7.61 -17.56
C LEU A 305 4.91 6.14 -17.59
N GLY A 306 5.53 5.33 -16.74
CA GLY A 306 5.19 3.91 -16.71
C GLY A 306 3.77 3.67 -16.25
N LEU A 307 3.33 4.41 -15.23
CA LEU A 307 1.96 4.23 -14.75
C LEU A 307 0.95 4.72 -15.79
N LEU A 308 1.26 5.79 -16.51
CA LEU A 308 0.40 6.22 -17.60
C LEU A 308 0.33 5.16 -18.70
N SER A 309 1.47 4.54 -19.01
CA SER A 309 1.49 3.46 -19.99
C SER A 309 0.63 2.29 -19.53
N PHE A 310 0.73 1.92 -18.26
CA PHE A 310 -0.08 0.83 -17.73
C PHE A 310 -1.56 1.16 -17.79
N PHE A 311 -1.93 2.40 -17.43
CA PHE A 311 -3.33 2.81 -17.47
C PHE A 311 -3.86 2.76 -18.90
N PHE A 312 -3.08 3.25 -19.87
CA PHE A 312 -3.54 3.24 -21.25
C PHE A 312 -3.59 1.82 -21.80
N ALA A 313 -2.66 0.95 -21.40
CA ALA A 313 -2.72 -0.44 -21.82
C ALA A 313 -3.96 -1.13 -21.26
N MET A 314 -4.32 -0.82 -20.01
CA MET A 314 -5.53 -1.42 -19.43
C MET A 314 -6.79 -0.90 -20.14
N VAL A 315 -6.81 0.39 -20.49
CA VAL A 315 -7.95 0.92 -21.24
C VAL A 315 -8.03 0.26 -22.60
N HIS A 316 -6.89 0.01 -23.24
CA HIS A 316 -6.88 -0.71 -24.50
C HIS A 316 -7.41 -2.13 -24.35
N VAL A 317 -7.02 -2.81 -23.27
CA VAL A 317 -7.53 -4.15 -23.04
C VAL A 317 -9.04 -4.12 -22.87
N ALA A 318 -9.54 -3.12 -22.14
CA ALA A 318 -10.99 -3.00 -21.95
C ALA A 318 -11.70 -2.76 -23.26
N TYR A 319 -11.15 -1.89 -24.11
CA TYR A 319 -11.76 -1.65 -25.42
C TYR A 319 -11.72 -2.90 -26.29
N SER A 320 -10.59 -3.59 -26.33
CA SER A 320 -10.47 -4.79 -27.15
C SER A 320 -11.34 -5.93 -26.65
N LEU A 321 -11.72 -5.91 -25.38
CA LEU A 321 -12.65 -6.92 -24.88
C LEU A 321 -14.10 -6.53 -25.14
N CYS A 322 -14.50 -5.32 -24.74
CA CYS A 322 -15.89 -4.92 -24.80
C CYS A 322 -16.38 -4.63 -26.23
N LEU A 323 -15.61 -3.90 -27.02
CA LEU A 323 -16.11 -3.47 -28.32
C LEU A 323 -16.15 -4.58 -29.36
N PRO A 324 -15.07 -5.34 -29.63
CA PRO A 324 -15.16 -6.34 -30.71
C PRO A 324 -16.19 -7.44 -30.45
N MET A 325 -16.63 -7.62 -29.20
CA MET A 325 -17.50 -8.74 -28.91
C MET A 325 -18.94 -8.30 -28.71
N ARG A 326 -19.21 -7.00 -28.81
CA ARG A 326 -20.53 -6.45 -28.58
C ARG A 326 -21.60 -7.11 -29.44
N ARG A 327 -22.86 -6.95 -29.03
CA ARG A 327 -23.97 -7.56 -29.76
C ARG A 327 -24.06 -6.99 -31.17
N SER A 328 -23.61 -5.75 -31.37
CA SER A 328 -23.63 -5.16 -32.70
C SER A 328 -22.52 -5.74 -33.58
N GLU A 329 -21.43 -6.21 -32.98
CA GLU A 329 -20.37 -6.83 -33.76
C GLU A 329 -20.84 -8.14 -34.37
N ARG A 330 -21.89 -8.74 -33.79
CA ARG A 330 -22.51 -9.92 -34.38
C ARG A 330 -23.33 -9.59 -35.63
N TYR A 331 -23.67 -8.33 -35.85
CA TYR A 331 -24.43 -7.93 -37.02
C TYR A 331 -23.61 -8.09 -38.29
N ASN A 350 -9.25 -20.37 -42.35
CA ASN A 350 -7.91 -19.82 -42.28
C ASN A 350 -7.21 -20.26 -40.99
N GLU A 351 -6.47 -21.36 -41.07
CA GLU A 351 -5.86 -21.93 -39.88
C GLU A 351 -4.67 -21.11 -39.41
N GLU A 352 -3.85 -20.62 -40.35
CA GLU A 352 -2.72 -19.79 -39.97
C GLU A 352 -3.19 -18.48 -39.36
N GLU A 353 -4.39 -18.04 -39.71
CA GLU A 353 -4.95 -16.86 -39.05
C GLU A 353 -5.35 -17.18 -37.61
N VAL A 354 -5.85 -18.40 -37.37
CA VAL A 354 -6.11 -18.85 -36.00
C VAL A 354 -4.82 -18.84 -35.20
N TRP A 355 -3.79 -19.45 -35.78
CA TRP A 355 -2.40 -19.33 -35.31
C TRP A 355 -2.07 -17.93 -34.85
N ARG A 356 -2.13 -16.97 -35.78
CA ARG A 356 -1.69 -15.62 -35.47
C ARG A 356 -2.51 -15.00 -34.36
N ILE A 357 -3.84 -15.14 -34.45
CA ILE A 357 -4.70 -14.46 -33.48
C ILE A 357 -4.43 -14.97 -32.08
N GLU A 358 -4.42 -16.30 -31.91
CA GLU A 358 -4.11 -16.84 -30.59
C GLU A 358 -2.73 -16.40 -30.12
N MET A 359 -1.74 -16.36 -31.00
CA MET A 359 -0.38 -16.10 -30.55
C MET A 359 -0.20 -14.64 -30.12
N TYR A 360 -0.73 -13.69 -30.88
CA TYR A 360 -0.51 -12.32 -30.40
C TYR A 360 -1.42 -11.97 -29.23
N ILE A 361 -2.59 -12.61 -29.11
CA ILE A 361 -3.38 -12.41 -27.90
C ILE A 361 -2.62 -12.91 -26.68
N SER A 362 -1.97 -14.07 -26.81
CA SER A 362 -1.18 -14.60 -25.71
C SER A 362 -0.03 -13.68 -25.35
N PHE A 363 0.64 -13.12 -26.35
CA PHE A 363 1.73 -12.19 -26.07
C PHE A 363 1.21 -10.93 -25.38
N GLY A 364 0.06 -10.42 -25.81
CA GLY A 364 -0.52 -9.27 -25.15
C GLY A 364 -0.85 -9.56 -23.70
N ILE A 365 -1.38 -10.75 -23.42
CA ILE A 365 -1.73 -11.12 -22.05
C ILE A 365 -0.47 -11.23 -21.19
N MET A 366 0.60 -11.81 -21.75
CA MET A 366 1.87 -11.90 -21.02
C MET A 366 2.39 -10.51 -20.68
N SER A 367 2.38 -9.60 -21.65
CA SER A 367 2.87 -8.25 -21.41
C SER A 367 2.02 -7.53 -20.38
N LEU A 368 0.70 -7.71 -20.43
CA LEU A 368 -0.16 -7.09 -19.44
C LEU A 368 0.11 -7.63 -18.05
N GLY A 369 0.37 -8.94 -17.93
CA GLY A 369 0.70 -9.50 -16.63
C GLY A 369 1.99 -8.92 -16.07
N LEU A 370 3.02 -8.80 -16.91
CA LEU A 370 4.27 -8.22 -16.44
C LEU A 370 4.09 -6.76 -16.03
N LEU A 371 3.34 -6.00 -16.82
CA LEU A 371 3.06 -4.61 -16.46
C LEU A 371 2.28 -4.52 -15.15
N SER A 372 1.37 -5.46 -14.92
CA SER A 372 0.63 -5.49 -13.67
C SER A 372 1.56 -5.75 -12.50
N LEU A 373 2.53 -6.64 -12.67
CA LEU A 373 3.52 -6.87 -11.62
C LEU A 373 4.30 -5.59 -11.33
N LEU A 374 4.74 -4.90 -12.39
CA LEU A 374 5.47 -3.64 -12.19
C LEU A 374 4.62 -2.62 -11.45
N ALA A 375 3.35 -2.48 -11.83
CA ALA A 375 2.48 -1.51 -11.20
C ALA A 375 2.22 -1.86 -9.74
N VAL A 376 2.05 -3.15 -9.44
CA VAL A 376 1.85 -3.57 -8.06
C VAL A 376 3.08 -3.23 -7.23
N THR A 377 4.28 -3.47 -7.76
CA THR A 377 5.47 -3.08 -7.03
C THR A 377 5.64 -1.58 -6.90
N SER A 378 4.84 -0.79 -7.62
CA SER A 378 4.96 0.66 -7.57
C SER A 378 4.23 1.27 -6.37
N ILE A 379 3.46 0.49 -5.62
CA ILE A 379 2.84 1.00 -4.40
C ILE A 379 3.93 1.30 -3.38
N PRO A 380 3.86 2.43 -2.66
CA PRO A 380 4.96 2.77 -1.74
C PRO A 380 5.26 1.69 -0.70
N SER A 381 4.24 1.04 -0.16
CA SER A 381 4.49 -0.03 0.81
C SER A 381 5.19 -1.21 0.16
N VAL A 382 4.75 -1.61 -1.04
CA VAL A 382 5.38 -2.73 -1.73
C VAL A 382 6.80 -2.37 -2.12
N SER A 383 7.02 -1.14 -2.60
CA SER A 383 8.36 -0.73 -2.99
C SER A 383 9.29 -0.69 -1.79
N ASN A 384 8.81 -0.20 -0.65
CA ASN A 384 9.62 -0.16 0.55
C ASN A 384 9.85 -1.54 1.15
N ALA A 385 8.96 -2.49 0.86
CA ALA A 385 9.10 -3.85 1.38
C ALA A 385 10.03 -4.71 0.54
N LEU A 386 10.55 -4.18 -0.57
CA LEU A 386 11.45 -4.91 -1.44
C LEU A 386 12.86 -4.36 -1.32
N ASN A 387 13.84 -5.26 -1.35
CA ASN A 387 15.23 -4.87 -1.45
C ASN A 387 15.46 -4.10 -2.75
N TRP A 388 16.51 -3.27 -2.76
CA TRP A 388 16.82 -2.54 -3.98
C TRP A 388 17.20 -3.49 -5.10
N ARG A 389 17.80 -4.64 -4.76
CA ARG A 389 18.11 -5.64 -5.77
C ARG A 389 16.84 -6.25 -6.35
N GLU A 390 15.88 -6.61 -5.49
CA GLU A 390 14.64 -7.20 -5.97
C GLU A 390 13.82 -6.18 -6.76
N PHE A 391 13.75 -4.94 -6.26
CA PHE A 391 13.02 -3.90 -6.98
C PHE A 391 13.66 -3.61 -8.33
N SER A 392 14.99 -3.56 -8.37
CA SER A 392 15.69 -3.35 -9.64
C SER A 392 15.43 -4.50 -10.59
N PHE A 393 15.49 -5.74 -10.10
CA PHE A 393 15.19 -6.88 -10.96
C PHE A 393 13.80 -6.76 -11.53
N ILE A 394 12.79 -6.58 -10.67
CA ILE A 394 11.41 -6.47 -11.13
C ILE A 394 11.30 -5.39 -12.19
N GLN A 395 11.56 -4.13 -11.81
CA GLN A 395 11.37 -3.01 -12.72
C GLN A 395 12.18 -3.20 -13.99
N SER A 396 13.51 -3.15 -13.89
CA SER A 396 14.34 -3.19 -15.10
C SER A 396 14.08 -4.44 -15.91
N THR A 397 14.37 -5.62 -15.34
CA THR A 397 14.34 -6.85 -16.14
C THR A 397 12.94 -7.15 -16.65
N LEU A 398 11.94 -7.20 -15.74
CA LEU A 398 10.62 -7.60 -16.19
C LEU A 398 9.97 -6.54 -17.05
N GLY A 399 10.35 -5.26 -16.92
CA GLY A 399 9.82 -4.25 -17.82
C GLY A 399 10.42 -4.34 -19.20
N TYR A 400 11.71 -4.68 -19.28
CA TYR A 400 12.30 -4.92 -20.59
C TYR A 400 11.67 -6.15 -21.24
N VAL A 401 11.40 -7.18 -20.45
CA VAL A 401 10.73 -8.37 -20.99
C VAL A 401 9.33 -8.01 -21.44
N ALA A 402 8.61 -7.20 -20.67
CA ALA A 402 7.27 -6.77 -21.06
C ALA A 402 7.31 -5.95 -22.34
N LEU A 403 8.30 -5.07 -22.48
CA LEU A 403 8.42 -4.29 -23.70
C LEU A 403 8.71 -5.19 -24.90
N LEU A 404 9.59 -6.17 -24.73
CA LEU A 404 9.88 -7.10 -25.82
C LEU A 404 8.66 -7.91 -26.20
N ILE A 405 7.90 -8.38 -25.21
CA ILE A 405 6.71 -9.19 -25.50
C ILE A 405 5.64 -8.33 -26.17
N SER A 406 5.49 -7.08 -25.72
CA SER A 406 4.57 -6.16 -26.40
C SER A 406 5.00 -5.90 -27.84
N THR A 407 6.32 -5.80 -28.06
CA THR A 407 6.82 -5.62 -29.41
C THR A 407 6.45 -6.80 -30.29
N PHE A 408 6.61 -8.02 -29.78
CA PHE A 408 6.18 -9.20 -30.54
C PHE A 408 4.67 -9.19 -30.78
N HIS A 409 3.91 -8.80 -29.76
CA HIS A 409 2.45 -8.81 -29.85
C HIS A 409 1.97 -7.85 -30.94
N VAL A 410 2.58 -6.67 -31.02
CA VAL A 410 2.28 -5.76 -32.14
C VAL A 410 2.85 -6.30 -33.44
N LEU A 411 3.98 -7.00 -33.38
CA LEU A 411 4.72 -7.36 -34.58
C LEU A 411 4.00 -8.42 -35.38
N ILE A 412 3.33 -9.36 -34.71
CA ILE A 412 2.60 -10.40 -35.44
C ILE A 412 1.42 -9.80 -36.19
N TYR A 413 0.63 -8.99 -35.49
CA TYR A 413 -0.45 -8.23 -36.09
C TYR A 413 0.05 -7.46 -37.31
N GLY A 414 1.16 -6.76 -37.15
CA GLY A 414 1.74 -6.06 -38.29
C GLY A 414 2.23 -6.99 -39.38
N TRP A 415 2.73 -8.15 -39.00
CA TRP A 415 3.33 -9.05 -39.98
C TRP A 415 2.30 -9.52 -40.99
N LYS A 416 1.10 -9.81 -40.52
CA LYS A 416 0.05 -10.16 -41.49
C LYS A 416 -1.04 -9.09 -41.61
N ARG A 417 -0.71 -7.84 -41.29
CA ARG A 417 -1.54 -6.72 -41.70
C ARG A 417 -0.81 -5.68 -42.54
N ALA A 418 0.48 -5.87 -42.80
CA ALA A 418 1.28 -4.87 -43.48
C ALA A 418 1.67 -5.26 -44.90
N PHE A 419 1.84 -6.55 -45.18
CA PHE A 419 2.30 -6.96 -46.51
C PHE A 419 1.31 -6.63 -47.61
N GLU A 420 0.06 -6.30 -47.27
CA GLU A 420 -0.92 -5.86 -48.25
C GLU A 420 -0.71 -4.37 -48.52
N GLU A 421 -0.57 -4.01 -49.79
CA GLU A 421 -0.19 -2.65 -50.15
C GLU A 421 -1.24 -1.61 -49.79
N GLU A 422 -2.49 -2.03 -49.54
CA GLU A 422 -3.53 -1.08 -49.17
C GLU A 422 -3.21 -0.39 -47.85
N TYR A 423 -2.67 -1.14 -46.89
CA TYR A 423 -2.44 -0.56 -45.57
C TYR A 423 -1.21 0.33 -45.55
N TYR A 424 -0.30 0.14 -46.50
CA TYR A 424 0.76 1.12 -46.74
C TYR A 424 0.12 2.23 -47.57
N ARG A 425 -0.73 3.01 -46.92
CA ARG A 425 -1.64 3.92 -47.59
C ARG A 425 -1.12 5.35 -47.56
N PHE A 426 -1.29 6.03 -48.69
CA PHE A 426 -0.94 7.44 -48.83
C PHE A 426 0.53 7.70 -48.50
N TYR A 427 1.41 6.79 -48.89
CA TYR A 427 2.85 6.89 -48.66
C TYR A 427 3.19 6.90 -47.17
N THR A 428 2.21 6.69 -46.31
CA THR A 428 2.35 6.75 -44.87
C THR A 428 2.33 5.35 -44.27
N PRO A 429 3.29 5.00 -43.43
CA PRO A 429 3.30 3.66 -42.81
C PRO A 429 2.08 3.45 -41.94
N PRO A 430 1.63 2.20 -41.81
CA PRO A 430 0.49 1.92 -40.92
C PRO A 430 0.74 2.33 -39.49
N ASN A 431 -0.31 2.28 -38.66
CA ASN A 431 -0.22 2.75 -37.28
C ASN A 431 0.78 1.94 -36.47
N PHE A 432 0.80 0.61 -36.65
CA PHE A 432 1.67 -0.23 -35.84
C PHE A 432 3.15 -0.04 -36.18
N VAL A 433 3.47 0.54 -37.34
CA VAL A 433 4.87 0.68 -37.73
C VAL A 433 5.60 1.63 -36.80
N LEU A 434 4.96 2.73 -36.40
CA LEU A 434 5.61 3.67 -35.49
C LEU A 434 5.70 3.10 -34.08
N ALA A 435 4.61 2.48 -33.63
CA ALA A 435 4.59 1.80 -32.33
C ALA A 435 5.58 0.65 -32.29
N LEU A 436 6.08 0.23 -33.45
CA LEU A 436 7.19 -0.71 -33.51
C LEU A 436 8.53 0.00 -33.58
N VAL A 437 8.62 1.13 -34.28
CA VAL A 437 9.92 1.74 -34.54
C VAL A 437 10.51 2.30 -33.25
N LEU A 438 9.68 2.81 -32.35
CA LEU A 438 10.27 3.30 -31.10
C LEU A 438 10.74 2.17 -30.17
N PRO A 439 9.91 1.18 -29.83
CA PRO A 439 10.44 0.05 -29.04
C PRO A 439 11.57 -0.69 -29.72
N SER A 440 11.61 -0.70 -31.05
CA SER A 440 12.74 -1.30 -31.74
C SER A 440 14.03 -0.56 -31.42
N ILE A 441 13.99 0.77 -31.42
CA ILE A 441 15.18 1.54 -31.05
C ILE A 441 15.58 1.23 -29.62
N VAL A 442 14.60 1.18 -28.71
CA VAL A 442 14.92 0.90 -27.31
C VAL A 442 15.58 -0.47 -27.18
N ILE A 443 15.02 -1.48 -27.84
CA ILE A 443 15.51 -2.84 -27.69
C ILE A 443 16.88 -3.02 -28.32
N LEU A 444 17.09 -2.44 -29.50
CA LEU A 444 18.42 -2.50 -30.11
C LEU A 444 19.46 -1.79 -29.25
N GLY A 445 19.08 -0.66 -28.63
CA GLY A 445 20.00 -0.02 -27.70
C GLY A 445 20.35 -0.92 -26.53
N LYS A 446 19.34 -1.56 -25.93
CA LYS A 446 19.59 -2.45 -24.81
C LYS A 446 20.48 -3.62 -25.21
N ILE A 447 20.26 -4.17 -26.40
CA ILE A 447 21.10 -5.26 -26.88
C ILE A 447 22.52 -4.78 -27.10
N ILE A 448 22.69 -3.57 -27.64
CA ILE A 448 24.01 -2.99 -27.80
C ILE A 448 24.71 -2.89 -26.46
N LEU A 449 23.97 -2.54 -25.40
CA LEU A 449 24.57 -2.44 -24.09
C LEU A 449 25.08 -3.78 -23.57
N PHE A 450 24.66 -4.89 -24.18
CA PHE A 450 25.13 -6.21 -23.79
C PHE A 450 26.40 -6.65 -24.51
N LEU A 451 26.92 -5.85 -25.44
CA LEU A 451 28.13 -6.24 -26.13
C LEU A 451 29.29 -6.33 -25.15
N PRO A 452 30.21 -7.27 -25.36
CA PRO A 452 31.29 -7.48 -24.37
C PRO A 452 32.11 -6.23 -24.11
N CYS A 453 32.55 -5.53 -25.16
CA CYS A 453 33.32 -4.31 -24.94
C CYS A 453 32.50 -3.26 -24.20
N ILE A 454 31.25 -3.05 -24.63
CA ILE A 454 30.41 -2.05 -24.00
C ILE A 454 30.00 -2.49 -22.60
N SER A 455 29.67 -3.77 -22.42
CA SER A 455 29.34 -4.25 -21.08
C SER A 455 30.51 -4.04 -20.13
N ARG A 456 31.73 -4.26 -20.62
CA ARG A 456 32.90 -4.13 -19.77
C ARG A 456 33.18 -2.66 -19.45
N LYS A 457 33.04 -1.79 -20.45
CA LYS A 457 33.22 -0.36 -20.23
C LYS A 457 32.12 0.23 -19.36
N LEU A 458 30.98 -0.46 -19.27
CA LEU A 458 29.90 0.05 -18.43
C LEU A 458 29.96 -0.54 -17.02
N LYS A 459 30.53 -1.74 -16.87
CA LYS A 459 30.81 -2.26 -15.54
C LYS A 459 31.97 -1.53 -14.89
N ARG A 460 33.02 -1.22 -15.65
CA ARG A 460 34.12 -0.43 -15.12
C ARG A 460 33.68 0.95 -14.68
N ILE A 461 32.52 1.41 -15.15
CA ILE A 461 31.96 2.67 -14.70
C ILE A 461 31.05 2.40 -13.51
N LYS A 462 30.11 1.47 -13.65
CA LYS A 462 29.14 1.22 -12.59
C LYS A 462 29.81 0.87 -11.28
N LYS A 463 31.03 0.35 -11.31
CA LYS A 463 31.64 -0.27 -10.14
C LYS A 463 32.83 0.55 -9.62
N GLY A 464 33.11 1.71 -10.22
CA GLY A 464 33.83 2.78 -9.53
C GLY A 464 35.13 3.21 -10.18
N TRP A 465 35.65 2.43 -11.13
CA TRP A 465 37.02 2.66 -11.60
C TRP A 465 37.04 3.65 -12.76
N GLU A 466 35.99 4.48 -12.84
CA GLU A 466 35.54 5.17 -14.06
C GLU A 466 36.69 5.92 -14.72
N LYS A 467 37.19 6.99 -14.11
CA LYS A 467 38.31 7.77 -14.60
C LYS A 467 38.92 8.41 -13.36
N SER A 468 39.98 7.78 -12.84
CA SER A 468 40.35 7.97 -11.44
C SER A 468 40.20 9.41 -10.99
N GLN A 469 40.92 10.33 -11.63
CA GLN A 469 40.77 11.75 -11.33
C GLN A 469 39.34 12.22 -11.60
N ALA B 28 26.65 28.29 13.46
CA ALA B 28 26.14 27.72 12.22
C ALA B 28 27.21 26.87 11.54
N ARG B 29 28.24 26.52 12.29
CA ARG B 29 29.32 25.70 11.75
C ARG B 29 28.83 24.29 11.45
N LYS B 30 29.26 23.75 10.32
CA LYS B 30 28.83 22.42 9.92
C LYS B 30 29.45 21.35 10.82
N VAL B 31 28.71 20.27 11.00
CA VAL B 31 29.17 19.15 11.81
C VAL B 31 30.10 18.28 10.97
N THR B 32 31.28 17.98 11.49
CA THR B 32 32.25 17.17 10.77
C THR B 32 31.93 15.68 10.95
N VAL B 33 31.98 14.94 9.85
CA VAL B 33 31.75 13.50 9.86
C VAL B 33 32.94 12.83 9.18
N GLY B 34 33.53 11.85 9.86
CA GLY B 34 34.68 11.16 9.32
C GLY B 34 34.29 9.95 8.48
N VAL B 35 35.13 9.63 7.51
CA VAL B 35 34.94 8.45 6.66
C VAL B 35 36.28 7.75 6.53
N ILE B 36 36.28 6.43 6.69
CA ILE B 36 37.50 5.62 6.58
C ILE B 36 37.52 4.96 5.22
N GLY B 37 38.63 5.13 4.49
CA GLY B 37 38.78 4.54 3.18
C GLY B 37 38.30 5.47 2.08
N SER B 38 38.80 5.20 0.87
CA SER B 38 38.45 5.99 -0.32
C SER B 38 38.12 5.02 -1.44
N GLY B 39 36.85 4.62 -1.51
CA GLY B 39 36.38 3.73 -2.56
C GLY B 39 35.14 4.29 -3.22
N ASP B 40 34.37 3.42 -3.89
CA ASP B 40 33.13 3.86 -4.50
C ASP B 40 32.14 4.32 -3.44
N PHE B 41 31.95 3.52 -2.40
CA PHE B 41 31.01 3.88 -1.34
C PHE B 41 31.47 5.12 -0.61
N ALA B 42 32.77 5.25 -0.37
CA ALA B 42 33.28 6.45 0.31
C ALA B 42 33.00 7.70 -0.52
N LYS B 43 33.24 7.63 -1.83
CA LYS B 43 33.00 8.80 -2.67
C LYS B 43 31.52 9.17 -2.75
N SER B 44 30.66 8.17 -2.94
CA SER B 44 29.22 8.46 -2.99
C SER B 44 28.71 9.00 -1.66
N LEU B 45 29.18 8.42 -0.56
CA LEU B 45 28.80 8.89 0.77
C LEU B 45 29.28 10.31 1.00
N THR B 46 30.49 10.63 0.56
CA THR B 46 31.00 11.99 0.70
C THR B 46 30.16 12.97 -0.11
N ILE B 47 29.77 12.59 -1.32
CA ILE B 47 28.91 13.45 -2.12
C ILE B 47 27.59 13.71 -1.41
N ARG B 48 26.97 12.64 -0.89
CA ARG B 48 25.69 12.79 -0.22
C ARG B 48 25.81 13.63 1.04
N LEU B 49 26.91 13.46 1.79
CA LEU B 49 27.10 14.23 3.01
C LEU B 49 27.33 15.70 2.70
N ILE B 50 28.17 16.00 1.70
CA ILE B 50 28.44 17.40 1.37
C ILE B 50 27.18 18.09 0.87
N ARG B 51 26.41 17.42 0.01
CA ARG B 51 25.20 18.06 -0.49
C ARG B 51 24.20 18.31 0.63
N CYS B 52 24.17 17.45 1.65
CA CYS B 52 23.27 17.64 2.79
C CYS B 52 23.96 18.35 3.94
N GLY B 53 24.61 19.47 3.64
CA GLY B 53 25.12 20.37 4.66
C GLY B 53 26.05 19.80 5.71
N TYR B 54 27.02 18.98 5.30
CA TYR B 54 27.98 18.42 6.22
C TYR B 54 29.39 18.78 5.77
N HIS B 55 30.37 18.48 6.63
CA HIS B 55 31.78 18.65 6.32
C HIS B 55 32.46 17.33 6.59
N VAL B 56 33.12 16.77 5.59
CA VAL B 56 33.60 15.39 5.66
C VAL B 56 35.12 15.38 5.78
N VAL B 57 35.62 14.55 6.68
CA VAL B 57 37.04 14.30 6.83
C VAL B 57 37.28 12.83 6.52
N ILE B 58 38.09 12.57 5.50
CA ILE B 58 38.31 11.22 5.01
C ILE B 58 39.72 10.78 5.34
N GLY B 59 39.84 9.61 5.96
CA GLY B 59 41.13 9.03 6.30
C GLY B 59 41.45 7.87 5.36
N SER B 60 42.63 7.95 4.75
CA SER B 60 43.08 6.92 3.83
C SER B 60 44.57 6.67 4.05
N ARG B 61 45.04 5.52 3.57
CA ARG B 61 46.45 5.18 3.73
C ARG B 61 47.36 6.16 3.01
N ASN B 62 46.96 6.60 1.81
CA ASN B 62 47.76 7.51 1.00
C ASN B 62 46.90 8.71 0.59
N PRO B 63 46.86 9.75 1.41
CA PRO B 63 46.13 10.98 1.02
C PRO B 63 46.68 11.61 -0.25
N LYS B 64 47.98 11.49 -0.52
CA LYS B 64 48.54 11.98 -1.78
C LYS B 64 47.80 11.39 -2.98
N PHE B 65 47.46 10.11 -2.90
CA PHE B 65 46.84 9.45 -4.03
C PHE B 65 45.38 9.90 -4.17
N ALA B 66 44.63 9.89 -3.07
CA ALA B 66 43.19 10.08 -3.10
C ALA B 66 42.75 11.54 -2.99
N SER B 67 43.68 12.49 -2.81
CA SER B 67 43.28 13.87 -2.61
C SER B 67 42.59 14.46 -3.84
N GLU B 68 43.10 14.20 -5.04
CA GLU B 68 42.48 14.77 -6.23
C GLU B 68 41.16 14.08 -6.56
N PHE B 69 40.93 12.88 -6.03
CA PHE B 69 39.65 12.22 -6.29
C PHE B 69 38.50 13.02 -5.70
N PHE B 70 38.67 13.54 -4.51
CA PHE B 70 37.63 14.19 -3.74
C PHE B 70 37.67 15.69 -3.96
N PRO B 71 36.56 16.39 -3.76
CA PRO B 71 36.54 17.84 -4.00
C PRO B 71 37.48 18.60 -3.07
N HIS B 72 37.59 19.91 -3.29
CA HIS B 72 38.50 20.75 -2.50
C HIS B 72 37.96 21.07 -1.12
N VAL B 73 36.70 20.73 -0.83
CA VAL B 73 36.11 21.01 0.47
C VAL B 73 36.12 19.75 1.30
N VAL B 74 36.93 18.77 0.90
CA VAL B 74 37.07 17.51 1.62
C VAL B 74 38.48 17.46 2.17
N ASP B 75 38.60 17.20 3.47
CA ASP B 75 39.89 17.19 4.16
C ASP B 75 40.35 15.73 4.19
N VAL B 76 41.23 15.38 3.27
CA VAL B 76 41.76 14.02 3.16
C VAL B 76 43.12 13.97 3.86
N THR B 77 43.22 13.15 4.91
CA THR B 77 44.48 12.92 5.60
C THR B 77 44.68 11.46 5.97
N HIS B 78 45.69 11.20 6.81
CA HIS B 78 46.00 9.86 7.24
C HIS B 78 44.90 9.30 8.13
N HIS B 79 45.03 8.02 8.47
CA HIS B 79 44.10 7.41 9.42
C HIS B 79 44.19 8.08 10.79
N GLU B 80 45.40 8.35 11.26
CA GLU B 80 45.59 8.89 12.61
C GLU B 80 45.13 10.33 12.76
N ASP B 81 44.86 11.03 11.66
CA ASP B 81 44.47 12.43 11.71
C ASP B 81 42.96 12.62 11.62
N ALA B 82 42.29 11.86 10.76
CA ALA B 82 40.86 12.04 10.55
C ALA B 82 40.07 11.79 11.83
N LEU B 83 40.46 10.77 12.61
CA LEU B 83 39.71 10.43 13.81
C LEU B 83 39.75 11.56 14.84
N THR B 84 40.83 12.33 14.87
CA THR B 84 40.97 13.38 15.89
C THR B 84 39.90 14.45 15.73
N LYS B 85 39.52 14.76 14.50
CA LYS B 85 38.66 15.90 14.22
C LYS B 85 37.22 15.51 13.92
N THR B 86 36.75 14.37 14.44
CA THR B 86 35.39 13.94 14.16
C THR B 86 34.91 13.01 15.28
N ASN B 87 33.60 12.82 15.31
CA ASN B 87 32.96 11.96 16.31
C ASN B 87 32.20 10.79 15.69
N ILE B 88 31.55 10.98 14.55
CA ILE B 88 30.84 9.93 13.84
C ILE B 88 31.68 9.53 12.63
N ILE B 89 32.11 8.27 12.59
CA ILE B 89 33.02 7.78 11.57
C ILE B 89 32.37 6.62 10.83
N PHE B 90 32.28 6.75 9.51
CA PHE B 90 31.77 5.68 8.65
C PHE B 90 32.92 4.74 8.32
N VAL B 91 32.83 3.49 8.79
CA VAL B 91 33.87 2.49 8.49
C VAL B 91 33.49 1.89 7.15
N ALA B 92 33.89 2.57 6.08
CA ALA B 92 33.54 2.18 4.72
C ALA B 92 34.66 1.34 4.09
N ILE B 93 34.99 0.25 4.76
CA ILE B 93 35.96 -0.72 4.26
C ILE B 93 35.36 -2.11 4.42
N HIS B 94 35.96 -3.06 3.70
CA HIS B 94 35.46 -4.43 3.74
C HIS B 94 35.82 -5.10 5.06
N ARG B 95 35.08 -6.16 5.38
CA ARG B 95 35.24 -6.80 6.69
C ARG B 95 36.64 -7.37 6.86
N GLU B 96 37.18 -8.01 5.83
CA GLU B 96 38.47 -8.66 5.95
C GLU B 96 39.61 -7.68 6.19
N HIS B 97 39.37 -6.37 6.01
CA HIS B 97 40.37 -5.34 6.26
C HIS B 97 40.18 -4.65 7.60
N TYR B 98 39.21 -5.10 8.42
CA TYR B 98 38.98 -4.45 9.71
C TYR B 98 40.22 -4.49 10.58
N THR B 99 40.98 -5.59 10.52
CA THR B 99 42.18 -5.69 11.33
C THR B 99 43.25 -4.69 10.93
N SER B 100 43.11 -4.04 9.76
CA SER B 100 44.01 -2.96 9.40
C SER B 100 43.80 -1.73 10.26
N LEU B 101 42.71 -1.66 11.02
CA LEU B 101 42.44 -0.57 11.95
C LEU B 101 42.83 -0.93 13.38
N TRP B 102 43.57 -2.03 13.57
CA TRP B 102 43.91 -2.47 14.92
C TRP B 102 44.77 -1.44 15.63
N ASP B 103 45.69 -0.80 14.90
CA ASP B 103 46.55 0.21 15.53
C ASP B 103 45.76 1.42 15.99
N LEU B 104 44.60 1.68 15.37
CA LEU B 104 43.76 2.81 15.74
C LEU B 104 42.73 2.39 16.78
N ARG B 105 43.23 1.80 17.86
CA ARG B 105 42.35 1.31 18.90
C ARG B 105 42.10 2.37 19.97
N HIS B 106 43.16 3.06 20.39
CA HIS B 106 43.02 4.08 21.43
C HIS B 106 42.55 5.42 20.86
N LEU B 107 42.59 5.61 19.54
CA LEU B 107 42.00 6.81 18.96
C LEU B 107 40.50 6.66 18.78
N LEU B 108 40.04 5.44 18.53
CA LEU B 108 38.61 5.16 18.38
C LEU B 108 37.99 4.77 19.72
N VAL B 109 38.09 5.69 20.67
CA VAL B 109 37.55 5.50 22.01
C VAL B 109 36.36 6.44 22.16
N GLY B 110 35.18 5.87 22.32
CA GLY B 110 33.98 6.65 22.49
C GLY B 110 33.45 7.28 21.23
N LYS B 111 34.01 6.95 20.07
CA LYS B 111 33.58 7.52 18.80
C LYS B 111 32.61 6.56 18.12
N ILE B 112 31.49 7.08 17.68
CA ILE B 112 30.50 6.26 16.98
C ILE B 112 31.12 5.78 15.67
N LEU B 113 31.09 4.48 15.45
CA LEU B 113 31.55 3.86 14.22
C LEU B 113 30.36 3.24 13.52
N ILE B 114 29.95 3.83 12.41
CA ILE B 114 28.86 3.29 11.61
C ILE B 114 29.43 2.26 10.66
N ASP B 115 29.02 1.02 10.83
CA ASP B 115 29.45 -0.09 9.99
C ASP B 115 28.50 -0.21 8.81
N VAL B 116 29.02 0.02 7.60
CA VAL B 116 28.24 -0.01 6.38
C VAL B 116 28.54 -1.25 5.55
N SER B 117 29.32 -2.18 6.08
CA SER B 117 29.82 -3.28 5.28
C SER B 117 28.73 -4.28 4.94
N ASN B 118 28.98 -5.05 3.89
CA ASN B 118 28.08 -6.11 3.43
C ASN B 118 28.89 -7.35 3.11
N ASN B 119 28.25 -8.50 3.21
CA ASN B 119 28.89 -9.76 2.86
C ASN B 119 28.50 -10.18 1.45
N MET B 120 29.29 -11.09 0.89
CA MET B 120 29.04 -11.61 -0.44
C MET B 120 28.16 -12.86 -0.43
N ARG B 121 27.81 -13.36 0.76
CA ARG B 121 27.05 -14.59 0.88
C ARG B 121 26.31 -14.58 2.20
N ILE B 122 25.10 -15.15 2.20
CA ILE B 122 24.30 -15.21 3.41
C ILE B 122 24.97 -16.12 4.43
N ASN B 123 25.08 -15.65 5.67
CA ASN B 123 25.68 -16.41 6.76
C ASN B 123 27.12 -16.81 6.43
N GLN B 124 27.90 -15.86 5.93
CA GLN B 124 29.29 -16.14 5.57
C GLN B 124 30.16 -16.34 6.80
N TYR B 125 29.90 -15.60 7.87
CA TYR B 125 30.75 -15.60 9.05
C TYR B 125 29.95 -15.93 10.29
N PRO B 126 30.60 -16.49 11.32
CA PRO B 126 29.85 -16.86 12.54
C PRO B 126 29.14 -15.69 13.19
N GLU B 127 29.75 -14.52 13.23
CA GLU B 127 29.15 -13.33 13.81
C GLU B 127 29.01 -12.25 12.73
N SER B 128 27.99 -11.41 12.89
CA SER B 128 27.76 -10.37 11.91
C SER B 128 28.91 -9.37 11.89
N ASN B 129 28.95 -8.55 10.85
CA ASN B 129 30.03 -7.59 10.68
C ASN B 129 30.07 -6.59 11.83
N ALA B 130 28.89 -6.10 12.24
CA ALA B 130 28.84 -5.12 13.32
C ALA B 130 29.34 -5.71 14.63
N GLU B 131 28.95 -6.95 14.94
CA GLU B 131 29.41 -7.58 16.17
C GLU B 131 30.90 -7.85 16.13
N TYR B 132 31.43 -8.24 14.97
CA TYR B 132 32.88 -8.43 14.84
C TYR B 132 33.62 -7.11 15.06
N LEU B 133 33.11 -6.03 14.48
CA LEU B 133 33.71 -4.72 14.71
C LEU B 133 33.65 -4.33 16.18
N ALA B 134 32.52 -4.59 16.83
CA ALA B 134 32.38 -4.26 18.24
C ALA B 134 33.38 -5.05 19.08
N SER B 135 33.57 -6.33 18.76
CA SER B 135 34.58 -7.12 19.46
C SER B 135 35.97 -6.58 19.20
N LEU B 136 36.23 -6.08 17.98
CA LEU B 136 37.52 -5.48 17.69
C LEU B 136 37.77 -4.23 18.52
N PHE B 137 36.75 -3.38 18.67
CA PHE B 137 36.87 -2.10 19.37
C PHE B 137 35.85 -2.10 20.51
N PRO B 138 36.21 -2.65 21.67
CA PRO B 138 35.25 -2.69 22.79
C PRO B 138 34.85 -1.32 23.29
N ASP B 139 35.76 -0.34 23.24
CA ASP B 139 35.51 0.97 23.82
C ASP B 139 34.71 1.90 22.92
N SER B 140 34.56 1.57 21.65
CA SER B 140 33.81 2.42 20.73
C SER B 140 32.33 2.09 20.80
N LEU B 141 31.53 2.87 20.07
CA LEU B 141 30.08 2.68 20.00
C LEU B 141 29.77 2.29 18.56
N ILE B 142 29.51 1.02 18.33
CA ILE B 142 29.32 0.51 16.98
C ILE B 142 27.84 0.58 16.63
N VAL B 143 27.53 1.19 15.50
CA VAL B 143 26.16 1.32 15.01
C VAL B 143 26.11 0.73 13.61
N LYS B 144 25.19 -0.21 13.39
CA LYS B 144 25.00 -0.81 12.09
C LYS B 144 24.00 0.01 11.29
N GLY B 145 24.32 0.26 10.02
CA GLY B 145 23.40 1.00 9.18
C GLY B 145 24.04 1.35 7.85
N PHE B 146 23.18 1.83 6.95
CA PHE B 146 23.56 2.36 5.65
C PHE B 146 24.14 1.31 4.71
N ASN B 147 23.96 0.03 5.01
CA ASN B 147 24.44 -1.00 4.09
C ASN B 147 23.48 -1.25 2.94
N VAL B 148 22.20 -0.93 3.11
CA VAL B 148 21.21 -1.24 2.08
C VAL B 148 21.40 -0.37 0.85
N VAL B 149 21.75 0.91 1.05
CA VAL B 149 21.93 1.81 -0.09
C VAL B 149 23.13 1.36 -0.91
N SER B 150 23.09 1.66 -2.21
CA SER B 150 23.93 0.98 -3.19
C SER B 150 25.05 1.87 -3.73
N ALA B 151 25.42 2.93 -3.02
CA ALA B 151 26.49 3.84 -3.43
C ALA B 151 26.16 4.52 -4.76
N TRP B 152 24.96 4.25 -5.27
CA TRP B 152 24.38 4.99 -6.38
C TRP B 152 23.08 5.68 -5.99
N ALA B 153 22.36 5.11 -5.03
CA ALA B 153 21.25 5.83 -4.43
C ALA B 153 21.75 6.94 -3.51
N LEU B 154 22.93 6.78 -2.94
CA LEU B 154 23.55 7.88 -2.20
C LEU B 154 23.86 9.05 -3.11
N GLN B 155 24.38 8.75 -4.30
CA GLN B 155 24.71 9.82 -5.25
C GLN B 155 23.45 10.52 -5.76
N LEU B 156 22.39 9.75 -6.04
CA LEU B 156 21.16 10.32 -6.54
C LEU B 156 20.35 10.92 -5.38
N GLY B 157 19.15 11.37 -5.68
CA GLY B 157 18.24 11.86 -4.68
C GLY B 157 17.38 10.74 -4.13
N PRO B 158 16.15 11.06 -3.75
CA PRO B 158 15.24 10.01 -3.28
C PRO B 158 15.00 8.96 -4.36
N LYS B 159 14.98 7.70 -3.93
CA LYS B 159 14.81 6.57 -4.84
C LYS B 159 13.71 5.67 -4.30
N ASP B 160 13.00 5.00 -5.21
CA ASP B 160 11.76 4.33 -4.84
C ASP B 160 11.99 3.00 -4.13
N ALA B 161 13.21 2.50 -4.09
CA ALA B 161 13.54 1.31 -3.31
C ALA B 161 14.55 1.59 -2.21
N SER B 162 15.56 2.41 -2.50
CA SER B 162 16.59 2.72 -1.52
C SER B 162 16.30 4.07 -0.85
N ARG B 163 15.19 4.09 -0.12
CA ARG B 163 14.88 5.23 0.75
C ARG B 163 14.66 4.84 2.20
N GLN B 164 14.79 3.56 2.54
CA GLN B 164 14.69 3.11 3.92
C GLN B 164 16.03 2.55 4.35
N VAL B 165 16.53 3.01 5.49
CA VAL B 165 17.81 2.56 6.04
C VAL B 165 17.54 2.01 7.43
N TYR B 166 18.09 0.83 7.70
CA TYR B 166 17.87 0.14 8.96
C TYR B 166 19.09 0.32 9.85
N ILE B 167 18.84 0.68 11.11
CA ILE B 167 19.90 1.06 12.05
C ILE B 167 19.76 0.23 13.31
N CYS B 168 20.87 -0.35 13.76
CA CYS B 168 20.89 -1.22 14.93
C CYS B 168 22.13 -0.92 15.75
N SER B 169 21.93 -0.56 17.02
CA SER B 169 23.04 -0.35 17.94
C SER B 169 22.63 -0.75 19.34
N ASN B 170 23.57 -1.30 20.10
CA ASN B 170 23.28 -1.64 21.49
C ASN B 170 23.41 -0.46 22.43
N ASN B 171 23.78 0.71 21.92
CA ASN B 171 23.84 1.95 22.68
C ASN B 171 22.76 2.89 22.16
N ILE B 172 21.91 3.37 23.07
CA ILE B 172 20.74 4.15 22.66
C ILE B 172 21.17 5.48 22.07
N GLN B 173 22.08 6.19 22.76
CA GLN B 173 22.43 7.55 22.35
C GLN B 173 23.10 7.56 20.98
N ALA B 174 24.07 6.67 20.76
CA ALA B 174 24.71 6.59 19.45
C ALA B 174 23.72 6.20 18.37
N ARG B 175 22.79 5.29 18.70
CA ARG B 175 21.78 4.90 17.72
C ARG B 175 20.91 6.08 17.32
N GLN B 176 20.51 6.91 18.29
CA GLN B 176 19.71 8.09 17.96
C GLN B 176 20.52 9.12 17.17
N GLN B 177 21.81 9.25 17.48
CA GLN B 177 22.65 10.15 16.70
C GLN B 177 22.74 9.70 15.25
N VAL B 178 22.92 8.40 15.03
CA VAL B 178 22.99 7.88 13.67
C VAL B 178 21.64 8.00 12.97
N ILE B 179 20.55 7.83 13.71
CA ILE B 179 19.22 8.00 13.12
C ILE B 179 19.02 9.44 12.68
N GLU B 180 19.44 10.40 13.50
CA GLU B 180 19.37 11.80 13.11
C GLU B 180 20.22 12.07 11.87
N LEU B 181 21.42 11.49 11.83
CA LEU B 181 22.27 11.63 10.65
C LEU B 181 21.57 11.10 9.41
N ALA B 182 20.91 9.94 9.52
CA ALA B 182 20.17 9.41 8.38
C ALA B 182 19.03 10.33 7.99
N ARG B 183 18.38 10.96 8.98
CA ARG B 183 17.32 11.91 8.67
C ARG B 183 17.84 13.10 7.89
N GLN B 184 18.99 13.64 8.28
CA GLN B 184 19.57 14.76 7.55
C GLN B 184 20.01 14.37 6.15
N LEU B 185 20.25 13.09 5.89
CA LEU B 185 20.65 12.62 4.57
C LEU B 185 19.46 12.18 3.72
N ASN B 186 18.28 12.72 4.01
CA ASN B 186 17.08 12.49 3.19
C ASN B 186 16.72 11.00 3.12
N PHE B 187 16.95 10.30 4.22
CA PHE B 187 16.58 8.89 4.34
C PHE B 187 15.45 8.74 5.35
N ILE B 188 14.98 7.51 5.50
CA ILE B 188 13.95 7.17 6.46
C ILE B 188 14.53 6.17 7.45
N PRO B 189 15.01 6.64 8.60
CA PRO B 189 15.65 5.74 9.56
C PRO B 189 14.66 4.72 10.12
N ILE B 190 15.13 3.49 10.26
CA ILE B 190 14.34 2.41 10.86
C ILE B 190 15.18 1.78 11.97
N ASP B 191 14.67 1.80 13.19
CA ASP B 191 15.37 1.27 14.34
C ASP B 191 14.93 -0.16 14.59
N LEU B 192 15.89 -1.07 14.78
CA LEU B 192 15.57 -2.48 14.90
C LEU B 192 16.23 -3.19 16.08
N GLY B 193 16.88 -2.49 17.00
CA GLY B 193 17.38 -3.18 18.17
C GLY B 193 18.79 -2.86 18.61
N SER B 194 19.51 -3.90 19.05
CA SER B 194 20.76 -3.74 19.79
C SER B 194 21.84 -4.67 19.25
N LEU B 195 22.05 -4.64 17.93
CA LEU B 195 23.01 -5.48 17.19
C LEU B 195 22.61 -6.94 17.15
N SER B 196 21.54 -7.34 17.84
CA SER B 196 20.99 -8.67 17.60
C SER B 196 20.31 -8.75 16.25
N SER B 197 19.97 -7.60 15.67
CA SER B 197 19.35 -7.51 14.35
C SER B 197 20.37 -7.22 13.25
N ALA B 198 21.67 -7.20 13.58
CA ALA B 198 22.68 -6.89 12.59
C ALA B 198 22.72 -7.95 11.49
N ARG B 199 22.59 -9.22 11.87
CA ARG B 199 22.57 -10.29 10.88
C ARG B 199 21.40 -10.14 9.92
N GLU B 200 20.24 -9.74 10.44
CA GLU B 200 19.07 -9.60 9.59
C GLU B 200 19.29 -8.52 8.53
N ILE B 201 19.83 -7.37 8.93
CA ILE B 201 20.01 -6.28 7.97
C ILE B 201 21.32 -6.39 7.20
N GLU B 202 22.15 -7.39 7.50
CA GLU B 202 23.23 -7.75 6.59
C GLU B 202 22.77 -8.76 5.55
N ASN B 203 21.86 -9.66 5.91
CA ASN B 203 21.28 -10.59 4.96
C ASN B 203 20.23 -9.93 4.07
N LEU B 204 19.65 -8.82 4.51
CA LEU B 204 18.61 -8.16 3.72
C LEU B 204 19.08 -7.71 2.35
N PRO B 205 20.23 -7.06 2.19
CA PRO B 205 20.64 -6.66 0.82
C PRO B 205 20.94 -7.84 -0.10
N LEU B 206 21.12 -9.03 0.44
CA LEU B 206 21.54 -10.19 -0.35
C LEU B 206 20.39 -11.07 -0.80
N ARG B 207 19.20 -10.89 -0.25
CA ARG B 207 18.08 -11.76 -0.57
C ARG B 207 17.39 -11.31 -1.86
N LEU B 208 17.02 -12.28 -2.68
CA LEU B 208 16.33 -12.03 -3.95
C LEU B 208 15.15 -12.99 -4.02
N PHE B 209 14.02 -12.59 -3.46
CA PHE B 209 12.79 -13.37 -3.45
C PHE B 209 13.05 -14.77 -2.89
N THR B 210 13.53 -14.80 -1.65
CA THR B 210 13.86 -16.08 -1.02
C THR B 210 12.61 -16.93 -0.81
N LEU B 211 11.50 -16.31 -0.40
CA LEU B 211 10.29 -17.04 -0.12
C LEU B 211 9.49 -17.39 -1.37
N TRP B 212 9.83 -16.80 -2.52
CA TRP B 212 9.12 -17.08 -3.75
C TRP B 212 9.72 -18.25 -4.54
N ARG B 213 10.93 -18.68 -4.19
CA ARG B 213 11.58 -19.74 -4.95
C ARG B 213 10.81 -21.04 -4.88
N GLY B 214 10.39 -21.43 -3.68
CA GLY B 214 9.67 -22.66 -3.49
C GLY B 214 8.33 -22.68 -4.20
N PRO B 215 7.49 -21.66 -3.95
CA PRO B 215 6.23 -21.57 -4.68
C PRO B 215 6.40 -21.51 -6.19
N VAL B 216 7.41 -20.80 -6.69
CA VAL B 216 7.61 -20.72 -8.13
C VAL B 216 8.01 -22.07 -8.70
N VAL B 217 8.90 -22.78 -8.02
CA VAL B 217 9.30 -24.12 -8.47
C VAL B 217 8.11 -25.06 -8.44
N VAL B 218 7.27 -24.96 -7.41
CA VAL B 218 6.09 -25.82 -7.33
C VAL B 218 5.13 -25.51 -8.47
N ALA B 219 4.91 -24.23 -8.76
CA ALA B 219 4.03 -23.85 -9.85
C ALA B 219 4.57 -24.34 -11.19
N ILE B 220 5.87 -24.21 -11.41
CA ILE B 220 6.46 -24.69 -12.67
C ILE B 220 6.33 -26.19 -12.78
N SER B 221 6.56 -26.91 -11.68
CA SER B 221 6.42 -28.36 -11.70
C SER B 221 4.98 -28.78 -12.02
N LEU B 222 4.01 -28.14 -11.38
CA LEU B 222 2.61 -28.45 -11.66
C LEU B 222 2.26 -28.15 -13.11
N ALA B 223 2.70 -27.00 -13.61
CA ALA B 223 2.40 -26.63 -14.99
C ALA B 223 3.02 -27.62 -15.97
N THR B 224 4.26 -28.03 -15.74
CA THR B 224 4.90 -29.00 -16.62
C THR B 224 4.18 -30.34 -16.56
N PHE B 225 3.83 -30.81 -15.37
CA PHE B 225 3.16 -32.09 -15.25
C PHE B 225 1.81 -32.07 -15.96
N PHE B 226 1.02 -31.01 -15.76
CA PHE B 226 -0.29 -30.95 -16.40
C PHE B 226 -0.17 -30.74 -17.90
N PHE B 227 0.84 -30.01 -18.35
CA PHE B 227 1.08 -29.89 -19.78
C PHE B 227 1.38 -31.25 -20.39
N LEU B 228 2.23 -32.04 -19.75
CA LEU B 228 2.56 -33.35 -20.28
C LEU B 228 1.36 -34.29 -20.21
N TYR B 229 0.55 -34.17 -19.15
CA TYR B 229 -0.65 -34.99 -19.02
C TYR B 229 -1.63 -34.69 -20.15
N SER B 230 -1.88 -33.41 -20.42
CA SER B 230 -2.76 -33.04 -21.52
C SER B 230 -2.17 -33.46 -22.86
N PHE B 231 -0.86 -33.32 -23.03
CA PHE B 231 -0.22 -33.73 -24.28
C PHE B 231 -0.39 -35.22 -24.53
N VAL B 232 -0.22 -36.04 -23.49
CA VAL B 232 -0.37 -37.47 -23.64
C VAL B 232 -1.83 -37.84 -23.88
N ARG B 233 -2.75 -37.24 -23.13
CA ARG B 233 -4.15 -37.62 -23.23
C ARG B 233 -4.84 -36.95 -24.41
N ASP B 234 -4.80 -35.63 -24.47
CA ASP B 234 -5.62 -34.89 -25.43
C ASP B 234 -5.08 -35.00 -26.86
N VAL B 235 -3.75 -34.97 -27.02
CA VAL B 235 -3.16 -34.87 -28.35
C VAL B 235 -2.61 -36.22 -28.80
N ILE B 236 -1.66 -36.77 -28.06
CA ILE B 236 -0.92 -37.94 -28.52
C ILE B 236 -1.85 -39.14 -28.69
N HIS B 237 -2.75 -39.37 -27.72
CA HIS B 237 -3.64 -40.52 -27.83
C HIS B 237 -4.50 -40.48 -29.08
N PRO B 238 -5.15 -39.38 -29.46
CA PRO B 238 -5.81 -39.31 -30.78
C PRO B 238 -4.93 -38.79 -31.90
N TYR B 239 -3.61 -38.63 -31.68
CA TYR B 239 -2.75 -38.14 -32.74
C TYR B 239 -2.72 -39.10 -33.93
N ALA B 240 -2.65 -40.40 -33.65
CA ALA B 240 -2.74 -41.38 -34.72
C ALA B 240 -4.12 -41.33 -35.39
N ARG B 241 -5.15 -40.96 -34.64
CA ARG B 241 -6.49 -40.90 -35.21
C ARG B 241 -6.63 -39.74 -36.19
N ASN B 242 -6.11 -38.57 -35.82
CA ASN B 242 -6.30 -37.36 -36.62
C ASN B 242 -5.01 -36.84 -37.24
N GLN B 243 -4.00 -36.54 -36.42
CA GLN B 243 -2.74 -35.95 -36.88
C GLN B 243 -2.99 -34.69 -37.71
N GLN B 244 -3.60 -33.69 -37.06
CA GLN B 244 -3.98 -32.45 -37.73
C GLN B 244 -3.11 -31.27 -37.34
N SER B 245 -2.00 -31.48 -36.66
CA SER B 245 -1.16 -30.40 -36.17
C SER B 245 0.28 -30.54 -36.64
N ASP B 246 0.95 -29.40 -36.77
CA ASP B 246 2.35 -29.34 -37.18
C ASP B 246 3.05 -28.27 -36.33
N PHE B 247 4.25 -27.88 -36.76
CA PHE B 247 4.99 -26.87 -36.00
C PHE B 247 4.36 -25.50 -36.15
N TYR B 248 3.51 -25.31 -37.16
CA TYR B 248 2.69 -24.10 -37.22
C TYR B 248 1.49 -24.20 -36.29
N LYS B 249 1.49 -25.21 -35.42
CA LYS B 249 0.51 -25.30 -34.34
C LYS B 249 1.24 -25.26 -33.00
N ILE B 250 0.52 -24.85 -31.96
CA ILE B 250 1.09 -24.84 -30.62
C ILE B 250 0.05 -25.37 -29.63
N PRO B 251 0.50 -26.05 -28.60
CA PRO B 251 -0.38 -26.46 -27.49
C PRO B 251 -0.63 -25.32 -26.51
N ILE B 252 -1.36 -24.31 -26.96
CA ILE B 252 -1.86 -23.28 -26.06
C ILE B 252 -3.37 -23.39 -25.88
N GLU B 253 -4.00 -24.36 -26.51
CA GLU B 253 -5.17 -24.97 -25.91
C GLU B 253 -4.82 -25.71 -24.64
N ILE B 254 -3.63 -26.33 -24.59
CA ILE B 254 -3.15 -26.99 -23.39
C ILE B 254 -2.75 -26.03 -22.29
N VAL B 255 -2.10 -24.90 -22.60
CA VAL B 255 -1.82 -23.92 -21.53
C VAL B 255 -3.12 -23.31 -21.00
N ASN B 256 -4.15 -23.20 -21.85
CA ASN B 256 -5.46 -22.77 -21.40
C ASN B 256 -6.09 -23.78 -20.45
N LYS B 257 -5.73 -25.05 -20.58
CA LYS B 257 -6.16 -26.08 -19.63
C LYS B 257 -5.16 -26.28 -18.50
N THR B 258 -4.03 -25.59 -18.53
CA THR B 258 -2.98 -25.79 -17.54
C THR B 258 -2.96 -24.67 -16.51
N LEU B 259 -3.15 -23.43 -16.95
CA LEU B 259 -3.20 -22.30 -16.01
C LEU B 259 -4.28 -22.46 -14.94
N PRO B 260 -5.53 -22.81 -15.27
CA PRO B 260 -6.55 -22.88 -14.22
C PRO B 260 -6.27 -23.97 -13.20
N ILE B 261 -5.84 -25.14 -13.67
CA ILE B 261 -5.55 -26.24 -12.76
C ILE B 261 -4.42 -25.89 -11.83
N VAL B 262 -3.39 -25.22 -12.35
CA VAL B 262 -2.28 -24.80 -11.51
C VAL B 262 -2.75 -23.81 -10.47
N ALA B 263 -3.61 -22.86 -10.86
CA ALA B 263 -4.11 -21.88 -9.89
C ALA B 263 -4.89 -22.55 -8.77
N ILE B 264 -5.82 -23.45 -9.13
CA ILE B 264 -6.64 -24.08 -8.10
C ILE B 264 -5.79 -25.02 -7.23
N THR B 265 -4.79 -25.67 -7.81
CA THR B 265 -3.92 -26.54 -7.03
C THR B 265 -3.07 -25.71 -6.07
N LEU B 266 -2.63 -24.53 -6.50
CA LEU B 266 -1.88 -23.66 -5.60
C LEU B 266 -2.75 -23.20 -4.43
N LEU B 267 -4.02 -22.89 -4.69
CA LEU B 267 -4.93 -22.56 -3.59
C LEU B 267 -5.09 -23.74 -2.63
N SER B 268 -5.27 -24.94 -3.18
CA SER B 268 -5.40 -26.13 -2.35
C SER B 268 -4.16 -26.34 -1.50
N LEU B 269 -2.97 -26.08 -2.06
CA LEU B 269 -1.75 -26.19 -1.28
C LEU B 269 -1.65 -25.10 -0.24
N VAL B 270 -2.23 -23.93 -0.51
CA VAL B 270 -2.26 -22.86 0.49
C VAL B 270 -3.00 -23.33 1.74
N TYR B 271 -4.12 -24.03 1.54
CA TYR B 271 -4.93 -24.38 2.71
C TYR B 271 -4.62 -25.77 3.29
N LEU B 272 -3.99 -26.65 2.53
CA LEU B 272 -3.58 -27.93 3.07
C LEU B 272 -2.52 -27.76 4.15
N ALA B 273 -1.74 -26.68 4.10
CA ALA B 273 -0.76 -26.41 5.15
C ALA B 273 -1.45 -26.18 6.48
N GLY B 274 -2.52 -25.38 6.48
CA GLY B 274 -3.28 -25.19 7.71
C GLY B 274 -3.93 -26.47 8.18
N LEU B 275 -4.47 -27.26 7.25
CA LEU B 275 -5.04 -28.54 7.64
C LEU B 275 -4.01 -29.44 8.31
N LEU B 276 -2.80 -29.49 7.76
CA LEU B 276 -1.77 -30.35 8.31
C LEU B 276 -1.26 -29.84 9.64
N ALA B 277 -1.20 -28.52 9.81
CA ALA B 277 -0.84 -27.96 11.10
C ALA B 277 -1.87 -28.35 12.17
N ALA B 278 -3.15 -28.28 11.82
CA ALA B 278 -4.19 -28.72 12.75
C ALA B 278 -4.05 -30.19 13.07
N ALA B 279 -3.76 -31.01 12.06
CA ALA B 279 -3.59 -32.44 12.31
C ALA B 279 -2.43 -32.71 13.26
N TYR B 280 -1.31 -32.03 13.05
CA TYR B 280 -0.16 -32.21 13.94
C TYR B 280 -0.48 -31.75 15.36
N GLN B 281 -1.17 -30.62 15.50
CA GLN B 281 -1.54 -30.15 16.83
C GLN B 281 -2.44 -31.14 17.54
N LEU B 282 -3.46 -31.66 16.84
CA LEU B 282 -4.34 -32.64 17.46
C LEU B 282 -3.60 -33.92 17.82
N TYR B 283 -2.69 -34.38 16.96
CA TYR B 283 -1.97 -35.61 17.25
C TYR B 283 -1.06 -35.45 18.45
N TYR B 284 -0.25 -34.38 18.48
CA TYR B 284 0.67 -34.18 19.59
C TYR B 284 -0.04 -33.78 20.86
N GLY B 285 -1.14 -33.03 20.74
CA GLY B 285 -1.89 -32.58 21.89
C GLY B 285 -1.52 -31.19 22.38
N THR B 286 -0.53 -30.54 21.77
CA THR B 286 -0.10 -29.22 22.19
C THR B 286 0.24 -28.38 20.97
N LYS B 287 0.20 -27.06 21.14
CA LYS B 287 0.70 -26.13 20.15
C LYS B 287 2.11 -25.66 20.48
N TYR B 288 2.66 -26.11 21.60
CA TYR B 288 3.99 -25.71 22.04
C TYR B 288 5.06 -26.64 21.52
N ARG B 289 4.78 -27.38 20.46
CA ARG B 289 5.73 -28.26 19.81
C ARG B 289 6.04 -27.72 18.42
N ARG B 290 7.31 -27.64 18.07
CA ARG B 290 7.69 -27.12 16.77
C ARG B 290 7.26 -28.06 15.66
N PHE B 291 6.73 -27.49 14.59
CA PHE B 291 6.33 -28.27 13.44
C PHE B 291 7.56 -28.83 12.73
N PRO B 292 7.40 -29.89 11.94
CA PRO B 292 8.53 -30.37 11.15
C PRO B 292 9.02 -29.29 10.21
N PRO B 293 10.32 -29.27 9.90
CA PRO B 293 10.87 -28.16 9.11
C PRO B 293 10.17 -27.95 7.78
N TRP B 294 9.77 -29.04 7.11
CA TRP B 294 9.04 -28.89 5.86
C TRP B 294 7.69 -28.22 6.08
N LEU B 295 7.01 -28.58 7.17
CA LEU B 295 5.73 -27.92 7.47
C LEU B 295 5.93 -26.46 7.82
N GLU B 296 7.02 -26.13 8.51
CA GLU B 296 7.28 -24.72 8.82
C GLU B 296 7.53 -23.92 7.55
N THR B 297 8.35 -24.44 6.64
CA THR B 297 8.60 -23.76 5.38
C THR B 297 7.32 -23.64 4.56
N TRP B 298 6.49 -24.69 4.57
CA TRP B 298 5.21 -24.63 3.87
C TRP B 298 4.32 -23.53 4.45
N LEU B 299 4.26 -23.44 5.78
CA LEU B 299 3.42 -22.43 6.41
C LEU B 299 3.94 -21.02 6.15
N GLN B 300 5.26 -20.84 6.08
CA GLN B 300 5.80 -19.50 5.89
C GLN B 300 5.50 -18.94 4.51
N CYS B 301 5.48 -19.79 3.49
CA CYS B 301 5.31 -19.35 2.11
C CYS B 301 3.86 -19.43 1.64
N ARG B 302 2.89 -19.44 2.55
CA ARG B 302 1.49 -19.52 2.14
C ARG B 302 1.07 -18.27 1.37
N LYS B 303 1.59 -17.11 1.77
CA LYS B 303 1.27 -15.87 1.07
C LYS B 303 1.74 -15.91 -0.38
N GLN B 304 2.96 -16.40 -0.60
CA GLN B 304 3.50 -16.48 -1.95
C GLN B 304 2.71 -17.47 -2.81
N LEU B 305 2.36 -18.61 -2.24
CA LEU B 305 1.54 -19.58 -2.97
C LEU B 305 0.19 -18.98 -3.32
N GLY B 306 -0.43 -18.26 -2.38
CA GLY B 306 -1.72 -17.66 -2.65
C GLY B 306 -1.65 -16.59 -3.73
N LEU B 307 -0.59 -15.77 -3.70
CA LEU B 307 -0.45 -14.73 -4.72
C LEU B 307 -0.17 -15.33 -6.09
N LEU B 308 0.61 -16.42 -6.13
CA LEU B 308 0.81 -17.13 -7.40
C LEU B 308 -0.51 -17.70 -7.91
N SER B 309 -1.32 -18.26 -7.01
CA SER B 309 -2.63 -18.77 -7.41
C SER B 309 -3.51 -17.65 -7.96
N PHE B 310 -3.50 -16.49 -7.31
CA PHE B 310 -4.29 -15.37 -7.80
C PHE B 310 -3.81 -14.90 -9.16
N PHE B 311 -2.49 -14.82 -9.36
CA PHE B 311 -1.94 -14.41 -10.64
C PHE B 311 -2.32 -15.38 -11.74
N PHE B 312 -2.23 -16.68 -11.47
CA PHE B 312 -2.60 -17.67 -12.48
C PHE B 312 -4.09 -17.68 -12.74
N ALA B 313 -4.91 -17.45 -11.72
CA ALA B 313 -6.35 -17.34 -11.94
C ALA B 313 -6.68 -16.14 -12.80
N MET B 314 -6.00 -15.02 -12.59
CA MET B 314 -6.24 -13.84 -13.41
C MET B 314 -5.80 -14.07 -14.85
N VAL B 315 -4.68 -14.77 -15.04
CA VAL B 315 -4.26 -15.10 -16.41
C VAL B 315 -5.26 -16.02 -17.06
N HIS B 316 -5.81 -16.98 -16.31
CA HIS B 316 -6.86 -17.82 -16.84
C HIS B 316 -8.10 -17.02 -17.23
N VAL B 317 -8.49 -16.06 -16.40
CA VAL B 317 -9.64 -15.22 -16.74
C VAL B 317 -9.37 -14.47 -18.03
N ALA B 318 -8.15 -13.93 -18.18
CA ALA B 318 -7.81 -13.21 -19.39
C ALA B 318 -7.86 -14.11 -20.62
N TYR B 319 -7.35 -15.33 -20.51
CA TYR B 319 -7.42 -16.27 -21.62
C TYR B 319 -8.86 -16.63 -21.95
N SER B 320 -9.67 -16.93 -20.93
CA SER B 320 -11.05 -17.31 -21.17
C SER B 320 -11.88 -16.17 -21.72
N LEU B 321 -11.46 -14.93 -21.51
CA LEU B 321 -12.16 -13.80 -22.11
C LEU B 321 -11.69 -13.54 -23.53
N CYS B 322 -10.37 -13.41 -23.74
CA CYS B 322 -9.84 -13.00 -25.02
C CYS B 322 -9.91 -14.09 -26.09
N LEU B 323 -9.54 -15.33 -25.75
CA LEU B 323 -9.44 -16.37 -26.77
C LEU B 323 -10.80 -16.88 -27.24
N PRO B 324 -11.73 -17.32 -26.38
CA PRO B 324 -12.97 -17.89 -26.92
C PRO B 324 -13.82 -16.91 -27.70
N MET B 325 -13.57 -15.61 -27.56
CA MET B 325 -14.45 -14.64 -28.20
C MET B 325 -13.80 -14.00 -29.41
N ARG B 326 -12.57 -14.39 -29.72
CA ARG B 326 -11.80 -13.81 -30.82
C ARG B 326 -12.55 -13.89 -32.15
N ARG B 327 -12.13 -13.06 -33.10
CA ARG B 327 -12.77 -13.04 -34.41
C ARG B 327 -12.63 -14.37 -35.12
N SER B 328 -11.57 -15.11 -34.82
CA SER B 328 -11.39 -16.43 -35.42
C SER B 328 -12.33 -17.47 -34.80
N GLU B 329 -12.74 -17.26 -33.54
CA GLU B 329 -13.68 -18.19 -32.92
C GLU B 329 -15.04 -18.09 -33.60
N ARG B 330 -15.31 -16.98 -34.28
CA ARG B 330 -16.53 -16.85 -35.07
C ARG B 330 -16.48 -17.67 -36.35
N TYR B 331 -15.30 -18.11 -36.78
CA TYR B 331 -15.16 -18.92 -37.98
C TYR B 331 -15.78 -20.29 -37.79
N ASN B 350 -30.38 -25.92 -26.44
CA ASN B 350 -30.00 -26.60 -25.21
C ASN B 350 -30.13 -25.65 -24.02
N GLU B 351 -31.29 -25.68 -23.37
CA GLU B 351 -31.57 -24.74 -22.30
C GLU B 351 -30.80 -25.10 -21.03
N GLU B 352 -30.70 -26.39 -20.71
CA GLU B 352 -29.94 -26.81 -19.54
C GLU B 352 -28.46 -26.50 -19.71
N GLU B 353 -27.99 -26.43 -20.96
CA GLU B 353 -26.62 -26.00 -21.19
C GLU B 353 -26.47 -24.50 -20.92
N VAL B 354 -27.49 -23.71 -21.24
CA VAL B 354 -27.50 -22.29 -20.88
C VAL B 354 -27.42 -22.15 -19.37
N TRP B 355 -28.29 -22.89 -18.67
CA TRP B 355 -28.21 -23.10 -17.24
C TRP B 355 -26.79 -23.28 -16.76
N ARG B 356 -26.14 -24.35 -17.22
CA ARG B 356 -24.82 -24.70 -16.71
C ARG B 356 -23.81 -23.60 -16.98
N ILE B 357 -23.80 -23.08 -18.21
CA ILE B 357 -22.77 -22.11 -18.57
C ILE B 357 -22.89 -20.86 -17.72
N GLU B 358 -24.11 -20.30 -17.61
CA GLU B 358 -24.28 -19.14 -16.74
C GLU B 358 -23.88 -19.45 -15.31
N MET B 359 -24.22 -20.63 -14.81
CA MET B 359 -24.02 -20.89 -13.39
C MET B 359 -22.54 -21.05 -13.05
N TYR B 360 -21.78 -21.78 -13.88
CA TYR B 360 -20.37 -21.89 -13.50
C TYR B 360 -19.59 -20.62 -13.82
N ILE B 361 -20.02 -19.83 -14.81
CA ILE B 361 -19.38 -18.53 -15.00
C ILE B 361 -19.60 -17.65 -13.77
N SER B 362 -20.82 -17.67 -13.23
CA SER B 362 -21.11 -16.89 -12.03
C SER B 362 -20.26 -17.35 -10.85
N PHE B 363 -20.12 -18.66 -10.69
CA PHE B 363 -19.28 -19.17 -9.60
C PHE B 363 -17.82 -18.75 -9.79
N GLY B 364 -17.32 -18.81 -11.01
CA GLY B 364 -15.96 -18.35 -11.27
C GLY B 364 -15.78 -16.89 -10.93
N ILE B 365 -16.77 -16.05 -11.27
CA ILE B 365 -16.67 -14.63 -10.98
C ILE B 365 -16.69 -14.40 -9.47
N MET B 366 -17.54 -15.12 -8.74
CA MET B 366 -17.56 -15.01 -7.28
C MET B 366 -16.21 -15.37 -6.69
N SER B 367 -15.63 -16.48 -7.13
CA SER B 367 -14.34 -16.90 -6.61
C SER B 367 -13.25 -15.89 -6.93
N LEU B 368 -13.28 -15.32 -8.14
CA LEU B 368 -12.29 -14.31 -8.50
C LEU B 368 -12.44 -13.06 -7.63
N GLY B 369 -13.69 -12.67 -7.34
CA GLY B 369 -13.88 -11.52 -6.46
C GLY B 369 -13.33 -11.77 -5.07
N LEU B 370 -13.58 -12.95 -4.50
CA LEU B 370 -13.05 -13.26 -3.19
C LEU B 370 -11.52 -13.29 -3.19
N LEU B 371 -10.93 -13.88 -4.22
CA LEU B 371 -9.47 -13.89 -4.33
C LEU B 371 -8.92 -12.48 -4.47
N SER B 372 -9.63 -11.61 -5.18
CA SER B 372 -9.22 -10.22 -5.29
C SER B 372 -9.24 -9.53 -3.95
N LEU B 373 -10.27 -9.80 -3.13
CA LEU B 373 -10.29 -9.25 -1.78
C LEU B 373 -9.09 -9.73 -0.97
N LEU B 374 -8.79 -11.02 -1.05
CA LEU B 374 -7.64 -11.56 -0.32
C LEU B 374 -6.35 -10.89 -0.77
N ALA B 375 -6.17 -10.73 -2.09
CA ALA B 375 -4.95 -10.12 -2.61
C ALA B 375 -4.83 -8.66 -2.22
N VAL B 376 -5.96 -7.94 -2.21
CA VAL B 376 -5.93 -6.54 -1.78
C VAL B 376 -5.52 -6.44 -0.33
N THR B 377 -6.05 -7.32 0.53
CA THR B 377 -5.62 -7.32 1.91
C THR B 377 -4.17 -7.75 2.09
N SER B 378 -3.53 -8.28 1.06
CA SER B 378 -2.16 -8.73 1.16
C SER B 378 -1.14 -7.61 1.02
N ILE B 379 -1.57 -6.40 0.66
CA ILE B 379 -0.66 -5.26 0.62
C ILE B 379 -0.22 -4.93 2.05
N PRO B 380 1.07 -4.64 2.29
CA PRO B 380 1.52 -4.43 3.67
C PRO B 380 0.76 -3.33 4.40
N SER B 381 0.43 -2.23 3.73
CA SER B 381 -0.35 -1.18 4.40
C SER B 381 -1.74 -1.66 4.76
N VAL B 382 -2.41 -2.37 3.85
CA VAL B 382 -3.74 -2.87 4.13
C VAL B 382 -3.69 -3.91 5.24
N SER B 383 -2.69 -4.80 5.20
CA SER B 383 -2.58 -5.82 6.23
C SER B 383 -2.31 -5.20 7.60
N ASN B 384 -1.45 -4.17 7.65
CA ASN B 384 -1.18 -3.50 8.91
C ASN B 384 -2.34 -2.65 9.39
N ALA B 385 -3.22 -2.23 8.48
CA ALA B 385 -4.38 -1.42 8.85
C ALA B 385 -5.55 -2.27 9.34
N LEU B 386 -5.42 -3.59 9.32
CA LEU B 386 -6.48 -4.48 9.75
C LEU B 386 -6.10 -5.14 11.07
N ASN B 387 -7.09 -5.29 11.95
CA ASN B 387 -6.91 -6.08 13.15
C ASN B 387 -6.58 -7.52 12.78
N TRP B 388 -5.93 -8.23 13.71
CA TRP B 388 -5.62 -9.63 13.45
C TRP B 388 -6.90 -10.45 13.32
N ARG B 389 -7.95 -10.05 14.02
CA ARG B 389 -9.23 -10.72 13.88
C ARG B 389 -9.82 -10.50 12.49
N GLU B 390 -9.81 -9.25 12.02
CA GLU B 390 -10.34 -8.96 10.69
C GLU B 390 -9.50 -9.62 9.60
N PHE B 391 -8.18 -9.55 9.73
CA PHE B 391 -7.30 -10.18 8.75
C PHE B 391 -7.51 -11.69 8.73
N SER B 392 -7.62 -12.30 9.91
CA SER B 392 -7.87 -13.73 9.98
C SER B 392 -9.20 -14.08 9.35
N PHE B 393 -10.25 -13.30 9.64
CA PHE B 393 -11.54 -13.55 9.01
C PHE B 393 -11.42 -13.50 7.51
N ILE B 394 -10.88 -12.40 6.97
CA ILE B 394 -10.74 -12.25 5.53
C ILE B 394 -10.01 -13.45 4.96
N GLN B 395 -8.74 -13.62 5.34
CA GLN B 395 -7.92 -14.66 4.75
C GLN B 395 -8.55 -16.03 4.93
N SER B 396 -8.65 -16.52 6.17
CA SER B 396 -9.12 -17.88 6.39
C SER B 396 -10.53 -18.08 5.82
N THR B 397 -11.51 -17.34 6.34
CA THR B 397 -12.90 -17.63 5.99
C THR B 397 -13.16 -17.37 4.51
N LEU B 398 -12.82 -16.18 4.01
CA LEU B 398 -13.17 -15.88 2.63
C LEU B 398 -12.33 -16.67 1.65
N GLY B 399 -11.12 -17.11 2.03
CA GLY B 399 -10.37 -17.98 1.16
C GLY B 399 -10.92 -19.38 1.10
N TYR B 400 -11.42 -19.89 2.23
CA TYR B 400 -12.10 -21.18 2.20
C TYR B 400 -13.37 -21.08 1.37
N VAL B 401 -14.10 -19.97 1.48
CA VAL B 401 -15.30 -19.79 0.67
C VAL B 401 -14.92 -19.70 -0.81
N ALA B 402 -13.83 -18.99 -1.13
CA ALA B 402 -13.38 -18.90 -2.51
C ALA B 402 -12.97 -20.26 -3.05
N LEU B 403 -12.29 -21.07 -2.23
CA LEU B 403 -11.91 -22.41 -2.66
C LEU B 403 -13.14 -23.28 -2.91
N LEU B 404 -14.15 -23.17 -2.03
CA LEU B 404 -15.37 -23.94 -2.23
C LEU B 404 -16.11 -23.51 -3.48
N ILE B 405 -16.17 -22.20 -3.73
CA ILE B 405 -16.87 -21.71 -4.91
C ILE B 405 -16.12 -22.09 -6.18
N SER B 406 -14.78 -22.04 -6.14
CA SER B 406 -14.00 -22.52 -7.27
C SER B 406 -14.22 -24.00 -7.52
N THR B 407 -14.34 -24.78 -6.43
CA THR B 407 -14.62 -26.20 -6.57
C THR B 407 -15.95 -26.43 -7.27
N PHE B 408 -16.99 -25.67 -6.88
CA PHE B 408 -18.27 -25.78 -7.58
C PHE B 408 -18.14 -25.35 -9.04
N HIS B 409 -17.38 -24.29 -9.29
CA HIS B 409 -17.24 -23.76 -10.65
C HIS B 409 -16.59 -24.78 -11.57
N VAL B 410 -15.56 -25.47 -11.07
CA VAL B 410 -14.99 -26.57 -11.84
C VAL B 410 -15.94 -27.76 -11.88
N LEU B 411 -16.72 -27.97 -10.82
CA LEU B 411 -17.49 -29.20 -10.68
C LEU B 411 -18.66 -29.24 -11.66
N ILE B 412 -19.27 -28.10 -11.96
CA ILE B 412 -20.38 -28.09 -12.92
C ILE B 412 -19.87 -28.43 -14.32
N TYR B 413 -18.80 -27.74 -14.73
CA TYR B 413 -18.12 -28.05 -15.98
C TYR B 413 -17.81 -29.53 -16.07
N GLY B 414 -17.23 -30.09 -15.01
CA GLY B 414 -16.96 -31.52 -15.00
C GLY B 414 -18.22 -32.36 -15.02
N TRP B 415 -19.28 -31.89 -14.38
CA TRP B 415 -20.49 -32.69 -14.25
C TRP B 415 -21.11 -32.97 -15.61
N LYS B 416 -21.09 -31.99 -16.50
CA LYS B 416 -21.57 -32.27 -17.85
C LYS B 416 -20.46 -32.25 -18.89
N ARG B 417 -19.22 -32.50 -18.48
CA ARG B 417 -18.17 -32.85 -19.43
C ARG B 417 -17.51 -34.19 -19.15
N ALA B 418 -17.93 -34.89 -18.10
CA ALA B 418 -17.27 -36.13 -17.68
C ALA B 418 -18.09 -37.38 -17.94
N PHE B 419 -19.41 -37.29 -17.91
CA PHE B 419 -20.25 -38.48 -18.05
C PHE B 419 -20.13 -39.11 -19.43
N GLU B 420 -19.57 -38.41 -20.41
CA GLU B 420 -19.31 -38.97 -21.72
C GLU B 420 -18.00 -39.75 -21.68
N GLU B 421 -18.03 -41.01 -22.12
CA GLU B 421 -16.90 -41.90 -21.95
C GLU B 421 -15.67 -41.47 -22.75
N GLU B 422 -15.86 -40.61 -23.76
CA GLU B 422 -14.71 -40.16 -24.55
C GLU B 422 -13.72 -39.38 -23.70
N TYR B 423 -14.22 -38.55 -22.78
CA TYR B 423 -13.32 -37.69 -22.01
C TYR B 423 -12.61 -38.46 -20.91
N TYR B 424 -13.18 -39.60 -20.50
CA TYR B 424 -12.46 -40.56 -19.67
C TYR B 424 -11.56 -41.35 -20.62
N ARG B 425 -10.52 -40.68 -21.10
CA ARG B 425 -9.74 -41.15 -22.24
C ARG B 425 -8.43 -41.80 -21.78
N PHE B 426 -8.09 -42.90 -22.44
CA PHE B 426 -6.83 -43.61 -22.20
C PHE B 426 -6.66 -44.01 -20.73
N TYR B 427 -7.76 -44.44 -20.10
CA TYR B 427 -7.78 -44.87 -18.71
C TYR B 427 -7.38 -43.75 -17.75
N THR B 428 -7.22 -42.53 -18.26
CA THR B 428 -6.76 -41.39 -17.50
C THR B 428 -7.92 -40.43 -17.24
N PRO B 429 -8.14 -40.00 -16.00
CA PRO B 429 -9.22 -39.07 -15.70
C PRO B 429 -9.02 -37.74 -16.42
N PRO B 430 -10.12 -37.04 -16.76
CA PRO B 430 -9.99 -35.72 -17.39
C PRO B 430 -9.22 -34.73 -16.55
N ASN B 431 -8.90 -33.57 -17.13
CA ASN B 431 -8.07 -32.59 -16.45
C ASN B 431 -8.73 -32.06 -15.19
N PHE B 432 -10.04 -31.81 -15.23
CA PHE B 432 -10.71 -31.22 -14.08
C PHE B 432 -10.81 -32.18 -12.90
N VAL B 433 -10.64 -33.49 -13.12
CA VAL B 433 -10.79 -34.45 -12.04
C VAL B 433 -9.71 -34.25 -10.99
N LEU B 434 -8.47 -33.99 -11.41
CA LEU B 434 -7.39 -33.78 -10.45
C LEU B 434 -7.54 -32.43 -9.74
N ALA B 435 -7.87 -31.40 -10.51
CA ALA B 435 -8.14 -30.07 -9.96
C ALA B 435 -9.34 -30.09 -9.04
N LEU B 436 -10.13 -31.16 -9.08
CA LEU B 436 -11.18 -31.37 -8.09
C LEU B 436 -10.69 -32.22 -6.92
N VAL B 437 -9.82 -33.21 -7.17
CA VAL B 437 -9.48 -34.16 -6.12
C VAL B 437 -8.66 -33.49 -5.03
N LEU B 438 -7.81 -32.53 -5.40
CA LEU B 438 -7.06 -31.86 -4.33
C LEU B 438 -7.92 -30.91 -3.49
N PRO B 439 -8.67 -29.96 -4.07
CA PRO B 439 -9.58 -29.16 -3.24
C PRO B 439 -10.61 -29.98 -2.50
N SER B 440 -11.01 -31.13 -3.04
CA SER B 440 -11.92 -32.00 -2.31
C SER B 440 -11.28 -32.49 -1.03
N ILE B 441 -10.01 -32.90 -1.08
CA ILE B 441 -9.32 -33.32 0.14
C ILE B 441 -9.25 -32.17 1.12
N VAL B 442 -8.92 -30.97 0.64
CA VAL B 442 -8.82 -29.83 1.55
C VAL B 442 -10.17 -29.56 2.22
N ILE B 443 -11.25 -29.57 1.44
CA ILE B 443 -12.55 -29.21 1.96
C ILE B 443 -13.08 -30.28 2.92
N LEU B 444 -12.89 -31.56 2.59
CA LEU B 444 -13.28 -32.61 3.53
C LEU B 444 -12.49 -32.53 4.82
N GLY B 445 -11.19 -32.19 4.74
CA GLY B 445 -10.44 -31.98 5.96
C GLY B 445 -10.99 -30.85 6.79
N LYS B 446 -11.31 -29.72 6.16
CA LYS B 446 -11.86 -28.59 6.89
C LYS B 446 -13.19 -28.94 7.52
N ILE B 447 -14.03 -29.69 6.82
CA ILE B 447 -15.32 -30.10 7.38
C ILE B 447 -15.10 -31.04 8.56
N ILE B 448 -14.11 -31.95 8.46
CA ILE B 448 -13.78 -32.82 9.57
C ILE B 448 -13.38 -32.00 10.79
N LEU B 449 -12.65 -30.89 10.56
CA LEU B 449 -12.26 -30.05 11.68
C LEU B 449 -13.45 -29.41 12.38
N PHE B 450 -14.62 -29.41 11.76
CA PHE B 450 -15.82 -28.85 12.37
C PHE B 450 -16.60 -29.87 13.20
N LEU B 451 -16.17 -31.12 13.25
CA LEU B 451 -16.89 -32.11 14.05
C LEU B 451 -16.84 -31.72 15.53
N PRO B 452 -17.91 -31.99 16.28
CA PRO B 452 -17.95 -31.53 17.68
C PRO B 452 -16.79 -32.04 18.52
N CYS B 453 -16.48 -33.33 18.44
CA CYS B 453 -15.35 -33.85 19.22
C CYS B 453 -14.04 -33.21 18.78
N ILE B 454 -13.82 -33.12 17.47
CA ILE B 454 -12.58 -32.54 16.96
C ILE B 454 -12.55 -31.03 17.22
N SER B 455 -13.67 -30.34 17.02
CA SER B 455 -13.70 -28.92 17.31
C SER B 455 -13.38 -28.66 18.78
N ARG B 456 -13.87 -29.52 19.66
CA ARG B 456 -13.64 -29.32 21.09
C ARG B 456 -12.19 -29.62 21.46
N LYS B 457 -11.63 -30.69 20.88
CA LYS B 457 -10.24 -31.02 21.12
C LYS B 457 -9.29 -30.01 20.49
N LEU B 458 -9.77 -29.23 19.52
CA LEU B 458 -8.91 -28.22 18.90
C LEU B 458 -9.08 -26.87 19.58
N LYS B 459 -10.25 -26.61 20.18
CA LYS B 459 -10.39 -25.42 21.01
C LYS B 459 -9.65 -25.58 22.33
N ARG B 460 -9.71 -26.77 22.94
CA ARG B 460 -8.94 -27.02 24.15
C ARG B 460 -7.45 -26.90 23.92
N ILE B 461 -7.01 -26.96 22.67
CA ILE B 461 -5.62 -26.73 22.34
C ILE B 461 -5.42 -25.24 22.04
N LYS B 462 -6.22 -24.68 21.15
CA LYS B 462 -6.03 -23.30 20.74
C LYS B 462 -6.08 -22.34 21.92
N LYS B 463 -6.73 -22.73 23.02
CA LYS B 463 -7.06 -21.79 24.08
C LYS B 463 -6.28 -22.09 25.37
N GLY B 464 -5.37 -23.07 25.34
CA GLY B 464 -4.25 -23.13 26.27
C GLY B 464 -4.19 -24.36 27.15
N TRP B 465 -5.27 -25.14 27.22
CA TRP B 465 -5.35 -26.19 28.24
C TRP B 465 -4.74 -27.49 27.74
N GLU B 466 -3.86 -27.39 26.75
CA GLU B 466 -3.49 -28.45 25.80
C GLU B 466 -3.11 -29.74 26.54
N LYS B 467 -1.98 -29.75 27.24
CA LYS B 467 -1.51 -30.88 28.02
C LYS B 467 -0.63 -30.27 29.10
N SER B 468 -1.21 -30.08 30.29
CA SER B 468 -0.68 -29.09 31.23
C SER B 468 0.85 -29.10 31.27
N GLN B 469 1.45 -30.23 31.62
CA GLN B 469 2.90 -30.36 31.59
C GLN B 469 3.45 -30.14 30.19
N ALA C 28 27.47 -8.47 29.42
CA ALA C 28 26.63 -9.14 28.43
C ALA C 28 25.50 -9.89 29.10
N ARG C 29 25.25 -9.58 30.38
CA ARG C 29 24.19 -10.23 31.12
C ARG C 29 22.82 -9.83 30.56
N LYS C 30 21.92 -10.81 30.47
CA LYS C 30 20.60 -10.56 29.93
C LYS C 30 19.77 -9.73 30.89
N VAL C 31 18.88 -8.92 30.32
CA VAL C 31 18.00 -8.08 31.11
C VAL C 31 16.82 -8.91 31.59
N THR C 32 16.54 -8.86 32.89
CA THR C 32 15.44 -9.62 33.46
C THR C 32 14.13 -8.87 33.27
N VAL C 33 13.09 -9.60 32.85
CA VAL C 33 11.75 -9.05 32.67
C VAL C 33 10.77 -9.92 33.45
N GLY C 34 9.97 -9.28 34.30
CA GLY C 34 9.01 -10.01 35.10
C GLY C 34 7.68 -10.18 34.40
N VAL C 35 6.99 -11.26 34.75
CA VAL C 35 5.65 -11.53 34.22
C VAL C 35 4.78 -11.98 35.38
N ILE C 36 3.57 -11.44 35.48
CA ILE C 36 2.63 -11.79 36.54
C ILE C 36 1.60 -12.76 35.97
N GLY C 37 1.42 -13.88 36.65
CA GLY C 37 0.47 -14.89 36.22
C GLY C 37 1.09 -15.93 35.31
N SER C 38 0.42 -17.08 35.23
CA SER C 38 0.87 -18.19 34.39
C SER C 38 -0.33 -18.70 33.61
N GLY C 39 -0.57 -18.11 32.45
CA GLY C 39 -1.65 -18.54 31.58
C GLY C 39 -1.18 -18.76 30.17
N ASP C 40 -2.09 -18.73 29.20
CA ASP C 40 -1.70 -18.87 27.80
C ASP C 40 -0.83 -17.69 27.37
N PHE C 41 -1.28 -16.48 27.67
CA PHE C 41 -0.51 -15.30 27.27
C PHE C 41 0.83 -15.26 27.99
N ALA C 42 0.86 -15.63 29.26
CA ALA C 42 2.12 -15.64 30.00
C ALA C 42 3.11 -16.62 29.37
N LYS C 43 2.64 -17.81 29.01
CA LYS C 43 3.54 -18.80 28.41
C LYS C 43 4.04 -18.36 27.05
N SER C 44 3.15 -17.85 26.19
CA SER C 44 3.59 -17.39 24.87
C SER C 44 4.54 -16.21 24.99
N LEU C 45 4.25 -15.28 25.90
CA LEU C 45 5.12 -14.13 26.12
C LEU C 45 6.48 -14.58 26.64
N THR C 46 6.51 -15.56 27.53
CA THR C 46 7.78 -16.08 28.03
C THR C 46 8.58 -16.72 26.91
N ILE C 47 7.92 -17.47 26.03
CA ILE C 47 8.62 -18.07 24.90
C ILE C 47 9.22 -16.99 24.02
N ARG C 48 8.43 -15.97 23.70
CA ARG C 48 8.93 -14.90 22.84
C ARG C 48 10.08 -14.14 23.49
N LEU C 49 9.99 -13.90 24.80
CA LEU C 49 11.06 -13.18 25.49
C LEU C 49 12.33 -14.00 25.54
N ILE C 50 12.23 -15.29 25.86
CA ILE C 50 13.43 -16.13 25.94
C ILE C 50 14.10 -16.24 24.58
N ARG C 51 13.30 -16.45 23.52
CA ARG C 51 13.92 -16.57 22.20
C ARG C 51 14.60 -15.27 21.78
N CYS C 52 14.08 -14.13 22.22
CA CYS C 52 14.70 -12.84 21.90
C CYS C 52 15.62 -12.36 23.01
N GLY C 53 16.52 -13.24 23.45
CA GLY C 53 17.61 -12.87 24.33
C GLY C 53 17.24 -12.18 25.63
N TYR C 54 16.23 -12.67 26.34
CA TYR C 54 15.84 -12.12 27.62
C TYR C 54 15.89 -13.20 28.69
N HIS C 55 15.73 -12.78 29.94
CA HIS C 55 15.62 -13.69 31.07
C HIS C 55 14.36 -13.33 31.83
N VAL C 56 13.46 -14.28 31.99
CA VAL C 56 12.12 -14.00 32.48
C VAL C 56 11.96 -14.53 33.89
N VAL C 57 11.36 -13.71 34.75
CA VAL C 57 11.00 -14.09 36.10
C VAL C 57 9.48 -14.00 36.21
N ILE C 58 8.84 -15.12 36.49
CA ILE C 58 7.38 -15.22 36.50
C ILE C 58 6.90 -15.38 37.92
N GLY C 59 5.94 -14.55 38.32
CA GLY C 59 5.33 -14.61 39.63
C GLY C 59 3.93 -15.19 39.53
N SER C 60 3.67 -16.22 40.33
CA SER C 60 2.37 -16.88 40.35
C SER C 60 2.03 -17.23 41.79
N ARG C 61 0.74 -17.48 42.01
CA ARG C 61 0.28 -17.82 43.36
C ARG C 61 0.90 -19.12 43.85
N ASN C 62 1.02 -20.12 42.97
CA ASN C 62 1.55 -21.43 43.31
C ASN C 62 2.68 -21.78 42.34
N PRO C 63 3.91 -21.40 42.65
CA PRO C 63 5.05 -21.81 41.81
C PRO C 63 5.23 -23.32 41.74
N LYS C 64 4.86 -24.05 42.79
CA LYS C 64 4.91 -25.52 42.74
C LYS C 64 4.09 -26.05 41.57
N PHE C 65 2.94 -25.44 41.31
CA PHE C 65 2.06 -25.94 40.27
C PHE C 65 2.63 -25.59 38.89
N ALA C 66 3.03 -24.33 38.69
CA ALA C 66 3.38 -23.82 37.37
C ALA C 66 4.85 -23.99 37.01
N SER C 67 5.69 -24.53 37.91
CA SER C 67 7.12 -24.62 37.61
C SER C 67 7.41 -25.57 36.45
N GLU C 68 6.74 -26.72 36.40
CA GLU C 68 7.02 -27.65 35.31
C GLU C 68 6.44 -27.18 33.99
N PHE C 69 5.48 -26.25 34.03
CA PHE C 69 4.93 -25.73 32.78
C PHE C 69 6.01 -25.00 31.98
N PHE C 70 6.82 -24.22 32.65
CA PHE C 70 7.78 -23.33 32.03
C PHE C 70 9.14 -24.00 31.96
N PRO C 71 10.00 -23.59 31.03
CA PRO C 71 11.31 -24.23 30.89
C PRO C 71 12.19 -24.08 32.13
N HIS C 72 13.36 -24.71 32.11
CA HIS C 72 14.26 -24.68 33.26
C HIS C 72 15.03 -23.37 33.37
N VAL C 73 14.95 -22.51 32.37
CA VAL C 73 15.66 -21.23 32.40
C VAL C 73 14.70 -20.12 32.79
N VAL C 74 13.56 -20.50 33.35
CA VAL C 74 12.55 -19.56 33.81
C VAL C 74 12.47 -19.65 35.33
N ASP C 75 12.59 -18.51 36.00
CA ASP C 75 12.61 -18.46 37.45
C ASP C 75 11.19 -18.18 37.92
N VAL C 76 10.49 -19.22 38.31
CA VAL C 76 9.10 -19.11 38.76
C VAL C 76 9.08 -19.06 40.28
N THR C 77 8.59 -17.95 40.85
CA THR C 77 8.42 -17.82 42.29
C THR C 77 7.12 -17.13 42.65
N HIS C 78 6.99 -16.75 43.92
CA HIS C 78 5.79 -16.10 44.42
C HIS C 78 5.65 -14.70 43.82
N HIS C 79 4.52 -14.07 44.10
CA HIS C 79 4.32 -12.68 43.69
C HIS C 79 5.35 -11.76 44.35
N GLU C 80 5.59 -11.95 45.65
CA GLU C 80 6.46 -11.05 46.40
C GLU C 80 7.93 -11.17 46.03
N ASP C 81 8.32 -12.22 45.29
CA ASP C 81 9.70 -12.44 44.94
C ASP C 81 10.04 -11.96 43.54
N ALA C 82 9.15 -12.17 42.57
CA ALA C 82 9.45 -11.81 41.19
C ALA C 82 9.67 -10.30 41.04
N LEU C 83 8.88 -9.49 41.75
CA LEU C 83 9.00 -8.05 41.61
C LEU C 83 10.36 -7.54 42.07
N THR C 84 10.97 -8.20 43.05
CA THR C 84 12.23 -7.72 43.60
C THR C 84 13.33 -7.73 42.55
N LYS C 85 13.33 -8.73 41.67
CA LYS C 85 14.45 -8.96 40.75
C LYS C 85 14.16 -8.49 39.32
N THR C 86 13.28 -7.51 39.15
CA THR C 86 12.96 -7.04 37.81
C THR C 86 12.46 -5.60 37.88
N ASN C 87 12.45 -4.95 36.71
CA ASN C 87 11.99 -3.57 36.58
C ASN C 87 10.80 -3.43 35.66
N ILE C 88 10.74 -4.19 34.57
CA ILE C 88 9.61 -4.16 33.63
C ILE C 88 8.79 -5.42 33.87
N ILE C 89 7.53 -5.24 34.25
CA ILE C 89 6.66 -6.34 34.64
C ILE C 89 5.43 -6.34 33.75
N PHE C 90 5.18 -7.46 33.09
CA PHE C 90 3.98 -7.65 32.28
C PHE C 90 2.84 -8.11 33.18
N VAL C 91 1.81 -7.30 33.33
CA VAL C 91 0.65 -7.67 34.15
C VAL C 91 -0.27 -8.46 33.23
N ALA C 92 0.03 -9.76 33.11
CA ALA C 92 -0.70 -10.65 32.21
C ALA C 92 -1.80 -11.40 32.96
N ILE C 93 -2.69 -10.63 33.57
CA ILE C 93 -3.87 -11.15 34.24
C ILE C 93 -5.08 -10.34 33.79
N HIS C 94 -6.26 -10.89 34.03
CA HIS C 94 -7.49 -10.23 33.61
C HIS C 94 -7.79 -9.04 34.53
N ARG C 95 -8.61 -8.12 34.01
CA ARG C 95 -8.87 -6.88 34.74
C ARG C 95 -9.53 -7.14 36.08
N GLU C 96 -10.50 -8.04 36.13
CA GLU C 96 -11.25 -8.29 37.36
C GLU C 96 -10.37 -8.85 38.46
N HIS C 97 -9.16 -9.31 38.15
CA HIS C 97 -8.24 -9.83 39.14
C HIS C 97 -7.16 -8.83 39.54
N TYR C 98 -7.24 -7.60 39.04
CA TYR C 98 -6.23 -6.60 39.38
C TYR C 98 -6.16 -6.36 40.88
N THR C 99 -7.32 -6.39 41.55
CA THR C 99 -7.34 -6.16 42.99
C THR C 99 -6.63 -7.26 43.75
N SER C 100 -6.33 -8.40 43.12
CA SER C 100 -5.52 -9.43 43.76
C SER C 100 -4.07 -8.99 43.92
N LEU C 101 -3.66 -7.90 43.26
CA LEU C 101 -2.33 -7.34 43.42
C LEU C 101 -2.30 -6.18 44.40
N TRP C 102 -3.38 -5.97 45.15
CA TRP C 102 -3.45 -4.83 46.06
C TRP C 102 -2.38 -4.90 47.13
N ASP C 103 -2.09 -6.11 47.63
CA ASP C 103 -1.07 -6.24 48.66
C ASP C 103 0.32 -5.90 48.13
N LEU C 104 0.52 -6.03 46.82
CA LEU C 104 1.82 -5.72 46.20
C LEU C 104 1.85 -4.27 45.73
N ARG C 105 1.52 -3.37 46.66
CA ARG C 105 1.47 -1.95 46.33
C ARG C 105 2.81 -1.27 46.55
N HIS C 106 3.46 -1.57 47.68
CA HIS C 106 4.75 -0.95 47.99
C HIS C 106 5.92 -1.65 47.30
N LEU C 107 5.71 -2.85 46.76
CA LEU C 107 6.76 -3.48 45.96
C LEU C 107 6.74 -2.95 44.53
N LEU C 108 5.57 -2.59 44.02
CA LEU C 108 5.43 -2.05 42.68
C LEU C 108 5.53 -0.53 42.71
N VAL C 109 6.66 -0.04 43.20
CA VAL C 109 6.93 1.39 43.30
C VAL C 109 8.02 1.72 42.28
N GLY C 110 7.66 2.54 41.29
CA GLY C 110 8.61 2.94 40.27
C GLY C 110 8.90 1.89 39.24
N LYS C 111 8.19 0.77 39.25
CA LYS C 111 8.41 -0.31 38.30
C LYS C 111 7.43 -0.20 37.15
N ILE C 112 7.93 -0.27 35.93
CA ILE C 112 7.07 -0.19 34.75
C ILE C 112 6.16 -1.41 34.74
N LEU C 113 4.87 -1.18 34.64
CA LEU C 113 3.87 -2.24 34.53
C LEU C 113 3.23 -2.14 33.16
N ILE C 114 3.53 -3.10 32.30
CA ILE C 114 2.91 -3.16 30.98
C ILE C 114 1.59 -3.90 31.10
N ASP C 115 0.50 -3.18 30.82
CA ASP C 115 -0.84 -3.74 30.86
C ASP C 115 -1.18 -4.31 29.50
N VAL C 116 -1.36 -5.63 29.43
CA VAL C 116 -1.65 -6.34 28.20
C VAL C 116 -3.10 -6.79 28.13
N SER C 117 -3.93 -6.37 29.08
CA SER C 117 -5.27 -6.92 29.20
C SER C 117 -6.18 -6.44 28.08
N ASN C 118 -7.25 -7.20 27.86
CA ASN C 118 -8.27 -6.90 26.86
C ASN C 118 -9.64 -7.12 27.48
N ASN C 119 -10.63 -6.40 26.96
CA ASN C 119 -12.00 -6.57 27.40
C ASN C 119 -12.76 -7.48 26.44
N MET C 120 -13.88 -8.01 26.92
CA MET C 120 -14.72 -8.87 26.12
C MET C 120 -15.80 -8.10 25.36
N ARG C 121 -15.89 -6.79 25.57
CA ARG C 121 -16.93 -5.99 24.95
C ARG C 121 -16.45 -4.55 24.85
N ILE C 122 -16.84 -3.87 23.78
CA ILE C 122 -16.45 -2.48 23.58
C ILE C 122 -17.11 -1.61 24.65
N ASN C 123 -16.32 -0.74 25.28
CA ASN C 123 -16.80 0.17 26.31
C ASN C 123 -17.46 -0.58 27.46
N GLN C 124 -16.79 -1.64 27.94
CA GLN C 124 -17.33 -2.43 29.03
C GLN C 124 -17.27 -1.68 30.36
N TYR C 125 -16.23 -0.90 30.57
CA TYR C 125 -15.99 -0.25 31.85
C TYR C 125 -15.85 1.25 31.68
N PRO C 126 -16.17 2.04 32.71
CA PRO C 126 -16.08 3.50 32.58
C PRO C 126 -14.69 4.00 32.20
N GLU C 127 -13.65 3.40 32.75
CA GLU C 127 -12.28 3.78 32.45
C GLU C 127 -11.55 2.59 31.84
N SER C 128 -10.58 2.87 30.98
CA SER C 128 -9.84 1.81 30.33
C SER C 128 -9.04 1.00 31.34
N ASN C 129 -8.56 -0.16 30.91
CA ASN C 129 -7.84 -1.05 31.80
C ASN C 129 -6.56 -0.40 32.31
N ALA C 130 -5.83 0.28 31.43
CA ALA C 130 -4.58 0.93 31.83
C ALA C 130 -4.83 2.02 32.86
N GLU C 131 -5.87 2.83 32.67
CA GLU C 131 -6.17 3.89 33.63
C GLU C 131 -6.63 3.32 34.96
N TYR C 132 -7.40 2.22 34.94
CA TYR C 132 -7.78 1.57 36.18
C TYR C 132 -6.56 1.04 36.93
N LEU C 133 -5.63 0.43 36.19
CA LEU C 133 -4.40 -0.05 36.81
C LEU C 133 -3.60 1.11 37.39
N ALA C 134 -3.52 2.22 36.67
CA ALA C 134 -2.79 3.38 37.15
C ALA C 134 -3.42 3.93 38.42
N SER C 135 -4.75 3.98 38.47
CA SER C 135 -5.42 4.40 39.70
C SER C 135 -5.15 3.42 40.84
N LEU C 136 -5.05 2.12 40.52
CA LEU C 136 -4.74 1.15 41.56
C LEU C 136 -3.34 1.36 42.12
N PHE C 137 -2.36 1.65 41.26
CA PHE C 137 -0.96 1.80 41.65
C PHE C 137 -0.51 3.19 41.23
N PRO C 138 -0.75 4.21 42.06
CA PRO C 138 -0.35 5.57 41.69
C PRO C 138 1.16 5.74 41.52
N ASP C 139 1.95 5.01 42.30
CA ASP C 139 3.40 5.21 42.31
C ASP C 139 4.12 4.48 41.19
N SER C 140 3.47 3.56 40.50
CA SER C 140 4.10 2.82 39.43
C SER C 140 3.99 3.60 38.12
N LEU C 141 4.62 3.08 37.07
CA LEU C 141 4.59 3.67 35.74
C LEU C 141 3.85 2.70 34.84
N ILE C 142 2.61 3.01 34.53
CA ILE C 142 1.76 2.09 33.77
C ILE C 142 1.90 2.40 32.28
N VAL C 143 2.20 1.36 31.51
CA VAL C 143 2.34 1.49 30.06
C VAL C 143 1.39 0.50 29.41
N LYS C 144 0.55 0.98 28.51
CA LYS C 144 -0.37 0.14 27.77
C LYS C 144 0.30 -0.39 26.52
N GLY C 145 0.14 -1.68 26.25
CA GLY C 145 0.70 -2.24 25.04
C GLY C 145 0.59 -3.75 25.03
N PHE C 146 0.89 -4.31 23.86
CA PHE C 146 0.97 -5.76 23.64
C PHE C 146 -0.37 -6.47 23.77
N ASN C 147 -1.48 -5.73 23.75
CA ASN C 147 -2.78 -6.39 23.79
C ASN C 147 -3.22 -6.91 22.44
N VAL C 148 -2.71 -6.32 21.35
CA VAL C 148 -3.18 -6.69 20.02
C VAL C 148 -2.73 -8.09 19.64
N VAL C 149 -1.51 -8.47 20.02
CA VAL C 149 -1.00 -9.79 19.67
C VAL C 149 -1.81 -10.86 20.41
N SER C 150 -1.89 -12.04 19.80
CA SER C 150 -2.92 -13.01 20.14
C SER C 150 -2.38 -14.22 20.91
N ALA C 151 -1.21 -14.10 21.53
CA ALA C 151 -0.60 -15.19 22.30
C ALA C 151 -0.28 -16.38 21.41
N TRP C 152 -0.54 -16.24 20.12
CA TRP C 152 -0.09 -17.18 19.10
C TRP C 152 0.83 -16.52 18.09
N ALA C 153 0.66 -15.21 17.87
CA ALA C 153 1.66 -14.47 17.11
C ALA C 153 2.92 -14.23 17.94
N LEU C 154 2.78 -14.19 19.27
CA LEU C 154 3.95 -14.16 20.12
C LEU C 154 4.76 -15.44 20.00
N GLN C 155 4.09 -16.58 19.94
CA GLN C 155 4.78 -17.85 19.81
C GLN C 155 5.45 -17.99 18.45
N LEU C 156 4.78 -17.54 17.39
CA LEU C 156 5.33 -17.63 16.04
C LEU C 156 6.33 -16.50 15.82
N GLY C 157 6.82 -16.39 14.59
CA GLY C 157 7.68 -15.30 14.21
C GLY C 157 6.88 -14.13 13.69
N PRO C 158 7.44 -13.38 12.74
CA PRO C 158 6.69 -12.28 12.14
C PRO C 158 5.42 -12.77 11.47
N LYS C 159 4.33 -12.02 11.65
CA LYS C 159 3.03 -12.36 11.13
C LYS C 159 2.47 -11.15 10.38
N ASP C 160 1.65 -11.43 9.36
CA ASP C 160 1.27 -10.39 8.42
C ASP C 160 0.19 -9.46 8.95
N ALA C 161 -0.43 -9.78 10.08
CA ALA C 161 -1.37 -8.88 10.73
C ALA C 161 -0.91 -8.45 12.11
N SER C 162 -0.34 -9.38 12.88
CA SER C 162 0.11 -9.08 14.24
C SER C 162 1.62 -8.79 14.24
N ARG C 163 1.99 -7.72 13.56
CA ARG C 163 3.36 -7.21 13.64
C ARG C 163 3.43 -5.75 14.08
N GLN C 164 2.30 -5.11 14.36
CA GLN C 164 2.28 -3.76 14.88
C GLN C 164 1.70 -3.78 16.28
N VAL C 165 2.41 -3.16 17.23
CA VAL C 165 1.98 -3.07 18.62
C VAL C 165 1.88 -1.61 18.99
N TYR C 166 0.77 -1.23 19.62
CA TYR C 166 0.51 0.15 19.98
C TYR C 166 0.79 0.34 21.46
N ILE C 167 1.52 1.41 21.78
CA ILE C 167 2.02 1.65 23.13
C ILE C 167 1.62 3.04 23.58
N CYS C 168 1.06 3.15 24.77
CA CYS C 168 0.57 4.41 25.31
C CYS C 168 0.93 4.49 26.78
N SER C 169 1.66 5.55 27.15
CA SER C 169 1.99 5.80 28.55
C SER C 169 2.07 7.30 28.79
N ASN C 170 1.64 7.73 29.98
CA ASN C 170 1.75 9.14 30.33
C ASN C 170 3.13 9.51 30.83
N ASN C 171 4.05 8.55 30.93
CA ASN C 171 5.44 8.80 31.30
C ASN C 171 6.31 8.51 30.09
N ILE C 172 7.14 9.49 29.71
CA ILE C 172 7.90 9.38 28.47
C ILE C 172 8.95 8.28 28.58
N GLN C 173 9.70 8.28 29.68
CA GLN C 173 10.84 7.36 29.80
C GLN C 173 10.37 5.91 29.80
N ALA C 174 9.35 5.60 30.59
CA ALA C 174 8.81 4.24 30.61
C ALA C 174 8.25 3.85 29.25
N ARG C 175 7.60 4.79 28.57
CA ARG C 175 7.07 4.50 27.23
C ARG C 175 8.19 4.15 26.27
N GLN C 176 9.30 4.89 26.32
CA GLN C 176 10.42 4.58 25.43
C GLN C 176 11.07 3.25 25.80
N GLN C 177 11.13 2.93 27.10
CA GLN C 177 11.66 1.63 27.50
C GLN C 177 10.80 0.50 26.95
N VAL C 178 9.48 0.64 27.05
CA VAL C 178 8.58 -0.39 26.53
C VAL C 178 8.67 -0.47 25.00
N ILE C 179 8.86 0.68 24.34
CA ILE C 179 9.01 0.68 22.89
C ILE C 179 10.28 -0.06 22.49
N GLU C 180 11.37 0.17 23.22
CA GLU C 180 12.60 -0.58 22.96
C GLU C 180 12.38 -2.07 23.19
N LEU C 181 11.67 -2.43 24.26
CA LEU C 181 11.37 -3.84 24.51
C LEU C 181 10.60 -4.44 23.34
N ALA C 182 9.61 -3.71 22.82
CA ALA C 182 8.87 -4.20 21.66
C ALA C 182 9.77 -4.35 20.46
N ARG C 183 10.73 -3.43 20.28
CA ARG C 183 11.67 -3.54 19.18
C ARG C 183 12.52 -4.80 19.30
N GLN C 184 12.99 -5.11 20.50
CA GLN C 184 13.79 -6.32 20.68
C GLN C 184 12.97 -7.59 20.48
N LEU C 185 11.64 -7.51 20.60
CA LEU C 185 10.77 -8.65 20.39
C LEU C 185 10.25 -8.75 18.96
N ASN C 186 11.00 -8.17 18.00
CA ASN C 186 10.68 -8.30 16.57
C ASN C 186 9.30 -7.75 16.24
N PHE C 187 8.91 -6.69 16.93
CA PHE C 187 7.65 -6.00 16.68
C PHE C 187 7.94 -4.61 16.10
N ILE C 188 6.87 -3.90 15.76
CA ILE C 188 6.95 -2.53 15.25
C ILE C 188 6.22 -1.63 16.23
N PRO C 189 6.94 -0.99 17.15
CA PRO C 189 6.27 -0.16 18.16
C PRO C 189 5.60 1.05 17.52
N ILE C 190 4.40 1.36 18.03
CA ILE C 190 3.65 2.53 17.60
C ILE C 190 3.27 3.32 18.85
N ASP C 191 3.70 4.57 18.92
CA ASP C 191 3.44 5.43 20.06
C ASP C 191 2.20 6.28 19.79
N LEU C 192 1.28 6.31 20.75
CA LEU C 192 0.01 6.99 20.53
C LEU C 192 -0.40 7.94 21.65
N GLY C 193 0.44 8.24 22.63
CA GLY C 193 0.06 9.25 23.59
C GLY C 193 0.32 8.94 25.05
N SER C 194 -0.63 9.33 25.91
CA SER C 194 -0.42 9.39 27.35
C SER C 194 -1.60 8.77 28.10
N LEU C 195 -1.97 7.55 27.72
CA LEU C 195 -3.08 6.78 28.27
C LEU C 195 -4.44 7.37 27.92
N SER C 196 -4.49 8.53 27.27
CA SER C 196 -5.76 8.96 26.68
C SER C 196 -6.14 8.12 25.48
N SER C 197 -5.17 7.41 24.90
CA SER C 197 -5.40 6.51 23.78
C SER C 197 -5.56 5.06 24.21
N ALA C 198 -5.60 4.79 25.53
CA ALA C 198 -5.72 3.42 26.00
C ALA C 198 -7.05 2.81 25.58
N ARG C 199 -8.13 3.58 25.63
CA ARG C 199 -9.43 3.07 25.20
C ARG C 199 -9.42 2.69 23.74
N GLU C 200 -8.75 3.50 22.91
CA GLU C 200 -8.71 3.21 21.48
C GLU C 200 -8.02 1.89 21.20
N ILE C 201 -6.87 1.65 21.84
CA ILE C 201 -6.13 0.41 21.57
C ILE C 201 -6.62 -0.76 22.42
N GLU C 202 -7.58 -0.53 23.31
CA GLU C 202 -8.32 -1.65 23.90
C GLU C 202 -9.52 -2.03 23.04
N ASN C 203 -10.16 -1.06 22.40
CA ASN C 203 -11.25 -1.34 21.47
C ASN C 203 -10.75 -1.88 20.13
N LEU C 204 -9.49 -1.59 19.78
CA LEU C 204 -8.97 -2.04 18.49
C LEU C 204 -9.00 -3.55 18.31
N PRO C 205 -8.57 -4.38 19.27
CA PRO C 205 -8.63 -5.84 19.04
C PRO C 205 -10.04 -6.38 18.93
N LEU C 206 -11.05 -5.61 19.34
CA LEU C 206 -12.42 -6.11 19.39
C LEU C 206 -13.25 -5.73 18.17
N ARG C 207 -12.78 -4.82 17.33
CA ARG C 207 -13.57 -4.36 16.21
C ARG C 207 -13.42 -5.31 15.02
N LEU C 208 -14.52 -5.57 14.34
CA LEU C 208 -14.56 -6.43 13.16
C LEU C 208 -15.36 -5.70 12.09
N PHE C 209 -14.67 -4.88 11.30
CA PHE C 209 -15.27 -4.11 10.21
C PHE C 209 -16.46 -3.30 10.70
N THR C 210 -16.20 -2.44 11.69
CA THR C 210 -17.27 -1.64 12.27
C THR C 210 -17.86 -0.67 11.25
N LEU C 211 -17.02 -0.05 10.43
CA LEU C 211 -17.48 0.92 9.46
C LEU C 211 -18.08 0.29 8.21
N TRP C 212 -17.89 -1.01 8.00
CA TRP C 212 -18.42 -1.68 6.83
C TRP C 212 -19.83 -2.23 7.05
N ARG C 213 -20.29 -2.30 8.30
CA ARG C 213 -21.60 -2.90 8.57
C ARG C 213 -22.71 -2.11 7.92
N GLY C 214 -22.69 -0.79 8.08
CA GLY C 214 -23.72 0.06 7.52
C GLY C 214 -23.78 0.02 6.01
N PRO C 215 -22.63 0.27 5.35
CA PRO C 215 -22.59 0.14 3.89
C PRO C 215 -23.00 -1.23 3.39
N VAL C 216 -22.60 -2.30 4.08
CA VAL C 216 -22.95 -3.64 3.62
C VAL C 216 -24.46 -3.88 3.76
N VAL C 217 -25.04 -3.43 4.87
CA VAL C 217 -26.48 -3.58 5.05
C VAL C 217 -27.22 -2.76 4.00
N VAL C 218 -26.73 -1.57 3.70
CA VAL C 218 -27.37 -0.74 2.68
C VAL C 218 -27.29 -1.41 1.31
N ALA C 219 -26.14 -1.97 0.98
CA ALA C 219 -25.98 -2.65 -0.30
C ALA C 219 -26.90 -3.85 -0.39
N ILE C 220 -27.00 -4.63 0.68
CA ILE C 220 -27.88 -5.80 0.68
C ILE C 220 -29.34 -5.37 0.53
N SER C 221 -29.73 -4.30 1.23
CA SER C 221 -31.10 -3.81 1.12
C SER C 221 -31.41 -3.36 -0.31
N LEU C 222 -30.48 -2.61 -0.93
CA LEU C 222 -30.69 -2.16 -2.30
C LEU C 222 -30.78 -3.35 -3.24
N ALA C 223 -29.89 -4.32 -3.08
CA ALA C 223 -29.90 -5.49 -3.96
C ALA C 223 -31.19 -6.26 -3.82
N THR C 224 -31.67 -6.46 -2.59
CA THR C 224 -32.92 -7.18 -2.38
C THR C 224 -34.10 -6.41 -2.98
N PHE C 225 -34.15 -5.09 -2.78
CA PHE C 225 -35.25 -4.31 -3.32
C PHE C 225 -35.27 -4.36 -4.84
N PHE C 226 -34.10 -4.20 -5.48
CA PHE C 226 -34.08 -4.20 -6.93
C PHE C 226 -34.32 -5.60 -7.48
N PHE C 227 -33.87 -6.64 -6.78
CA PHE C 227 -34.21 -8.00 -7.19
C PHE C 227 -35.71 -8.22 -7.16
N LEU C 228 -36.38 -7.79 -6.09
CA LEU C 228 -37.82 -7.96 -6.01
C LEU C 228 -38.55 -7.10 -7.05
N TYR C 229 -38.03 -5.90 -7.32
CA TYR C 229 -38.62 -5.04 -8.33
C TYR C 229 -38.53 -5.68 -9.71
N SER C 230 -37.37 -6.22 -10.07
CA SER C 230 -37.23 -6.90 -11.34
C SER C 230 -38.08 -8.16 -11.40
N PHE C 231 -38.16 -8.91 -10.29
CA PHE C 231 -38.99 -10.11 -10.25
C PHE C 231 -40.46 -9.78 -10.49
N VAL C 232 -40.95 -8.70 -9.87
CA VAL C 232 -42.34 -8.32 -10.05
C VAL C 232 -42.58 -7.80 -11.46
N ARG C 233 -41.68 -6.97 -11.98
CA ARG C 233 -41.89 -6.35 -13.28
C ARG C 233 -41.52 -7.28 -14.42
N ASP C 234 -40.28 -7.77 -14.43
CA ASP C 234 -39.76 -8.47 -15.60
C ASP C 234 -40.34 -9.87 -15.73
N VAL C 235 -40.53 -10.57 -14.60
CA VAL C 235 -40.88 -11.99 -14.65
C VAL C 235 -42.35 -12.19 -14.33
N ILE C 236 -42.79 -11.78 -13.14
CA ILE C 236 -44.12 -12.11 -12.67
C ILE C 236 -45.20 -11.50 -13.55
N HIS C 237 -45.02 -10.23 -13.94
CA HIS C 237 -46.03 -9.58 -14.78
C HIS C 237 -46.26 -10.30 -16.10
N PRO C 238 -45.24 -10.70 -16.86
CA PRO C 238 -45.47 -11.57 -18.03
C PRO C 238 -45.41 -13.06 -17.73
N TYR C 239 -45.35 -13.47 -16.46
CA TYR C 239 -45.30 -14.89 -16.14
C TYR C 239 -46.55 -15.61 -16.62
N ALA C 240 -47.72 -15.00 -16.42
CA ALA C 240 -48.95 -15.57 -16.95
C ALA C 240 -48.92 -15.59 -18.48
N ARG C 241 -48.23 -14.62 -19.09
CA ARG C 241 -48.16 -14.57 -20.55
C ARG C 241 -47.33 -15.71 -21.11
N ASN C 242 -46.17 -15.98 -20.51
CA ASN C 242 -45.23 -16.97 -21.04
C ASN C 242 -45.07 -18.19 -20.15
N GLN C 243 -44.68 -18.01 -18.89
CA GLN C 243 -44.41 -19.11 -17.97
C GLN C 243 -43.41 -20.10 -18.58
N GLN C 244 -42.21 -19.61 -18.85
CA GLN C 244 -41.18 -20.40 -19.51
C GLN C 244 -40.04 -20.81 -18.58
N SER C 245 -40.20 -20.62 -17.27
CA SER C 245 -39.12 -20.89 -16.32
C SER C 245 -39.57 -21.85 -15.23
N ASP C 246 -38.60 -22.59 -14.70
CA ASP C 246 -38.83 -23.55 -13.62
C ASP C 246 -37.67 -23.44 -12.64
N PHE C 247 -37.56 -24.43 -11.75
CA PHE C 247 -36.48 -24.41 -10.76
C PHE C 247 -35.14 -24.71 -11.42
N TYR C 248 -35.14 -25.27 -12.63
CA TYR C 248 -33.91 -25.36 -13.41
C TYR C 248 -33.60 -24.03 -14.08
N LYS C 249 -34.31 -22.98 -13.69
CA LYS C 249 -33.96 -21.63 -14.09
C LYS C 249 -33.63 -20.80 -12.87
N ILE C 250 -32.85 -19.74 -13.06
CA ILE C 250 -32.52 -18.83 -11.97
C ILE C 250 -32.61 -17.39 -12.47
N PRO C 251 -33.02 -16.48 -11.60
CA PRO C 251 -32.98 -15.05 -11.90
C PRO C 251 -31.59 -14.46 -11.72
N ILE C 252 -30.67 -14.84 -12.59
CA ILE C 252 -29.37 -14.20 -12.66
C ILE C 252 -29.23 -13.38 -13.94
N GLU C 253 -30.26 -13.35 -14.77
CA GLU C 253 -30.52 -12.16 -15.56
C GLU C 253 -30.90 -10.99 -14.67
N ILE C 254 -31.62 -11.25 -13.58
CA ILE C 254 -31.97 -10.21 -12.61
C ILE C 254 -30.78 -9.76 -11.78
N VAL C 255 -29.88 -10.64 -11.35
CA VAL C 255 -28.69 -10.14 -10.65
C VAL C 255 -27.80 -9.35 -11.59
N ASN C 256 -27.81 -9.67 -12.89
CA ASN C 256 -27.10 -8.88 -13.88
C ASN C 256 -27.72 -7.48 -14.02
N LYS C 257 -29.00 -7.35 -13.74
CA LYS C 257 -29.65 -6.05 -13.69
C LYS C 257 -29.65 -5.43 -12.30
N THR C 258 -29.14 -6.15 -11.30
CA THR C 258 -29.17 -5.68 -9.93
C THR C 258 -27.81 -5.15 -9.48
N LEU C 259 -26.74 -5.83 -9.85
CA LEU C 259 -25.39 -5.37 -9.51
C LEU C 259 -25.10 -3.95 -10.01
N PRO C 260 -25.37 -3.60 -11.28
CA PRO C 260 -25.02 -2.25 -11.74
C PRO C 260 -25.79 -1.16 -11.03
N ILE C 261 -27.09 -1.38 -10.83
CA ILE C 261 -27.91 -0.37 -10.16
C ILE C 261 -27.44 -0.17 -8.74
N VAL C 262 -27.09 -1.25 -8.04
CA VAL C 262 -26.58 -1.13 -6.69
C VAL C 262 -25.28 -0.36 -6.67
N ALA C 263 -24.39 -0.62 -7.64
CA ALA C 263 -23.12 0.11 -7.68
C ALA C 263 -23.34 1.60 -7.88
N ILE C 264 -24.18 1.96 -8.86
CA ILE C 264 -24.39 3.38 -9.14
C ILE C 264 -25.12 4.05 -7.99
N THR C 265 -26.04 3.35 -7.33
CA THR C 265 -26.74 3.93 -6.19
C THR C 265 -25.79 4.12 -5.02
N LEU C 266 -24.84 3.21 -4.83
CA LEU C 266 -23.85 3.39 -3.77
C LEU C 266 -22.98 4.61 -4.05
N LEU C 267 -22.60 4.82 -5.31
CA LEU C 267 -21.85 6.04 -5.66
C LEU C 267 -22.68 7.29 -5.37
N SER C 268 -23.95 7.27 -5.76
CA SER C 268 -24.83 8.41 -5.49
C SER C 268 -24.93 8.68 -4.00
N LEU C 269 -25.00 7.63 -3.19
CA LEU C 269 -25.03 7.81 -1.74
C LEU C 269 -23.70 8.32 -1.22
N VAL C 270 -22.60 7.97 -1.87
CA VAL C 270 -21.30 8.49 -1.48
C VAL C 270 -21.29 10.02 -1.60
N TYR C 271 -21.87 10.54 -2.68
CA TYR C 271 -21.78 11.99 -2.89
C TYR C 271 -22.96 12.78 -2.34
N LEU C 272 -24.10 12.14 -2.09
CA LEU C 272 -25.21 12.83 -1.47
C LEU C 272 -24.87 13.27 -0.05
N ALA C 273 -23.95 12.55 0.62
CA ALA C 273 -23.52 12.96 1.94
C ALA C 273 -22.83 14.31 1.90
N GLY C 274 -21.94 14.51 0.93
CA GLY C 274 -21.31 15.81 0.78
C GLY C 274 -22.31 16.89 0.41
N LEU C 275 -23.25 16.56 -0.47
CA LEU C 275 -24.30 17.54 -0.79
C LEU C 275 -25.08 17.96 0.44
N LEU C 276 -25.44 16.99 1.29
CA LEU C 276 -26.23 17.30 2.48
C LEU C 276 -25.42 18.07 3.51
N ALA C 277 -24.13 17.77 3.62
CA ALA C 277 -23.27 18.56 4.50
C ALA C 277 -23.20 20.01 4.04
N ALA C 278 -23.08 20.23 2.73
CA ALA C 278 -23.10 21.60 2.20
C ALA C 278 -24.43 22.27 2.49
N ALA C 279 -25.53 21.54 2.33
CA ALA C 279 -26.84 22.13 2.60
C ALA C 279 -26.97 22.54 4.07
N TYR C 280 -26.52 21.69 4.98
CA TYR C 280 -26.57 22.02 6.40
C TYR C 280 -25.69 23.22 6.73
N GLN C 281 -24.49 23.27 6.15
CA GLN C 281 -23.62 24.41 6.39
C GLN C 281 -24.24 25.71 5.89
N LEU C 282 -24.81 25.70 4.69
CA LEU C 282 -25.46 26.90 4.17
C LEU C 282 -26.66 27.31 5.02
N TYR C 283 -27.45 26.33 5.47
CA TYR C 283 -28.63 26.65 6.26
C TYR C 283 -28.24 27.25 7.61
N TYR C 284 -27.32 26.60 8.32
CA TYR C 284 -26.93 27.10 9.64
C TYR C 284 -26.09 28.37 9.54
N GLY C 285 -25.28 28.49 8.49
CA GLY C 285 -24.42 29.64 8.30
C GLY C 285 -23.01 29.47 8.82
N THR C 286 -22.69 28.34 9.45
CA THR C 286 -21.37 28.10 10.00
C THR C 286 -20.97 26.66 9.77
N LYS C 287 -19.66 26.42 9.78
CA LYS C 287 -19.11 25.06 9.78
C LYS C 287 -18.75 24.61 11.19
N TYR C 288 -18.93 25.47 12.18
CA TYR C 288 -18.58 25.18 13.56
C TYR C 288 -19.75 24.57 14.32
N ARG C 289 -20.71 24.01 13.61
CA ARG C 289 -21.86 23.33 14.20
C ARG C 289 -21.77 21.86 13.86
N ARG C 290 -21.96 21.01 14.85
CA ARG C 290 -21.89 19.57 14.63
C ARG C 290 -23.05 19.09 13.77
N PHE C 291 -22.75 18.22 12.82
CA PHE C 291 -23.77 17.65 11.97
C PHE C 291 -24.66 16.71 12.78
N PRO C 292 -25.87 16.43 12.31
CA PRO C 292 -26.70 15.44 12.99
C PRO C 292 -26.00 14.09 13.00
N PRO C 293 -26.23 13.28 14.04
CA PRO C 293 -25.46 12.03 14.16
C PRO C 293 -25.57 11.12 12.95
N TRP C 294 -26.75 11.06 12.32
CA TRP C 294 -26.88 10.25 11.12
C TRP C 294 -26.01 10.79 10.00
N LEU C 295 -25.95 12.12 9.86
CA LEU C 295 -25.09 12.70 8.83
C LEU C 295 -23.62 12.45 9.14
N GLU C 296 -23.23 12.48 10.41
CA GLU C 296 -21.85 12.21 10.76
C GLU C 296 -21.48 10.77 10.42
N THR C 297 -22.34 9.82 10.78
CA THR C 297 -22.08 8.42 10.44
C THR C 297 -22.05 8.21 8.93
N TRP C 298 -22.93 8.90 8.20
CA TRP C 298 -22.93 8.83 6.74
C TRP C 298 -21.60 9.34 6.18
N LEU C 299 -21.13 10.47 6.70
CA LEU C 299 -19.88 11.04 6.21
C LEU C 299 -18.69 10.17 6.54
N GLN C 300 -18.70 9.50 7.69
CA GLN C 300 -17.54 8.70 8.08
C GLN C 300 -17.37 7.47 7.19
N CYS C 301 -18.48 6.87 6.74
CA CYS C 301 -18.42 5.63 5.99
C CYS C 301 -18.46 5.85 4.48
N ARG C 302 -18.08 7.03 4.00
CA ARG C 302 -18.11 7.30 2.57
C ARG C 302 -17.10 6.44 1.83
N LYS C 303 -15.94 6.19 2.46
CA LYS C 303 -14.92 5.34 1.84
C LYS C 303 -15.44 3.92 1.64
N GLN C 304 -16.12 3.37 2.65
CA GLN C 304 -16.65 2.02 2.55
C GLN C 304 -17.74 1.92 1.49
N LEU C 305 -18.61 2.92 1.43
CA LEU C 305 -19.64 2.94 0.39
C LEU C 305 -19.01 3.01 -0.99
N GLY C 306 -17.98 3.85 -1.15
CA GLY C 306 -17.32 3.96 -2.44
C GLY C 306 -16.63 2.68 -2.85
N LEU C 307 -15.96 2.01 -1.91
CA LEU C 307 -15.29 0.77 -2.25
C LEU C 307 -16.30 -0.33 -2.57
N LEU C 308 -17.44 -0.36 -1.87
CA LEU C 308 -18.50 -1.30 -2.24
C LEU C 308 -19.03 -1.01 -3.64
N SER C 309 -19.19 0.27 -3.97
CA SER C 309 -19.63 0.64 -5.31
C SER C 309 -18.63 0.19 -6.35
N PHE C 310 -17.34 0.37 -6.09
CA PHE C 310 -16.31 -0.07 -7.03
C PHE C 310 -16.32 -1.58 -7.19
N PHE C 311 -16.46 -2.31 -6.09
CA PHE C 311 -16.50 -3.77 -6.16
C PHE C 311 -17.69 -4.24 -6.97
N PHE C 312 -18.87 -3.64 -6.75
CA PHE C 312 -20.05 -4.05 -7.50
C PHE C 312 -19.95 -3.64 -8.96
N ALA C 313 -19.34 -2.49 -9.26
CA ALA C 313 -19.12 -2.12 -10.66
C ALA C 313 -18.18 -3.09 -11.35
N MET C 314 -17.14 -3.55 -10.65
CA MET C 314 -16.23 -4.52 -11.25
C MET C 314 -16.92 -5.86 -11.48
N VAL C 315 -17.77 -6.28 -10.54
CA VAL C 315 -18.53 -7.51 -10.74
C VAL C 315 -19.48 -7.36 -11.91
N HIS C 316 -20.09 -6.19 -12.07
CA HIS C 316 -20.93 -5.95 -13.24
C HIS C 316 -20.13 -6.00 -14.53
N VAL C 317 -18.93 -5.43 -14.54
CA VAL C 317 -18.09 -5.51 -15.73
C VAL C 317 -17.76 -6.96 -16.06
N ALA C 318 -17.46 -7.75 -15.04
CA ALA C 318 -17.16 -9.17 -15.26
C ALA C 318 -18.35 -9.90 -15.84
N TYR C 319 -19.55 -9.64 -15.30
CA TYR C 319 -20.75 -10.27 -15.84
C TYR C 319 -21.02 -9.83 -17.28
N SER C 320 -20.91 -8.54 -17.56
CA SER C 320 -21.17 -8.04 -18.90
C SER C 320 -20.14 -8.53 -19.90
N LEU C 321 -18.94 -8.91 -19.45
CA LEU C 321 -17.96 -9.48 -20.36
C LEU C 321 -18.18 -10.97 -20.56
N CYS C 322 -18.28 -11.73 -19.47
CA CYS C 322 -18.33 -13.19 -19.55
C CYS C 322 -19.67 -13.72 -20.06
N LEU C 323 -20.79 -13.20 -19.56
CA LEU C 323 -22.08 -13.79 -19.90
C LEU C 323 -22.54 -13.47 -21.32
N PRO C 324 -22.59 -12.21 -21.77
CA PRO C 324 -23.14 -11.96 -23.12
C PRO C 324 -22.33 -12.59 -24.24
N MET C 325 -21.08 -12.97 -23.98
CA MET C 325 -20.23 -13.46 -25.06
C MET C 325 -20.05 -14.97 -25.01
N ARG C 326 -20.66 -15.63 -24.03
CA ARG C 326 -20.52 -17.06 -23.83
C ARG C 326 -20.89 -17.85 -25.08
N ARG C 327 -20.42 -19.10 -25.13
CA ARG C 327 -20.70 -19.96 -26.28
C ARG C 327 -22.19 -20.21 -26.44
N SER C 328 -22.94 -20.16 -25.33
CA SER C 328 -24.38 -20.34 -25.41
C SER C 328 -25.07 -19.10 -25.98
N GLU C 329 -24.47 -17.92 -25.80
CA GLU C 329 -25.05 -16.71 -26.37
C GLU C 329 -24.99 -16.74 -27.89
N ARG C 330 -24.10 -17.56 -28.44
CA ARG C 330 -24.05 -17.76 -29.88
C ARG C 330 -25.20 -18.62 -30.39
N TYR C 331 -25.89 -19.34 -29.50
CA TYR C 331 -27.02 -20.18 -29.89
C TYR C 331 -28.19 -19.32 -30.34
N ASN C 350 -28.48 -1.79 -38.46
CA ASN C 350 -28.82 -0.68 -37.57
C ASN C 350 -27.57 0.09 -37.18
N GLU C 351 -27.26 1.14 -37.95
CA GLU C 351 -26.03 1.88 -37.75
C GLU C 351 -26.10 2.74 -36.50
N GLU C 352 -27.24 3.38 -36.26
CA GLU C 352 -27.40 4.20 -35.06
C GLU C 352 -27.33 3.33 -33.80
N GLU C 353 -27.69 2.06 -33.93
CA GLU C 353 -27.51 1.15 -32.80
C GLU C 353 -26.04 0.85 -32.56
N VAL C 354 -25.25 0.75 -33.63
CA VAL C 354 -23.80 0.62 -33.50
C VAL C 354 -23.24 1.83 -32.78
N TRP C 355 -23.62 3.02 -33.25
CA TRP C 355 -23.43 4.28 -32.55
C TRP C 355 -23.64 4.16 -31.05
N ARG C 356 -24.87 3.82 -30.65
CA ARG C 356 -25.21 3.82 -29.24
C ARG C 356 -24.37 2.81 -28.47
N ILE C 357 -24.23 1.60 -29.00
CA ILE C 357 -23.54 0.56 -28.25
C ILE C 357 -22.09 0.95 -28.01
N GLU C 358 -21.39 1.37 -29.06
CA GLU C 358 -20.01 1.82 -28.86
C GLU C 358 -19.94 2.98 -27.87
N MET C 359 -20.87 3.92 -27.94
CA MET C 359 -20.73 5.12 -27.14
C MET C 359 -20.98 4.85 -25.66
N TYR C 360 -22.00 4.05 -25.32
CA TYR C 360 -22.17 3.82 -23.88
C TYR C 360 -21.15 2.82 -23.33
N ILE C 361 -20.63 1.91 -24.17
CA ILE C 361 -19.53 1.08 -23.70
C ILE C 361 -18.32 1.95 -23.37
N SER C 362 -18.03 2.93 -24.24
CA SER C 362 -16.90 3.83 -23.99
C SER C 362 -17.11 4.62 -22.70
N PHE C 363 -18.33 5.11 -22.48
CA PHE C 363 -18.60 5.84 -21.24
C PHE C 363 -18.43 4.94 -20.02
N GLY C 364 -18.91 3.71 -20.10
CA GLY C 364 -18.71 2.78 -19.00
C GLY C 364 -17.24 2.53 -18.71
N ILE C 365 -16.43 2.40 -19.76
CA ILE C 365 -15.00 2.17 -19.57
C ILE C 365 -14.35 3.39 -18.93
N MET C 366 -14.72 4.59 -19.37
CA MET C 366 -14.19 5.80 -18.76
C MET C 366 -14.53 5.86 -17.28
N SER C 367 -15.79 5.60 -16.93
CA SER C 367 -16.19 5.63 -15.53
C SER C 367 -15.45 4.59 -14.71
N LEU C 368 -15.26 3.39 -15.27
CA LEU C 368 -14.52 2.35 -14.55
C LEU C 368 -13.08 2.76 -14.34
N GLY C 369 -12.46 3.41 -15.32
CA GLY C 369 -11.10 3.88 -15.13
C GLY C 369 -10.99 4.92 -14.03
N LEU C 370 -11.93 5.87 -13.99
CA LEU C 370 -11.90 6.88 -12.94
C LEU C 370 -12.12 6.25 -11.57
N LEU C 371 -13.05 5.29 -11.47
CA LEU C 371 -13.27 4.60 -10.21
C LEU C 371 -12.05 3.81 -9.79
N SER C 372 -11.34 3.23 -10.75
CA SER C 372 -10.10 2.52 -10.44
C SER C 372 -9.05 3.47 -9.89
N LEU C 373 -8.95 4.67 -10.46
CA LEU C 373 -8.03 5.67 -9.90
C LEU C 373 -8.40 6.01 -8.46
N LEU C 374 -9.69 6.22 -8.21
CA LEU C 374 -10.13 6.52 -6.84
C LEU C 374 -9.79 5.38 -5.89
N ALA C 375 -10.03 4.15 -6.31
CA ALA C 375 -9.76 3.00 -5.44
C ALA C 375 -8.27 2.83 -5.19
N VAL C 376 -7.44 3.08 -6.20
CA VAL C 376 -6.00 3.00 -6.02
C VAL C 376 -5.54 4.04 -5.02
N THR C 377 -6.07 5.27 -5.10
CA THR C 377 -5.71 6.27 -4.12
C THR C 377 -6.25 5.95 -2.73
N SER C 378 -7.13 4.96 -2.60
CA SER C 378 -7.70 4.62 -1.31
C SER C 378 -6.79 3.73 -0.47
N ILE C 379 -5.69 3.23 -1.04
CA ILE C 379 -4.73 2.46 -0.25
C ILE C 379 -4.07 3.38 0.77
N PRO C 380 -3.89 2.95 2.03
CA PRO C 380 -3.34 3.88 3.03
C PRO C 380 -1.99 4.48 2.65
N SER C 381 -1.10 3.70 2.04
CA SER C 381 0.19 4.27 1.62
C SER C 381 0.01 5.31 0.53
N VAL C 382 -0.85 5.03 -0.46
CA VAL C 382 -1.08 5.99 -1.53
C VAL C 382 -1.76 7.24 -0.99
N SER C 383 -2.73 7.07 -0.09
CA SER C 383 -3.42 8.22 0.48
C SER C 383 -2.47 9.08 1.30
N ASN C 384 -1.59 8.44 2.08
CA ASN C 384 -0.62 9.19 2.86
C ASN C 384 0.46 9.82 2.02
N ALA C 385 0.71 9.28 0.82
CA ALA C 385 1.73 9.82 -0.07
C ALA C 385 1.21 11.00 -0.90
N LEU C 386 -0.06 11.34 -0.79
CA LEU C 386 -0.66 12.43 -1.53
C LEU C 386 -0.96 13.60 -0.60
N ASN C 387 -0.72 14.82 -1.11
CA ASN C 387 -1.15 16.01 -0.41
C ASN C 387 -2.67 16.01 -0.25
N TRP C 388 -3.15 16.75 0.75
CA TRP C 388 -4.59 16.83 0.93
C TRP C 388 -5.25 17.51 -0.26
N ARG C 389 -4.54 18.42 -0.91
CA ARG C 389 -5.07 19.05 -2.12
C ARG C 389 -5.18 18.05 -3.26
N GLU C 390 -4.14 17.24 -3.47
CA GLU C 390 -4.18 16.24 -4.53
C GLU C 390 -5.20 15.17 -4.24
N PHE C 391 -5.27 14.70 -2.99
CA PHE C 391 -6.26 13.70 -2.62
C PHE C 391 -7.68 14.24 -2.78
N SER C 392 -7.90 15.48 -2.36
CA SER C 392 -9.21 16.09 -2.54
C SER C 392 -9.56 16.22 -4.01
N PHE C 393 -8.61 16.66 -4.84
CA PHE C 393 -8.86 16.75 -6.27
C PHE C 393 -9.26 15.39 -6.82
N ILE C 394 -8.44 14.37 -6.58
CA ILE C 394 -8.73 13.03 -7.09
C ILE C 394 -10.12 12.61 -6.66
N GLN C 395 -10.32 12.45 -5.35
CA GLN C 395 -11.59 11.94 -4.84
C GLN C 395 -12.76 12.78 -5.31
N SER C 396 -12.86 14.04 -4.85
CA SER C 396 -14.02 14.85 -5.17
C SER C 396 -14.21 15.01 -6.67
N THR C 397 -13.24 15.64 -7.34
CA THR C 397 -13.44 16.00 -8.75
C THR C 397 -13.59 14.77 -9.63
N LEU C 398 -12.64 13.83 -9.56
CA LEU C 398 -12.72 12.71 -10.48
C LEU C 398 -13.85 11.77 -10.13
N GLY C 399 -14.31 11.73 -8.88
CA GLY C 399 -15.47 10.92 -8.56
C GLY C 399 -16.76 11.55 -9.07
N TYR C 400 -16.85 12.88 -9.02
CA TYR C 400 -18.00 13.54 -9.62
C TYR C 400 -17.99 13.33 -11.13
N VAL C 401 -16.81 13.39 -11.75
CA VAL C 401 -16.72 13.12 -13.19
C VAL C 401 -17.10 11.68 -13.49
N ALA C 402 -16.67 10.75 -12.66
CA ALA C 402 -17.04 9.35 -12.85
C ALA C 402 -18.53 9.14 -12.70
N LEU C 403 -19.14 9.80 -11.72
CA LEU C 403 -20.59 9.70 -11.55
C LEU C 403 -21.33 10.27 -12.75
N LEU C 404 -20.87 11.40 -13.27
CA LEU C 404 -21.49 12.00 -14.45
C LEU C 404 -21.36 11.10 -15.67
N ILE C 405 -20.17 10.51 -15.85
CA ILE C 405 -19.96 9.63 -17.00
C ILE C 405 -20.78 8.36 -16.87
N SER C 406 -20.88 7.82 -15.65
CA SER C 406 -21.76 6.66 -15.42
C SER C 406 -23.21 7.02 -15.71
N THR C 407 -23.62 8.24 -15.34
CA THR C 407 -24.97 8.68 -15.63
C THR C 407 -25.22 8.71 -17.13
N PHE C 408 -24.28 9.24 -17.91
CA PHE C 408 -24.42 9.21 -19.36
C PHE C 408 -24.45 7.78 -19.89
N HIS C 409 -23.60 6.91 -19.33
CA HIS C 409 -23.50 5.53 -19.80
C HIS C 409 -24.82 4.80 -19.60
N VAL C 410 -25.47 5.01 -18.44
CA VAL C 410 -26.80 4.45 -18.24
C VAL C 410 -27.83 5.18 -19.10
N LEU C 411 -27.63 6.47 -19.34
CA LEU C 411 -28.65 7.30 -19.96
C LEU C 411 -28.84 6.97 -21.43
N ILE C 412 -27.76 6.60 -22.13
CA ILE C 412 -27.89 6.25 -23.54
C ILE C 412 -28.67 4.95 -23.70
N TYR C 413 -28.28 3.94 -22.92
CA TYR C 413 -29.01 2.69 -22.84
C TYR C 413 -30.48 2.94 -22.58
N GLY C 414 -30.78 3.78 -21.59
CA GLY C 414 -32.16 4.12 -21.32
C GLY C 414 -32.82 4.89 -22.45
N TRP C 415 -32.05 5.73 -23.14
CA TRP C 415 -32.63 6.60 -24.16
C TRP C 415 -33.21 5.78 -25.30
N LYS C 416 -32.53 4.71 -25.68
CA LYS C 416 -33.12 3.84 -26.70
C LYS C 416 -33.55 2.48 -26.15
N ARG C 417 -33.82 2.40 -24.85
CA ARG C 417 -34.55 1.26 -24.32
C ARG C 417 -35.83 1.65 -23.58
N ALA C 418 -36.14 2.94 -23.49
CA ALA C 418 -37.28 3.40 -22.70
C ALA C 418 -38.44 3.91 -23.53
N PHE C 419 -38.18 4.46 -24.71
CA PHE C 419 -39.25 5.05 -25.51
C PHE C 419 -40.26 4.04 -26.00
N GLU C 420 -39.94 2.74 -25.92
CA GLU C 420 -40.89 1.68 -26.25
C GLU C 420 -41.77 1.42 -25.04
N GLU C 421 -43.09 1.46 -25.24
CA GLU C 421 -44.03 1.41 -24.13
C GLU C 421 -44.00 0.08 -23.39
N GLU C 422 -43.44 -0.98 -24.00
CA GLU C 422 -43.38 -2.26 -23.32
C GLU C 422 -42.53 -2.21 -22.07
N TYR C 423 -41.42 -1.47 -22.13
CA TYR C 423 -40.49 -1.46 -21.00
C TYR C 423 -41.00 -0.57 -19.87
N TYR C 424 -41.88 0.37 -20.19
CA TYR C 424 -42.65 1.08 -19.16
C TYR C 424 -43.78 0.14 -18.76
N ARG C 425 -43.41 -0.92 -18.04
CA ARG C 425 -44.28 -2.07 -17.83
C ARG C 425 -44.92 -2.02 -16.45
N PHE C 426 -46.20 -2.38 -16.40
CA PHE C 426 -46.96 -2.48 -15.15
C PHE C 426 -46.94 -1.17 -14.36
N TYR C 427 -47.03 -0.04 -15.07
CA TYR C 427 -47.04 1.30 -14.47
C TYR C 427 -45.74 1.59 -13.71
N THR C 428 -44.75 0.71 -13.81
CA THR C 428 -43.51 0.81 -13.08
C THR C 428 -42.38 1.21 -14.02
N PRO C 429 -41.60 2.23 -13.68
CA PRO C 429 -40.49 2.65 -14.55
C PRO C 429 -39.46 1.53 -14.70
N PRO C 430 -38.77 1.49 -15.84
CA PRO C 430 -37.70 0.49 -16.02
C PRO C 430 -36.61 0.56 -14.97
N ASN C 431 -35.71 -0.42 -14.96
CA ASN C 431 -34.69 -0.50 -13.93
C ASN C 431 -33.74 0.70 -13.99
N PHE C 432 -33.36 1.12 -15.19
CA PHE C 432 -32.39 2.21 -15.30
C PHE C 432 -32.95 3.55 -14.87
N VAL C 433 -34.27 3.69 -14.78
CA VAL C 433 -34.86 4.98 -14.43
C VAL C 433 -34.50 5.36 -13.01
N LEU C 434 -34.53 4.41 -12.08
CA LEU C 434 -34.18 4.72 -10.69
C LEU C 434 -32.68 4.95 -10.53
N ALA C 435 -31.87 4.11 -11.19
CA ALA C 435 -30.43 4.28 -11.21
C ALA C 435 -30.04 5.59 -11.89
N LEU C 436 -30.95 6.21 -12.61
CA LEU C 436 -30.75 7.55 -13.11
C LEU C 436 -31.28 8.61 -12.15
N VAL C 437 -32.40 8.35 -11.46
CA VAL C 437 -33.04 9.41 -10.69
C VAL C 437 -32.20 9.78 -9.48
N LEU C 438 -31.48 8.81 -8.89
CA LEU C 438 -30.64 9.20 -7.77
C LEU C 438 -29.40 9.98 -8.18
N PRO C 439 -28.57 9.50 -9.13
CA PRO C 439 -27.46 10.33 -9.59
C PRO C 439 -27.90 11.65 -10.19
N SER C 440 -29.10 11.72 -10.76
CA SER C 440 -29.60 12.99 -11.26
C SER C 440 -29.78 13.98 -10.12
N ILE C 441 -30.33 13.53 -8.99
CA ILE C 441 -30.47 14.41 -7.83
C ILE C 441 -29.10 14.87 -7.36
N VAL C 442 -28.14 13.94 -7.29
CA VAL C 442 -26.80 14.32 -6.82
C VAL C 442 -26.19 15.36 -7.75
N ILE C 443 -26.30 15.16 -9.06
CA ILE C 443 -25.65 16.04 -10.01
C ILE C 443 -26.32 17.40 -10.05
N LEU C 444 -27.65 17.45 -10.01
CA LEU C 444 -28.33 18.74 -9.94
C LEU C 444 -27.98 19.48 -8.66
N GLY C 445 -27.85 18.77 -7.53
CA GLY C 445 -27.39 19.42 -6.32
C GLY C 445 -26.01 20.02 -6.48
N LYS C 446 -25.08 19.25 -7.05
CA LYS C 446 -23.72 19.75 -7.25
C LYS C 446 -23.71 20.97 -8.18
N ILE C 447 -24.52 20.95 -9.22
CA ILE C 447 -24.60 22.09 -10.13
C ILE C 447 -25.18 23.30 -9.40
N ILE C 448 -26.18 23.08 -8.55
CA ILE C 448 -26.74 24.17 -7.75
C ILE C 448 -25.66 24.78 -6.87
N LEU C 449 -24.76 23.95 -6.34
CA LEU C 449 -23.69 24.46 -5.50
C LEU C 449 -22.73 25.37 -6.28
N PHE C 450 -22.77 25.32 -7.61
CA PHE C 450 -21.92 26.17 -8.43
C PHE C 450 -22.53 27.52 -8.76
N LEU C 451 -23.77 27.78 -8.33
CA LEU C 451 -24.38 29.07 -8.62
C LEU C 451 -23.59 30.18 -7.93
N PRO C 452 -23.51 31.36 -8.56
CA PRO C 452 -22.66 32.43 -8.00
C PRO C 452 -23.06 32.81 -6.58
N CYS C 453 -24.34 33.02 -6.31
CA CYS C 453 -24.75 33.37 -4.96
C CYS C 453 -24.43 32.25 -3.97
N ILE C 454 -24.74 31.01 -4.35
CA ILE C 454 -24.49 29.89 -3.46
C ILE C 454 -23.00 29.62 -3.34
N SER C 455 -22.26 29.70 -4.45
CA SER C 455 -20.82 29.52 -4.37
C SER C 455 -20.19 30.56 -3.45
N ARG C 456 -20.69 31.79 -3.49
CA ARG C 456 -20.12 32.85 -2.67
C ARG C 456 -20.47 32.65 -1.21
N LYS C 457 -21.72 32.26 -0.93
CA LYS C 457 -22.15 31.97 0.44
C LYS C 457 -21.48 30.73 1.00
N LEU C 458 -20.96 29.86 0.13
CA LEU C 458 -20.29 28.67 0.62
C LEU C 458 -18.78 28.89 0.74
N LYS C 459 -18.22 29.80 -0.05
CA LYS C 459 -16.84 30.21 0.17
C LYS C 459 -16.70 31.07 1.40
N ARG C 460 -17.64 31.99 1.64
CA ARG C 460 -17.63 32.79 2.86
C ARG C 460 -17.76 31.92 4.10
N ILE C 461 -18.24 30.69 3.95
CA ILE C 461 -18.28 29.75 5.06
C ILE C 461 -16.99 28.95 5.09
N LYS C 462 -16.61 28.36 3.96
CA LYS C 462 -15.43 27.50 3.93
C LYS C 462 -14.18 28.23 4.39
N LYS C 463 -14.14 29.54 4.29
CA LYS C 463 -12.91 30.29 4.45
C LYS C 463 -12.92 31.17 5.71
N GLY C 464 -13.98 31.07 6.54
CA GLY C 464 -13.90 31.41 7.94
C GLY C 464 -14.83 32.52 8.40
N TRP C 465 -15.41 33.28 7.47
CA TRP C 465 -16.11 34.51 7.85
C TRP C 465 -17.57 34.23 8.21
N GLU C 466 -17.86 32.99 8.58
CA GLU C 466 -19.19 32.36 8.51
C GLU C 466 -20.23 33.24 9.19
N LYS C 467 -20.19 33.37 10.51
CA LYS C 467 -21.11 34.18 11.29
C LYS C 467 -20.32 34.55 12.54
N SER C 468 -19.73 35.74 12.54
CA SER C 468 -18.59 36.02 13.41
C SER C 468 -18.77 35.42 14.80
N GLN C 469 -19.81 35.83 15.51
CA GLN C 469 -20.13 35.23 16.81
C GLN C 469 -20.39 33.73 16.69
PA FAD D . 18.25 1.92 -13.97
O1A FAD D . 18.61 0.54 -13.61
O2A FAD D . 17.49 2.71 -12.91
O5B FAD D . 19.49 2.80 -14.39
C5B FAD D . 19.41 3.85 -15.36
C4B FAD D . 20.80 4.19 -15.84
O4B FAD D . 21.70 4.29 -14.71
C3B FAD D . 21.43 3.17 -16.79
O3B FAD D . 22.25 3.83 -17.74
C2B FAD D . 22.28 2.32 -15.86
O2B FAD D . 23.40 1.79 -16.56
C1B FAD D . 22.75 3.36 -14.84
N9A FAD D . 23.03 2.80 -13.52
C8A FAD D . 22.21 1.99 -12.78
N7A FAD D . 22.72 1.61 -11.63
C5A FAD D . 23.96 2.24 -11.61
C6A FAD D . 25.00 2.24 -10.65
N6A FAD D . 24.96 1.57 -9.50
N1A FAD D . 26.10 2.98 -10.94
C2A FAD D . 26.15 3.63 -12.11
N3A FAD D . 25.23 3.70 -13.07
C4A FAD D . 24.16 2.97 -12.76
N1 FAD D . 10.24 3.61 -11.54
C2 FAD D . 10.44 4.00 -10.27
O2 FAD D . 11.50 4.53 -9.92
N3 FAD D . 9.46 3.79 -9.31
C4 FAD D . 8.23 3.20 -9.54
O4 FAD D . 7.44 3.07 -8.62
C4X FAD D . 8.02 2.78 -10.90
N5 FAD D . 6.89 2.21 -11.20
C5X FAD D . 6.71 1.80 -12.51
C6 FAD D . 5.50 1.19 -12.87
C7 FAD D . 5.27 0.75 -14.16
C7M FAD D . 3.96 0.10 -14.50
C8 FAD D . 6.27 0.93 -15.14
C8M FAD D . 6.06 0.43 -16.54
C9 FAD D . 7.47 1.54 -14.80
C9A FAD D . 7.69 1.98 -13.50
N10 FAD D . 8.88 2.60 -13.13
C10 FAD D . 9.09 3.03 -11.84
C1' FAD D . 9.97 2.80 -14.10
C2' FAD D . 11.17 1.90 -13.85
O2' FAD D . 11.90 2.37 -12.71
C3' FAD D . 12.10 1.90 -15.05
O3' FAD D . 11.40 1.31 -16.15
C4' FAD D . 13.39 1.12 -14.82
O4' FAD D . 14.00 1.56 -13.61
C5' FAD D . 14.35 1.25 -15.98
O5' FAD D . 15.49 0.40 -15.74
P FAD D . 16.90 0.85 -16.33
O1P FAD D . 17.86 -0.27 -16.41
O2P FAD D . 16.61 1.55 -17.66
O3P FAD D . 17.37 1.97 -15.30
CHA HEM E . -3.25 -4.24 -31.09
CHB HEM E . -5.60 -7.08 -27.94
CHC HEM E . -2.43 -5.91 -24.47
CHD HEM E . -0.10 -3.05 -27.61
C1A HEM E . -4.15 -5.13 -30.55
C2A HEM E . -5.22 -5.83 -31.25
C3A HEM E . -5.85 -6.60 -30.38
C4A HEM E . -5.22 -6.44 -29.09
CMA HEM E . -7.06 -7.51 -30.68
CAA HEM E . -5.59 -5.71 -32.75
CBA HEM E . -5.94 -4.26 -33.10
CGA HEM E . -7.32 -3.93 -32.58
O1A HEM E . -7.65 -2.72 -32.52
O2A HEM E . -8.07 -4.87 -32.23
C1B HEM E . -4.92 -7.04 -26.74
C2B HEM E . -5.24 -7.84 -25.58
C3B HEM E . -4.36 -7.53 -24.61
C4B HEM E . -3.47 -6.51 -25.15
CMB HEM E . -6.39 -8.86 -25.56
CAB HEM E . -4.23 -8.08 -23.18
CBB HEM E . -5.12 -8.88 -22.59
C1C HEM E . -1.55 -5.00 -25.00
C2C HEM E . -0.53 -4.28 -24.28
C3C HEM E . 0.12 -3.49 -25.14
C4C HEM E . -0.48 -3.69 -26.45
CMC HEM E . -0.30 -4.46 -22.76
CAC HEM E . 1.29 -2.50 -24.91
CBC HEM E . 1.87 -2.26 -23.73
C1D HEM E . -0.81 -3.05 -28.78
C2D HEM E . -0.66 -2.10 -29.86
C3D HEM E . -1.50 -2.40 -30.84
C4D HEM E . -2.26 -3.57 -30.40
CMD HEM E . 0.34 -0.92 -29.88
CAD HEM E . -1.62 -1.57 -32.13
CBD HEM E . -1.84 -2.39 -33.40
CGD HEM E . -2.53 -1.48 -34.40
O1D HEM E . -2.47 -1.77 -35.62
O2D HEM E . -3.14 -0.48 -33.96
NA HEM E . -4.19 -5.54 -29.23
NB HEM E . -3.84 -6.23 -26.44
NC HEM E . -1.50 -4.61 -26.33
ND HEM E . -1.80 -3.93 -29.15
FE HEM E . -2.89 -4.97 -27.75
PA NAP F . -6.25 34.83 8.67
O1A NAP F . -7.65 34.38 8.66
O2A NAP F . -5.88 35.80 7.56
O5B NAP F . -5.86 35.54 10.07
C5B NAP F . -4.81 36.53 10.22
C4B NAP F . -4.39 36.57 11.66
O4B NAP F . -3.18 37.34 11.79
C3B NAP F . -5.41 37.19 12.62
O3B NAP F . -5.70 36.30 13.69
C2B NAP F . -4.73 38.45 13.15
O2B NAP F . -4.98 38.52 14.57
C1B NAP F . -3.25 38.15 12.96
N9A NAP F . -2.43 39.34 12.72
C8A NAP F . -1.42 39.80 13.52
N7A NAP F . -0.85 40.89 13.09
C5A NAP F . -1.54 41.18 11.92
C6A NAP F . -1.43 42.20 10.97
N6A NAP F . -0.53 43.19 11.05
N1A NAP F . -2.27 42.20 9.92
C2A NAP F . -3.17 41.22 9.83
N3A NAP F . -3.38 40.19 10.66
C4A NAP F . -2.52 40.22 11.69
O3 NAP F . -5.25 33.60 8.57
PN NAP F . -5.45 32.03 8.81
O1N NAP F . -6.16 31.45 7.65
O2N NAP F . -5.98 31.81 10.17
O5D NAP F . -3.94 31.51 8.74
C5D NAP F . -3.15 31.43 9.95
C4D NAP F . -1.78 30.90 9.62
O4D NAP F . -1.83 29.47 9.49
C3D NAP F . -1.18 31.43 8.32
O3D NAP F . 0.23 31.64 8.46
C2D NAP F . -1.50 30.31 7.33
O2D NAP F . -0.54 30.25 6.27
C1D NAP F . -1.39 29.08 8.20
N1N NAP F . -2.27 27.96 7.73
C2N NAP F . -3.56 28.22 7.51
C3N NAP F . -4.41 27.21 7.08
C7N NAP F . -5.86 27.51 6.84
O7N NAP F . -6.32 28.60 7.19
N7N NAP F . -6.59 26.58 6.24
C4N NAP F . -3.89 25.94 6.87
C5N NAP F . -2.54 25.71 7.10
C6N NAP F . -1.73 26.74 7.53
P2B NAP F . -5.76 39.66 15.38
O1X NAP F . -7.17 39.24 15.61
O2X NAP F . -4.98 39.87 16.67
O3X NAP F . -5.64 40.94 14.54
C1 LBN G . 1.63 8.29 -4.98
N1 LBN G . 6.55 11.65 -3.85
P1 LBN G . 3.73 9.51 -5.98
C2 LBN G . 0.93 7.44 -6.00
C3 LBN G . 0.33 8.28 -7.08
C4 LBN G . -5.94 1.57 -12.91
C5 LBN G . -2.78 -3.08 -9.23
C6 LBN G . 6.54 11.12 -5.26
O1 LBN G . 2.17 9.45 -5.65
C7 LBN G . -5.77 1.18 -14.36
C8 LBN G . -2.99 -3.48 -10.65
C9 LBN G . 5.38 11.56 -6.13
O2 LBN G . 4.13 11.02 -5.64
C10 LBN G . -6.88 0.30 -14.91
C11 LBN G . -3.83 -4.74 -10.82
C12 LBN G . 5.88 12.99 -3.78
O3 LBN G . 4.46 8.59 -5.09
C13 LBN G . -8.02 1.05 -15.55
C14 LBN G . -4.10 -5.10 -12.26
C15 LBN G . 5.83 10.71 -2.93
O4 LBN G . 3.87 9.36 -7.45
C16 LBN G . -9.09 0.15 -16.15
C17 LBN G . -4.94 -6.34 -12.46
C18 LBN G . 7.96 11.79 -3.37
C19 LBN G . -10.10 0.88 -17.01
C20 LBN G . -5.20 -6.69 -13.91
C21 LBN G . -11.13 -0.06 -17.62
C25 LBN G . -1.77 8.32 -8.18
O5 LBN G . -0.83 7.58 -7.61
C26 LBN G . -2.97 7.49 -8.55
O6 LBN G . -1.68 9.51 -8.35
C27 LBN G . -3.05 7.21 -10.04
C28 LBN G . -2.46 5.87 -10.44
C29 LBN G . -2.38 5.65 -11.94
C30 LBN G . -2.32 4.19 -12.35
C31 LBN G . -3.57 3.41 -12.03
C32 LBN G . -3.48 1.93 -12.36
C33 LBN G . -4.76 1.17 -12.04
C34 LBN G . 1.73 5.27 -6.74
O7 LBN G . 1.97 6.59 -6.59
C35 LBN G . 0.37 4.87 -6.27
O8 LBN G . 2.54 4.50 -7.18
C36 LBN G . 0.02 3.42 -6.60
C37 LBN G . -0.12 3.15 -8.09
C38 LBN G . 0.10 1.71 -8.47
C39 LBN G . -0.95 0.76 -7.93
C40 LBN G . -2.16 0.60 -8.84
C41 LBN G . -2.18 -0.69 -9.64
C42 LBN G . -2.43 -1.89 -8.79
C1 CLR H . 32.46 6.27 -26.20
C2 CLR H . 33.59 5.69 -25.34
C3 CLR H . 34.72 5.20 -26.20
C4 CLR H . 34.24 4.10 -27.14
C5 CLR H . 32.72 3.98 -27.12
C6 CLR H . 32.16 2.78 -27.04
C7 CLR H . 30.68 2.54 -27.03
C8 CLR H . 29.91 3.73 -27.60
C9 CLR H . 30.42 5.03 -26.97
C10 CLR H . 31.94 5.27 -27.25
C11 CLR H . 29.55 6.23 -27.33
C12 CLR H . 28.05 6.00 -27.15
C13 CLR H . 27.56 4.75 -27.89
C14 CLR H . 28.41 3.58 -27.33
C15 CLR H . 27.68 2.34 -27.85
C16 CLR H . 26.22 2.71 -27.64
C17 CLR H . 26.14 4.25 -27.57
C18 CLR H . 27.77 4.90 -29.40
C19 CLR H . 32.16 5.86 -28.65
C20 CLR H . 24.95 4.79 -28.38
C21 CLR H . 24.60 6.25 -28.03
C22 CLR H . 23.71 3.89 -28.24
C23 CLR H . 22.93 4.09 -26.95
C24 CLR H . 21.48 3.63 -27.06
C25 CLR H . 20.60 4.44 -27.99
C26 CLR H . 19.16 3.98 -27.96
C27 CLR H . 20.69 5.93 -27.69
O1 CLR H . 35.26 6.27 -26.98
C1 CLR I . 16.87 18.01 -28.59
C2 CLR I . 17.06 19.44 -29.10
C3 CLR I . 18.36 20.02 -28.58
C4 CLR I . 18.37 19.99 -27.06
C5 CLR I . 17.15 19.31 -26.49
C6 CLR I . 16.44 19.88 -25.53
C7 CLR I . 15.22 19.30 -24.89
C8 CLR I . 15.07 17.81 -25.17
C9 CLR I . 15.37 17.52 -26.64
C10 CLR I . 16.81 17.93 -27.06
C11 CLR I . 15.04 16.07 -27.03
C12 CLR I . 13.64 15.64 -26.62
C13 CLR I . 13.38 15.85 -25.13
C14 CLR I . 13.65 17.34 -24.84
C15 CLR I . 13.08 17.56 -23.44
C16 CLR I . 11.87 16.59 -23.35
C17 CLR I . 11.91 15.76 -24.65
C18 CLR I . 14.30 14.94 -24.29
C19 CLR I . 17.86 16.93 -26.56
C20 CLR I . 11.27 14.37 -24.45
C21 CLR I . 10.81 13.73 -25.76
C22 CLR I . 10.10 14.46 -23.46
C23 CLR I . 10.30 13.71 -22.15
C24 CLR I . 9.79 14.50 -20.96
C25 CLR I . 9.14 13.68 -19.86
C26 CLR I . 8.34 14.57 -18.95
C27 CLR I . 8.28 12.59 -20.45
O1 CLR I . 19.46 19.29 -29.09
PA FAD J . -4.43 -20.14 10.32
O1A FAD J . -5.68 -19.55 10.83
O2A FAD J . -3.28 -19.17 10.10
O5B FAD J . -3.88 -21.29 11.25
C5B FAD J . -3.13 -22.42 10.74
C4B FAD J . -3.12 -23.51 11.78
O4B FAD J . -2.81 -22.96 13.07
C3B FAD J . -4.44 -24.26 11.94
O3B FAD J . -4.19 -25.63 12.25
C2B FAD J . -5.09 -23.57 13.13
O2B FAD J . -5.93 -24.46 13.84
C1B FAD J . -3.87 -23.21 13.98
N9A FAD J . -4.06 -22.03 14.81
C8A FAD J . -4.51 -20.80 14.41
N7A FAD J . -4.59 -19.92 15.37
C5A FAD J . -4.15 -20.61 16.49
C6A FAD J . -4.00 -20.23 17.84
N6A FAD J . -4.30 -19.02 18.32
N1A FAD J . -3.52 -21.17 18.69
C2A FAD J . -3.23 -22.38 18.22
N3A FAD J . -3.34 -22.85 16.98
C4A FAD J . -3.81 -21.91 16.16
N1 FAD J . -1.14 -15.25 4.14
C2 FAD J . -0.43 -14.37 4.87
O2 FAD J . 0.05 -14.68 5.97
N3 FAD J . -0.23 -13.09 4.41
C4 FAD J . -0.71 -12.58 3.21
O4 FAD J . -0.47 -11.41 2.89
C4X FAD J . -1.47 -13.53 2.44
N5 FAD J . -1.96 -13.14 1.29
C5X FAD J . -2.71 -14.04 0.57
C6 FAD J . -3.24 -13.64 -0.66
C7 FAD J . -4.00 -14.52 -1.42
C7M FAD J . -4.56 -14.06 -2.74
C8 FAD J . -4.24 -15.82 -0.95
C8M FAD J . -5.08 -16.79 -1.75
C9 FAD J . -3.71 -16.23 0.26
C9A FAD J . -2.94 -15.35 1.02
N10 FAD J . -2.39 -15.72 2.25
C10 FAD J . -1.64 -14.84 2.98
C1' FAD J . -2.61 -17.07 2.80
C2' FAD J . -3.54 -17.07 4.00
O2' FAD J . -2.86 -16.56 5.15
C3' FAD J . -4.00 -18.50 4.31
O3' FAD J . -4.79 -18.95 3.22
C4' FAD J . -4.83 -18.59 5.59
O4' FAD J . -4.14 -17.94 6.66
C5' FAD J . -5.16 -20.03 5.95
O5' FAD J . -6.04 -20.03 7.09
P FAD J . -5.96 -21.26 8.10
O1P FAD J . -7.16 -21.38 8.94
O2P FAD J . -5.63 -22.49 7.25
O3P FAD J . -4.66 -20.92 8.96
CHA HEM K . -12.55 -23.85 -16.39
CHB HEM K . -14.06 -19.29 -17.09
CHC HEM K . -12.34 -18.03 -12.74
CHD HEM K . -10.81 -22.56 -12.06
C1A HEM K . -13.13 -22.74 -16.95
C2A HEM K . -13.86 -22.68 -18.20
C3A HEM K . -14.27 -21.43 -18.39
C4A HEM K . -13.83 -20.64 -17.26
CMA HEM K . -15.08 -20.89 -19.59
CAA HEM K . -14.14 -23.84 -19.19
CBA HEM K . -12.82 -24.44 -19.68
CGA HEM K . -12.19 -23.53 -20.69
O1A HEM K . -10.98 -23.71 -20.99
O2A HEM K . -12.89 -22.62 -21.21
C1B HEM K . -13.75 -18.58 -15.96
C2B HEM K . -14.15 -17.20 -15.73
C3B HEM K . -13.68 -16.85 -14.51
C4B HEM K . -12.98 -17.98 -13.97
CMB HEM K . -14.97 -16.38 -16.74
CAB HEM K . -13.80 -15.50 -13.77
CBB HEM K . -14.29 -14.37 -14.30
C1C HEM K . -11.73 -19.14 -12.20
C2C HEM K . -10.97 -19.17 -10.97
C3C HEM K . -10.55 -20.42 -10.78
C4C HEM K . -11.03 -21.23 -11.89
CMC HEM K . -10.74 -17.91 -10.10
CAC HEM K . -9.69 -21.02 -9.64
CBC HEM K . -9.19 -20.33 -8.61
C1D HEM K . -11.06 -23.28 -13.20
C2D HEM K . -10.49 -24.56 -13.55
C3D HEM K . -10.95 -24.93 -14.73
C4D HEM K . -11.85 -23.89 -15.20
CMD HEM K . -9.50 -25.37 -12.68
CAD HEM K . -10.53 -26.25 -15.41
CBD HEM K . -11.63 -27.00 -16.15
CGD HEM K . -10.98 -27.84 -17.21
O1D HEM K . -11.61 -28.81 -17.70
O2D HEM K . -9.82 -27.53 -17.58
NA HEM K . -13.13 -21.48 -16.40
NB HEM K . -13.04 -19.02 -14.87
NC HEM K . -11.76 -20.40 -12.73
ND HEM K . -11.88 -22.90 -14.24
FE HEM K . -12.33 -20.93 -14.60
PA NAP L . 36.35 -0.86 -2.38
O1A NAP L . 36.09 -0.14 -3.64
O2A NAP L . 36.90 -2.27 -2.54
O5B NAP L . 37.38 -0.06 -1.43
C5B NAP L . 38.23 -0.67 -0.43
C4B NAP L . 38.63 0.37 0.57
O4B NAP L . 39.25 -0.27 1.71
C3B NAP L . 39.63 1.42 0.06
O3B NAP L . 39.13 2.73 0.28
C2B NAP L . 40.89 1.19 0.88
O2B NAP L . 41.40 2.49 1.27
C1B NAP L . 40.37 0.50 2.13
N9A NAP L . 41.33 -0.40 2.75
C8A NAP L . 41.87 -0.29 4.00
N7A NAP L . 42.71 -1.25 4.31
C5A NAP L . 42.73 -2.04 3.18
C6A NAP L . 43.42 -3.23 2.85
N6A NAP L . 44.28 -3.83 3.68
N1A NAP L . 43.21 -3.76 1.63
C2A NAP L . 42.37 -3.15 0.80
N3A NAP L . 41.65 -2.04 1.00
C4A NAP L . 41.88 -1.53 2.21
O3 NAP L . 35.02 -0.98 -1.51
PN NAP L . 33.62 -0.20 -1.55
O1N NAP L . 32.83 -0.71 -2.69
O2N NAP L . 33.88 1.25 -1.44
O5D NAP L . 32.94 -0.72 -0.22
C5D NAP L . 33.10 0.01 1.02
C4D NAP L . 32.34 -0.70 2.12
O4D NAP L . 30.95 -0.34 2.03
C3D NAP L . 32.39 -2.22 2.09
O3D NAP L . 32.46 -2.75 3.41
C2D NAP L . 31.08 -2.59 1.38
O2D NAP L . 30.61 -3.87 1.79
C1D NAP L . 30.15 -1.49 1.88
N1N NAP L . 29.06 -1.19 0.90
C2N NAP L . 29.40 -0.91 -0.37
C3N NAP L . 28.43 -0.61 -1.30
C7N NAP L . 28.82 -0.30 -2.71
O7N NAP L . 30.01 -0.14 -2.99
N7N NAP L . 27.86 -0.22 -3.62
C4N NAP L . 27.09 -0.61 -0.90
C5N NAP L . 26.78 -0.91 0.41
C6N NAP L . 27.78 -1.19 1.31
P2B NAP L . 42.80 3.15 0.91
O1X NAP L . 42.65 4.06 -0.25
O2X NAP L . 43.27 3.87 2.17
O3X NAP L . 43.76 1.98 0.63
C1 LBN M . 6.25 -7.52 -0.83
N1 LBN M . 9.16 -9.66 4.05
P1 LBN M . 6.87 -9.64 0.61
C2 LBN M . 5.23 -7.83 -1.89
C3 LBN M . 5.79 -8.77 -2.91
C4 LBN M . -1.49 -9.03 -10.99
C5 LBN M . -5.24 -5.75 -6.47
C6 LBN M . 8.25 -10.69 3.43
O1 LBN M . 7.09 -8.68 -0.65
C7 LBN M . -2.29 -10.22 -11.46
C8 LBN M . -5.99 -6.76 -7.27
C9 LBN M . 8.57 -11.09 2.00
O2 LBN M . 8.34 -9.98 1.10
C10 LBN M . -3.16 -9.95 -12.68
C11 LBN M . -7.14 -6.16 -8.08
C12 LBN M . 10.53 -9.74 3.46
O3 LBN M . 6.16 -8.89 1.67
C13 LBN M . -2.48 -10.25 -14.00
C14 LBN M . -7.86 -7.17 -8.94
C15 LBN M . 8.62 -8.28 3.82
O4 LBN M . 6.28 -10.90 0.10
C16 LBN M . -3.38 -10.05 -15.21
C17 LBN M . -8.99 -6.59 -9.77
C18 LBN M . 9.26 -9.89 5.52
C19 LBN M . -2.82 -10.58 -16.50
C20 LBN M . -9.71 -7.62 -10.63
C21 LBN M . -3.74 -10.37 -17.68
C25 LBN M . 5.77 -8.83 -5.28
O5 LBN M . 5.12 -8.51 -4.17
C26 LBN M . 5.03 -8.39 -6.51
O6 LBN M . 6.84 -9.40 -5.29
C27 LBN M . 4.34 -9.55 -7.23
C28 LBN M . 2.88 -9.72 -6.84
C29 LBN M . 2.24 -10.96 -7.42
C30 LBN M . 0.73 -10.89 -7.52
C31 LBN M . 0.23 -9.84 -8.50
C32 LBN M . -1.28 -9.70 -8.55
C33 LBN M . -1.75 -8.66 -9.54
C34 LBN M . 2.86 -8.13 -1.45
O7 LBN M . 4.12 -8.51 -1.20
C35 LBN M . 2.78 -7.02 -2.47
O8 LBN M . 1.90 -8.60 -0.90
C36 LBN M . 1.36 -6.71 -2.90
C37 LBN M . 0.69 -7.84 -3.67
C38 LBN M . -0.83 -7.81 -3.62
C39 LBN M . -1.43 -6.61 -4.32
C40 LBN M . -1.70 -6.83 -5.80
C41 LBN M . -3.15 -7.11 -6.15
C42 LBN M . -4.02 -5.90 -5.99
C1 CLR N . -5.56 -37.87 17.74
C2 CLR N . -6.00 -37.43 19.13
C3 CLR N . -6.86 -38.49 19.79
C4 CLR N . -8.10 -38.73 18.95
C5 CLR N . -8.03 -38.06 17.61
C6 CLR N . -9.07 -37.37 17.15
C7 CLR N . -9.12 -36.67 15.82
C8 CLR N . -8.07 -37.21 14.87
C9 CLR N . -6.71 -37.29 15.59
C10 CLR N . -6.74 -38.23 16.82
C11 CLR N . -5.56 -37.61 14.62
C12 CLR N . -5.54 -36.76 13.35
C13 CLR N . -6.89 -36.79 12.61
C14 CLR N . -7.94 -36.31 13.64
C15 CLR N . -9.18 -36.06 12.78
C16 CLR N . -8.58 -35.39 11.54
C17 CLR N . -7.09 -35.76 11.47
C18 CLR N . -7.20 -38.22 12.13
C19 CLR N . -6.62 -39.71 16.41
C20 CLR N . -6.66 -36.14 10.05
C21 CLR N . -5.14 -36.15 9.86
C22 CLR N . -7.33 -35.22 9.01
C23 CLR N . -6.68 -33.85 8.86
C24 CLR N . -6.96 -33.20 7.51
C25 CLR N . -6.35 -33.88 6.30
C26 CLR N . -6.60 -33.11 5.03
C27 CLR N . -4.87 -34.12 6.50
O1 CLR N . -6.12 -39.70 19.92
C1 CLR O . 6.82 -37.07 2.49
C2 CLR O . 8.02 -38.02 2.41
C3 CLR O . 8.56 -38.30 3.79
C4 CLR O . 8.96 -37.01 4.47
C5 CLR O . 8.63 -35.79 3.63
C6 CLR O . 9.53 -34.86 3.40
C7 CLR O . 9.32 -33.63 2.59
C8 CLR O . 7.84 -33.33 2.35
C9 CLR O . 7.10 -34.62 1.98
C10 CLR O . 7.20 -35.71 3.09
C11 CLR O . 5.66 -34.36 1.54
C12 CLR O . 5.54 -33.30 0.46
C13 CLR O . 6.21 -31.97 0.87
C14 CLR O . 7.67 -32.31 1.22
C15 CLR O . 8.35 -30.95 1.32
C16 CLR O . 7.60 -30.08 0.28
C17 CLR O . 6.43 -30.93 -0.23
C18 CLR O . 5.47 -31.36 2.07
C19 CLR O . 6.26 -35.41 4.27
C20 CLR O . 5.24 -30.06 -0.70
C21 CLR O . 4.32 -30.78 -1.69
C22 CLR O . 5.75 -28.75 -1.33
C23 CLR O . 5.40 -27.49 -0.57
C24 CLR O . 6.55 -26.50 -0.52
C25 CLR O . 6.17 -25.04 -0.61
C26 CLR O . 7.38 -24.20 -0.95
C27 CLR O . 5.07 -24.85 -1.63
O1 CLR O . 7.58 -38.98 4.58
PA FAD P . -15.62 16.95 0.80
O1A FAD P . -14.77 17.73 -0.11
O2A FAD P . -14.90 15.97 1.72
O5B FAD P . -16.52 17.86 1.72
C5B FAD P . -17.82 17.47 2.18
C4B FAD P . -18.56 18.69 2.66
O4B FAD P . -17.71 19.50 3.49
C3B FAD P . -19.08 19.62 1.56
O3B FAD P . -20.32 20.21 1.94
C2B FAD P . -17.99 20.68 1.48
O2B FAD P . -18.53 21.92 1.04
C1B FAD P . -17.56 20.79 2.95
N9A FAD P . -16.17 21.20 3.12
C8A FAD P . -15.06 20.68 2.51
N7A FAD P . -13.94 21.26 2.84
C5A FAD P . -14.34 22.24 3.74
C6A FAD P . -13.61 23.21 4.47
N6A FAD P . -12.28 23.37 4.38
N1A FAD P . -14.31 24.04 5.28
C2A FAD P . -15.63 23.89 5.35
N3A FAD P . -16.41 23.02 4.72
C4A FAD P . -15.70 22.22 3.93
N1 FAD P . -13.16 8.77 1.00
C2 FAD P . -12.20 8.83 1.94
O2 FAD P . -12.24 9.66 2.86
N3 FAD P . -11.13 7.95 1.90
C4 FAD P . -10.94 6.97 0.95
O4 FAD P . -9.96 6.24 1.01
C4X FAD P . -11.96 6.92 -0.06
N5 FAD P . -11.87 6.03 -1.00
C5X FAD P . -12.84 6.00 -1.98
C6 FAD P . -12.75 5.05 -3.00
C7 FAD P . -13.71 4.99 -4.00
C7M FAD P . -13.58 3.96 -5.09
C8 FAD P . -14.79 5.90 -3.99
C8M FAD P . -15.82 5.87 -5.09
C9 FAD P . -14.89 6.84 -2.98
C9A FAD P . -13.92 6.89 -1.97
N10 FAD P . -14.00 7.83 -0.94
C10 FAD P . -13.04 7.87 0.04
C1' FAD P . -15.08 8.81 -0.88
C2' FAD P . -14.63 10.23 -1.19
O2' FAD P . -13.90 10.76 -0.08
C3' FAD P . -15.83 11.13 -1.46
O3' FAD P . -16.48 10.66 -2.63
C4' FAD P . -15.46 12.60 -1.64
O4' FAD P . -14.63 13.01 -0.56
C5' FAD P . -16.68 13.49 -1.76
O5' FAD P . -16.25 14.83 -2.05
P FAD P . -17.14 16.04 -1.52
O1P FAD P . -16.86 17.29 -2.24
O2P FAD P . -18.58 15.56 -1.58
O3P FAD P . -16.73 16.12 0.02
CHA HEM Q . -25.83 -1.30 -18.07
CHB HEM Q . -21.52 -2.68 -19.80
CHC HEM Q . -19.26 -0.09 -16.39
CHD HEM Q . -23.57 1.27 -14.64
C1A HEM Q . -24.86 -1.88 -18.86
C2A HEM Q . -25.07 -2.67 -20.06
C3A HEM Q . -23.88 -3.04 -20.53
C4A HEM Q . -22.87 -2.51 -19.65
CMA HEM Q . -23.62 -3.89 -21.79
CAA HEM Q . -26.42 -3.03 -20.72
CBA HEM Q . -27.29 -3.82 -19.74
CGA HEM Q . -26.79 -5.23 -19.62
O1A HEM Q . -27.20 -5.93 -18.66
O2A HEM Q . -26.00 -5.66 -20.50
C1B HEM Q . -20.53 -2.07 -19.05
C2B HEM Q . -19.12 -2.14 -19.32
C3B HEM Q . -18.48 -1.41 -18.38
C4B HEM Q . -19.50 -0.89 -17.49
CMB HEM Q . -18.53 -2.92 -20.52
CAB HEM Q . -16.98 -1.14 -18.19
CBB HEM Q . -15.99 -1.75 -18.87
C1C HEM Q . -20.24 0.46 -15.59
C2C HEM Q . -20.01 1.20 -14.37
C3C HEM Q . -21.20 1.58 -13.88
C4C HEM Q . -22.22 1.09 -14.79
CMC HEM Q . -18.60 1.46 -13.79
CAC HEM Q . -21.54 2.39 -12.61
CBC HEM Q . -20.66 2.83 -11.71
C1D HEM Q . -24.55 0.61 -15.35
C2D HEM Q . -25.94 0.49 -14.97
C3D HEM Q . -26.58 -0.22 -15.89
C4D HEM Q . -25.60 -0.57 -16.92
CMD HEM Q . -26.57 1.06 -13.68
CAD HEM Q . -28.08 -0.56 -15.79
CBD HEM Q . -28.85 -0.50 -17.10
CGD HEM Q . -30.04 -1.42 -16.95
O1D HEM Q . -31.03 -1.26 -17.71
O2D HEM Q . -29.99 -2.31 -16.08
NA HEM Q . -23.50 -1.81 -18.64
NB HEM Q . -20.74 -1.30 -17.93
NC HEM Q . -21.60 0.42 -15.82
ND HEM Q . -24.39 -0.04 -16.55
FE HEM Q . -22.56 -0.77 -17.15
PA NAP R . -5.97 -16.93 31.70
O1A NAP R . -5.61 -18.13 30.91
O2A NAP R . -7.42 -16.86 32.15
O5B NAP R . -5.06 -16.81 33.03
C5B NAP R . -5.46 -16.11 34.24
C4B NAP R . -4.23 -15.75 35.02
O4B NAP R . -4.58 -14.85 36.08
C3B NAP R . -3.50 -16.93 35.68
O3B NAP R . -2.14 -16.95 35.30
C2B NAP R . -3.64 -16.69 37.18
O2B NAP R . -2.36 -16.97 37.79
C1B NAP R . -3.87 -15.19 37.26
N9A NAP R . -4.67 -14.78 38.41
C8A NAP R . -4.27 -13.96 39.44
N7A NAP R . -5.19 -13.76 40.35
C5A NAP R . -6.28 -14.48 39.88
C6A NAP R . -7.58 -14.68 40.38
N6A NAP R . -8.02 -14.14 41.52
N1A NAP R . -8.42 -15.47 39.67
C2A NAP R . -7.97 -16.02 38.54
N3A NAP R . -6.77 -15.91 37.97
C4A NAP R . -5.97 -15.12 38.69
O3 NAP R . -5.67 -15.60 30.89
PN NAP R . -4.77 -15.30 29.60
O1N NAP R . -5.48 -15.78 28.39
O2N NAP R . -3.39 -15.76 29.85
O5D NAP R . -4.80 -13.71 29.57
C5D NAP R . -3.77 -12.95 30.24
C4D NAP R . -4.02 -11.48 30.05
O4D NAP R . -3.54 -11.07 28.74
C3D NAP R . -5.50 -11.05 30.10
O3D NAP R . -5.62 -9.79 30.74
C2D NAP R . -5.88 -10.99 28.63
O2D NAP R . -6.92 -10.05 28.39
C1D NAP R . -4.59 -10.52 27.98
N1N NAP R . -4.44 -10.99 26.57
C2N NAP R . -4.58 -12.31 26.32
C3N NAP R . -4.45 -12.78 25.04
C7N NAP R . -4.61 -14.25 24.77
O7N NAP R . -4.69 -15.04 25.72
N7N NAP R . -4.67 -14.65 23.51
C4N NAP R . -4.17 -11.88 24.01
C5N NAP R . -4.03 -10.54 24.30
C6N NAP R . -4.17 -10.10 25.59
P2B NAP R . -2.00 -18.08 38.88
O1X NAP R . -1.45 -19.29 38.22
O2X NAP R . -1.03 -17.41 39.85
O3X NAP R . -3.31 -18.34 39.64
C1 LBN S . -8.15 -0.96 5.38
N1 LBN S . -9.13 2.64 10.15
P1 LBN S . -9.83 0.66 6.59
C2 LBN S . -8.62 -1.34 4.00
C3 LBN S . -9.88 -2.16 4.08
C4 LBN S . -11.55 -5.94 -5.99
C5 LBN S . -6.68 -1.54 -7.44
C6 LBN S . -10.18 2.82 9.08
O1 LBN S . -9.30 -0.80 6.23
C7 LBN S . -12.72 -5.63 -6.90
C8 LBN S . -7.78 -1.59 -8.45
C9 LBN S . -11.01 1.60 8.74
O2 LBN S . -10.19 0.58 8.14
C10 LBN S . -12.71 -6.40 -8.21
C11 LBN S . -7.29 -1.99 -9.85
C12 LBN S . -9.56 1.59 11.13
O3 LBN S . -8.72 1.63 6.41
C13 LBN S . -13.45 -7.72 -8.17
C14 LBN S . -8.41 -2.11 -10.86
C15 LBN S . -7.83 2.25 9.54
O4 LBN S . -11.09 0.86 5.86
C16 LBN S . -13.49 -8.43 -9.51
C17 LBN S . -7.96 -2.53 -12.25
C18 LBN S . -8.95 3.94 10.89
C19 LBN S . -14.44 -9.61 -9.56
C20 LBN S . -9.09 -2.64 -13.25
C21 LBN S . -14.47 -10.29 -10.91
C25 LBN S . -10.62 -4.15 3.04
O5 LBN S . -9.91 -3.03 2.92
C26 LBN S . -10.46 -5.03 1.82
O6 LBN S . -11.28 -4.43 4.00
C27 LBN S . -11.68 -5.00 0.91
C28 LBN S . -11.55 -4.00 -0.24
C29 LBN S . -12.82 -3.85 -1.05
C30 LBN S . -12.59 -3.32 -2.46
C31 LBN S . -11.82 -4.27 -3.35
C32 LBN S . -11.51 -3.73 -4.72
C33 LBN S . -10.75 -4.70 -5.60
C34 LBN S . -8.48 0.11 2.06
O7 LBN S . -8.93 -0.09 3.32
C35 LBN S . -7.72 -1.07 1.53
O8 LBN S . -8.65 1.13 1.44
C36 LBN S . -7.38 -0.94 0.05
C37 LBN S . -8.59 -0.97 -0.86
C38 LBN S . -8.36 -0.31 -2.21
C39 LBN S . -7.34 -1.02 -3.08
C40 LBN S . -7.95 -2.11 -3.95
C41 LBN S . -8.13 -1.70 -5.41
C42 LBN S . -6.83 -1.58 -6.13
C1 CLR T . -30.20 29.28 3.28
C2 CLR T . -29.32 30.52 3.48
C3 CLR T . -30.03 31.76 3.01
C4 CLR T . -30.36 31.65 1.53
C5 CLR T . -30.11 30.26 1.00
C6 CLR T . -29.46 30.09 -0.15
C7 CLR T . -29.17 28.76 -0.78
C8 CLR T . -30.09 27.66 -0.24
C9 CLR T . -30.12 27.74 1.30
C10 CLR T . -30.66 29.11 1.82
C11 CLR T . -30.85 26.54 1.92
C12 CLR T . -30.40 25.18 1.37
C13 CLR T . -30.48 25.13 -0.16
C14 CLR T . -29.60 26.29 -0.67
C15 CLR T . -29.46 25.99 -2.16
C16 CLR T . -29.24 24.48 -2.18
C17 CLR T . -29.81 23.92 -0.86
C18 CLR T . -31.94 25.29 -0.63
C19 CLR T . -32.20 29.16 1.78
C20 CLR T . -30.63 22.64 -1.08
C21 CLR T . -30.88 21.85 0.20
C22 CLR T . -29.96 21.74 -2.15
C23 CLR T . -28.79 20.91 -1.65
C24 CLR T . -28.52 19.68 -2.50
C25 CLR T . -29.60 18.61 -2.46
C26 CLR T . -29.20 17.38 -3.26
C27 CLR T . -29.96 18.23 -1.04
O1 CLR T . -31.25 31.95 3.75
C1 CLR U . -35.34 10.84 7.78
C2 CLR U . -36.41 10.58 8.83
C3 CLR U . -36.34 11.61 9.93
C4 CLR U . -34.97 11.62 10.57
C5 CLR U . -34.02 10.67 9.88
C6 CLR U . -33.31 9.80 10.58
C7 CLR U . -32.34 8.82 10.02
C8 CLR U . -31.94 9.14 8.58
C9 CLR U . -33.19 9.54 7.77
C10 CLR U . -33.92 10.78 8.36
C11 CLR U . -32.89 9.68 6.28
C12 CLR U . -32.18 8.47 5.68
C13 CLR U . -30.88 8.14 6.44
C14 CLR U . -31.29 7.92 7.92
C15 CLR U . -30.04 7.30 8.55
C16 CLR U . -29.42 6.46 7.42
C17 CLR U . -30.23 6.77 6.15
C18 CLR U . -29.87 9.28 6.30
C19 CLR U . -33.18 12.09 8.03
C20 CLR U . -29.40 6.59 4.86
C21 CLR U . -30.26 6.37 3.62
C22 CLR U . -28.40 5.44 5.03
C23 CLR U . -26.93 5.85 5.02
C24 CLR U . -26.13 5.09 6.07
C25 CLR U . -24.72 4.72 5.67
C26 CLR U . -24.17 3.66 6.59
C27 CLR U . -24.69 4.25 4.23
O1 CLR U . -36.64 12.91 9.40
#